data_3C3Z
# 
_entry.id   3C3Z 
# 
_audit_conform.dict_name       mmcif_pdbx.dic 
_audit_conform.dict_version    5.388 
_audit_conform.dict_location   http://mmcif.pdb.org/dictionaries/ascii/mmcif_pdbx.dic 
# 
loop_
_database_2.database_id 
_database_2.database_code 
_database_2.pdbx_database_accession 
_database_2.pdbx_DOI 
PDB   3C3Z         pdb_00003c3z 10.2210/pdb3c3z/pdb 
NDB   DR0041       ?            ?                   
RCSB  RCSB046311   ?            ?                   
WWPDB D_1000046311 ?            ?                   
# 
loop_
_pdbx_audit_revision_history.ordinal 
_pdbx_audit_revision_history.data_content_type 
_pdbx_audit_revision_history.major_revision 
_pdbx_audit_revision_history.minor_revision 
_pdbx_audit_revision_history.revision_date 
1 'Structure model' 1 0 2008-05-06 
2 'Structure model' 1 1 2011-07-13 
3 'Structure model' 1 2 2024-03-13 
# 
_pdbx_audit_revision_details.ordinal             1 
_pdbx_audit_revision_details.revision_ordinal    1 
_pdbx_audit_revision_details.data_content_type   'Structure model' 
_pdbx_audit_revision_details.provider            repository 
_pdbx_audit_revision_details.type                'Initial release' 
_pdbx_audit_revision_details.description         ? 
_pdbx_audit_revision_details.details             ? 
# 
loop_
_pdbx_audit_revision_group.ordinal 
_pdbx_audit_revision_group.revision_ordinal 
_pdbx_audit_revision_group.data_content_type 
_pdbx_audit_revision_group.group 
1 2 'Structure model' 'Version format compliance' 
2 3 'Structure model' 'Data collection'           
3 3 'Structure model' 'Database references'       
4 3 'Structure model' 'Derived calculations'      
5 3 'Structure model' 'Structure summary'         
# 
loop_
_pdbx_audit_revision_category.ordinal 
_pdbx_audit_revision_category.revision_ordinal 
_pdbx_audit_revision_category.data_content_type 
_pdbx_audit_revision_category.category 
1 3 'Structure model' chem_comp      
2 3 'Structure model' chem_comp_atom 
3 3 'Structure model' chem_comp_bond 
4 3 'Structure model' database_2     
5 3 'Structure model' struct_conn    
6 3 'Structure model' struct_site    
# 
loop_
_pdbx_audit_revision_item.ordinal 
_pdbx_audit_revision_item.revision_ordinal 
_pdbx_audit_revision_item.data_content_type 
_pdbx_audit_revision_item.item 
1 3 'Structure model' '_chem_comp.pdbx_synonyms'            
2 3 'Structure model' '_database_2.pdbx_DOI'                
3 3 'Structure model' '_database_2.pdbx_database_accession' 
4 3 'Structure model' '_struct_conn.pdbx_leaving_atom_flag' 
5 3 'Structure model' '_struct_site.pdbx_auth_asym_id'      
6 3 'Structure model' '_struct_site.pdbx_auth_comp_id'      
7 3 'Structure model' '_struct_site.pdbx_auth_seq_id'       
# 
_pdbx_database_status.status_code                     REL 
_pdbx_database_status.entry_id                        3C3Z 
_pdbx_database_status.recvd_initial_deposition_date   2008-01-29 
_pdbx_database_status.deposit_site                    RCSB 
_pdbx_database_status.process_site                    PDBJ 
_pdbx_database_status.status_code_sf                  REL 
_pdbx_database_status.status_code_mr                  ? 
_pdbx_database_status.SG_entry                        ? 
_pdbx_database_status.pdb_format_compatible           Y 
_pdbx_database_status.status_code_cs                  ? 
_pdbx_database_status.status_code_nmr_data            ? 
_pdbx_database_status.methods_development_category    ? 
# 
loop_
_pdbx_database_related.db_name 
_pdbx_database_related.db_id 
_pdbx_database_related.details 
_pdbx_database_related.content_type 
PDB 2QEK 'Free subtype F HIV-1 DIS extended duplex RNA' unspecified 
PDB 3C44 .                                              unspecified 
PDB 3C5D .                                              unspecified 
# 
loop_
_audit_author.name 
_audit_author.pdbx_ordinal 
'Freisz, S.'  1 
'Lang, K.'    2 
'Micura, R.'  3 
'Dumas, P.'   4 
'Ennifar, E.' 5 
# 
_citation.id                        primary 
_citation.title                     
'Binding of aminoglycoside antibiotics to the duplex form of the HIV-1 genomic RNA dimerization initiation site.' 
_citation.journal_abbrev            Angew.Chem.Int.Ed.Engl. 
_citation.journal_volume            47 
_citation.page_first                4110 
_citation.page_last                 4113 
_citation.year                      2008 
_citation.journal_id_ASTM           ACIEAY 
_citation.country                   GE 
_citation.journal_id_ISSN           0570-0833 
_citation.journal_id_CSD            0179 
_citation.book_publisher            ? 
_citation.pdbx_database_id_PubMed   18435520 
_citation.pdbx_database_id_DOI      10.1002/anie.200800726 
# 
loop_
_citation_author.citation_id 
_citation_author.name 
_citation_author.ordinal 
_citation_author.identifier_ORCID 
primary 'Freisz, S.'  1 ? 
primary 'Lang, K.'    2 ? 
primary 'Micura, R.'  3 ? 
primary 'Dumas, P.'   4 ? 
primary 'Ennifar, E.' 5 ? 
# 
loop_
_entity.id 
_entity.type 
_entity.src_method 
_entity.pdbx_description 
_entity.formula_weight 
_entity.pdbx_number_of_molecules 
_entity.pdbx_ec 
_entity.pdbx_mutation 
_entity.pdbx_fragment 
_entity.details 
1 polymer     syn 'HIV-1 subtype F genomic RNA' 7463.459 2   ? ? ? ? 
2 non-polymer syn RIBOSTAMYCIN                  454.473  2   ? ? ? ? 
3 water       nat water                         18.015   164 ? ? ? ? 
# 
_entity_poly.entity_id                      1 
_entity_poly.type                           'polydeoxyribonucleotide/polyribonucleotide hybrid' 
_entity_poly.nstd_linkage                   no 
_entity_poly.nstd_monomer                   yes 
_entity_poly.pdbx_seq_one_letter_code       'CU(UMS)GCUGAAGUGCACACAGCAAG' 
_entity_poly.pdbx_seq_one_letter_code_can   CUUGCUGAAGUGCACACAGCAAG 
_entity_poly.pdbx_strand_id                 A,B 
_entity_poly.pdbx_target_identifier         ? 
# 
loop_
_pdbx_entity_nonpoly.entity_id 
_pdbx_entity_nonpoly.name 
_pdbx_entity_nonpoly.comp_id 
2 RIBOSTAMYCIN RIO 
3 water        HOH 
# 
loop_
_entity_poly_seq.entity_id 
_entity_poly_seq.num 
_entity_poly_seq.mon_id 
_entity_poly_seq.hetero 
1 1  C   n 
1 2  U   n 
1 3  UMS n 
1 4  G   n 
1 5  C   n 
1 6  U   n 
1 7  G   n 
1 8  A   n 
1 9  A   n 
1 10 G   n 
1 11 U   n 
1 12 G   n 
1 13 C   n 
1 14 A   n 
1 15 C   n 
1 16 A   n 
1 17 C   n 
1 18 A   n 
1 19 G   n 
1 20 C   n 
1 21 A   n 
1 22 A   n 
1 23 G   n 
# 
loop_
_chem_comp.id 
_chem_comp.type 
_chem_comp.mon_nstd_flag 
_chem_comp.name 
_chem_comp.pdbx_synonyms 
_chem_comp.formula 
_chem_comp.formula_weight 
A   'RNA linking' y "ADENOSINE-5'-MONOPHOSPHATE"                    ? 'C10 H14 N5 O7 P'    347.221 
C   'RNA linking' y "CYTIDINE-5'-MONOPHOSPHATE"                     ? 'C9 H14 N3 O8 P'     323.197 
G   'RNA linking' y "GUANOSINE-5'-MONOPHOSPHATE"                    ? 'C10 H14 N5 O8 P'    363.221 
HOH non-polymer   . WATER                                           ? 'H2 O'               18.015  
RIO non-polymer   . RIBOSTAMYCIN                                    
;5-AMINO-2-AMINOMETHYL-6-[4,6-DIAMINO-2-(3,4-DIHYDROXY-5-HYDROXYMETHYL-TETRAHYDRO-FURAN-2-YLOXY)-3-HYDROXY-CYCLOHEXYLOXY ]-TETRAHYDRO-PYRAN-3,4-DIOL; (1R,2R,3S,4R,6S)-4,6-diamino-3-hydroxy-2-(beta-D-ribofuranosyloxy)cyclohexyl 2,6-diamino-2,6-dideoxy-alpha-D-glucopyranoside
;
'C17 H34 N4 O10'     454.473 
U   'RNA linking' y "URIDINE-5'-MONOPHOSPHATE"                      ? 'C9 H13 N2 O9 P'     324.181 
UMS 'DNA linking' n "2'-METHYLSELENYL-2'-DEOXYURIDINE-5'-PHOSPHATE" ? 'C10 H15 N2 O8 P Se' 401.168 
# 
loop_
_pdbx_poly_seq_scheme.asym_id 
_pdbx_poly_seq_scheme.entity_id 
_pdbx_poly_seq_scheme.seq_id 
_pdbx_poly_seq_scheme.mon_id 
_pdbx_poly_seq_scheme.ndb_seq_num 
_pdbx_poly_seq_scheme.pdb_seq_num 
_pdbx_poly_seq_scheme.auth_seq_num 
_pdbx_poly_seq_scheme.pdb_mon_id 
_pdbx_poly_seq_scheme.auth_mon_id 
_pdbx_poly_seq_scheme.pdb_strand_id 
_pdbx_poly_seq_scheme.pdb_ins_code 
_pdbx_poly_seq_scheme.hetero 
A 1 1  C   1  1  1  C   CYT A . n 
A 1 2  U   2  2  2  U   URI A . n 
A 1 3  UMS 3  3  3  UMS UMS A . n 
A 1 4  G   4  4  4  G   GUA A . n 
A 1 5  C   5  5  5  C   CYT A . n 
A 1 6  U   6  6  6  U   URI A . n 
A 1 7  G   7  7  7  G   GUA A . n 
A 1 8  A   8  8  8  A   ADE A . n 
A 1 9  A   9  9  9  A   ADE A . n 
A 1 10 G   10 10 10 G   GUA A . n 
A 1 11 U   11 11 11 U   URI A . n 
A 1 12 G   12 12 12 G   GUA A . n 
A 1 13 C   13 13 13 C   CYT A . n 
A 1 14 A   14 14 14 A   ADE A . n 
A 1 15 C   15 15 15 C   CYT A . n 
A 1 16 A   16 16 16 A   ADE A . n 
A 1 17 C   17 17 17 C   CYT A . n 
A 1 18 A   18 18 18 A   ADE A . n 
A 1 19 G   19 19 19 G   GUA A . n 
A 1 20 C   20 20 20 C   CYT A . n 
A 1 21 A   21 21 21 A   ADE A . n 
A 1 22 A   22 22 22 A   ADE A . n 
A 1 23 G   23 23 23 G   GUA A . n 
B 1 1  C   1  1  1  C   CYT B . n 
B 1 2  U   2  2  2  U   URI B . n 
B 1 3  UMS 3  3  3  UMS UMS B . n 
B 1 4  G   4  4  4  G   GUA B . n 
B 1 5  C   5  5  5  C   CYT B . n 
B 1 6  U   6  6  6  U   URI B . n 
B 1 7  G   7  7  7  G   GUA B . n 
B 1 8  A   8  8  8  A   ADE B . n 
B 1 9  A   9  9  9  A   ADE B . n 
B 1 10 G   10 10 10 G   GUA B . n 
B 1 11 U   11 11 11 U   URI B . n 
B 1 12 G   12 12 12 G   GUA B . n 
B 1 13 C   13 13 13 C   CYT B . n 
B 1 14 A   14 14 14 A   ADE B . n 
B 1 15 C   15 15 15 C   CYT B . n 
B 1 16 A   16 16 16 A   ADE B . n 
B 1 17 C   17 17 17 C   CYT B . n 
B 1 18 A   18 18 18 A   ADE B . n 
B 1 19 G   19 19 19 G   GUA B . n 
B 1 20 C   20 20 20 C   CYT B . n 
B 1 21 A   21 21 21 A   ADE B . n 
B 1 22 A   22 22 22 A   ADE B . n 
B 1 23 G   23 23 23 G   GUA B . n 
# 
loop_
_pdbx_nonpoly_scheme.asym_id 
_pdbx_nonpoly_scheme.entity_id 
_pdbx_nonpoly_scheme.mon_id 
_pdbx_nonpoly_scheme.ndb_seq_num 
_pdbx_nonpoly_scheme.pdb_seq_num 
_pdbx_nonpoly_scheme.auth_seq_num 
_pdbx_nonpoly_scheme.pdb_mon_id 
_pdbx_nonpoly_scheme.auth_mon_id 
_pdbx_nonpoly_scheme.pdb_strand_id 
_pdbx_nonpoly_scheme.pdb_ins_code 
C 2 RIO 1  24  24  RIO RIB A . 
D 2 RIO 1  24  24  RIO RIB B . 
E 3 HOH 1  25  3   HOH HOH A . 
E 3 HOH 2  26  5   HOH HOH A . 
E 3 HOH 3  27  6   HOH HOH A . 
E 3 HOH 4  28  9   HOH HOH A . 
E 3 HOH 5  29  10  HOH HOH A . 
E 3 HOH 6  30  12  HOH HOH A . 
E 3 HOH 7  31  17  HOH HOH A . 
E 3 HOH 8  32  18  HOH HOH A . 
E 3 HOH 9  33  22  HOH HOH A . 
E 3 HOH 10 34  26  HOH HOH A . 
E 3 HOH 11 35  29  HOH HOH A . 
E 3 HOH 12 36  31  HOH HOH A . 
E 3 HOH 13 37  32  HOH HOH A . 
E 3 HOH 14 38  33  HOH HOH A . 
E 3 HOH 15 39  34  HOH HOH A . 
E 3 HOH 16 40  35  HOH HOH A . 
E 3 HOH 17 41  36  HOH HOH A . 
E 3 HOH 18 42  39  HOH HOH A . 
E 3 HOH 19 43  45  HOH HOH A . 
E 3 HOH 20 44  47  HOH HOH A . 
E 3 HOH 21 45  49  HOH HOH A . 
E 3 HOH 22 46  50  HOH HOH A . 
E 3 HOH 23 47  52  HOH HOH A . 
E 3 HOH 24 48  56  HOH HOH A . 
E 3 HOH 25 49  58  HOH HOH A . 
E 3 HOH 26 50  59  HOH HOH A . 
E 3 HOH 27 51  63  HOH HOH A . 
E 3 HOH 28 52  64  HOH HOH A . 
E 3 HOH 29 53  66  HOH HOH A . 
E 3 HOH 30 54  69  HOH HOH A . 
E 3 HOH 31 55  70  HOH HOH A . 
E 3 HOH 32 56  71  HOH HOH A . 
E 3 HOH 33 57  72  HOH HOH A . 
E 3 HOH 34 58  74  HOH HOH A . 
E 3 HOH 35 59  76  HOH HOH A . 
E 3 HOH 36 60  78  HOH HOH A . 
E 3 HOH 37 61  80  HOH HOH A . 
E 3 HOH 38 62  81  HOH HOH A . 
E 3 HOH 39 63  82  HOH HOH A . 
E 3 HOH 40 64  87  HOH HOH A . 
E 3 HOH 41 65  88  HOH HOH A . 
E 3 HOH 42 66  90  HOH HOH A . 
E 3 HOH 43 67  91  HOH HOH A . 
E 3 HOH 44 68  93  HOH HOH A . 
E 3 HOH 45 69  94  HOH HOH A . 
E 3 HOH 46 70  96  HOH HOH A . 
E 3 HOH 47 71  97  HOH HOH A . 
E 3 HOH 48 72  100 HOH HOH A . 
E 3 HOH 49 73  101 HOH HOH A . 
E 3 HOH 50 74  102 HOH HOH A . 
E 3 HOH 51 75  105 HOH HOH A . 
E 3 HOH 52 76  108 HOH HOH A . 
E 3 HOH 53 77  109 HOH HOH A . 
E 3 HOH 54 78  110 HOH HOH A . 
E 3 HOH 55 79  111 HOH HOH A . 
E 3 HOH 56 80  112 HOH HOH A . 
E 3 HOH 57 81  114 HOH HOH A . 
E 3 HOH 58 82  115 HOH HOH A . 
E 3 HOH 59 83  116 HOH HOH A . 
E 3 HOH 60 84  117 HOH HOH A . 
E 3 HOH 61 85  119 HOH HOH A . 
E 3 HOH 62 86  120 HOH HOH A . 
E 3 HOH 63 87  123 HOH HOH A . 
E 3 HOH 64 88  127 HOH HOH A . 
E 3 HOH 65 89  128 HOH HOH A . 
E 3 HOH 66 90  132 HOH HOH A . 
E 3 HOH 67 91  133 HOH HOH A . 
E 3 HOH 68 92  135 HOH HOH A . 
E 3 HOH 69 93  136 HOH HOH A . 
E 3 HOH 70 94  138 HOH HOH A . 
E 3 HOH 71 95  141 HOH HOH A . 
E 3 HOH 72 96  142 HOH HOH A . 
E 3 HOH 73 97  143 HOH HOH A . 
E 3 HOH 74 98  144 HOH HOH A . 
E 3 HOH 75 99  145 HOH HOH A . 
E 3 HOH 76 100 146 HOH HOH A . 
E 3 HOH 77 101 147 HOH HOH A . 
E 3 HOH 78 102 150 HOH HOH A . 
E 3 HOH 79 103 151 HOH HOH A . 
E 3 HOH 80 104 152 HOH HOH A . 
E 3 HOH 81 105 153 HOH HOH A . 
E 3 HOH 82 106 155 HOH HOH A . 
E 3 HOH 83 107 156 HOH HOH A . 
E 3 HOH 84 108 161 HOH HOH A . 
E 3 HOH 85 109 162 HOH HOH A . 
E 3 HOH 86 110 25  HOH HOH A . 
F 3 HOH 1  25  1   HOH HOH B . 
F 3 HOH 2  26  2   HOH HOH B . 
F 3 HOH 3  27  4   HOH HOH B . 
F 3 HOH 4  28  7   HOH HOH B . 
F 3 HOH 5  29  8   HOH HOH B . 
F 3 HOH 6  30  11  HOH HOH B . 
F 3 HOH 7  31  13  HOH HOH B . 
F 3 HOH 8  32  14  HOH HOH B . 
F 3 HOH 9  33  15  HOH HOH B . 
F 3 HOH 10 34  16  HOH HOH B . 
F 3 HOH 11 35  19  HOH HOH B . 
F 3 HOH 12 36  20  HOH HOH B . 
F 3 HOH 13 37  21  HOH HOH B . 
F 3 HOH 14 38  23  HOH HOH B . 
F 3 HOH 15 39  24  HOH HOH B . 
F 3 HOH 16 41  27  HOH HOH B . 
F 3 HOH 17 42  28  HOH HOH B . 
F 3 HOH 18 43  30  HOH HOH B . 
F 3 HOH 19 44  37  HOH HOH B . 
F 3 HOH 20 45  38  HOH HOH B . 
F 3 HOH 21 46  40  HOH HOH B . 
F 3 HOH 22 47  41  HOH HOH B . 
F 3 HOH 23 48  42  HOH HOH B . 
F 3 HOH 24 49  43  HOH HOH B . 
F 3 HOH 25 50  44  HOH HOH B . 
F 3 HOH 26 51  46  HOH HOH B . 
F 3 HOH 27 52  48  HOH HOH B . 
F 3 HOH 28 53  51  HOH HOH B . 
F 3 HOH 29 54  53  HOH HOH B . 
F 3 HOH 30 55  54  HOH HOH B . 
F 3 HOH 31 56  55  HOH HOH B . 
F 3 HOH 32 57  57  HOH HOH B . 
F 3 HOH 33 58  60  HOH HOH B . 
F 3 HOH 34 59  61  HOH HOH B . 
F 3 HOH 35 60  62  HOH HOH B . 
F 3 HOH 36 61  65  HOH HOH B . 
F 3 HOH 37 62  67  HOH HOH B . 
F 3 HOH 38 63  68  HOH HOH B . 
F 3 HOH 39 64  73  HOH HOH B . 
F 3 HOH 40 65  75  HOH HOH B . 
F 3 HOH 41 66  77  HOH HOH B . 
F 3 HOH 42 67  79  HOH HOH B . 
F 3 HOH 43 68  83  HOH HOH B . 
F 3 HOH 44 69  84  HOH HOH B . 
F 3 HOH 45 70  85  HOH HOH B . 
F 3 HOH 46 71  86  HOH HOH B . 
F 3 HOH 47 72  89  HOH HOH B . 
F 3 HOH 48 73  92  HOH HOH B . 
F 3 HOH 49 74  95  HOH HOH B . 
F 3 HOH 50 75  98  HOH HOH B . 
F 3 HOH 51 76  99  HOH HOH B . 
F 3 HOH 52 77  103 HOH HOH B . 
F 3 HOH 53 78  104 HOH HOH B . 
F 3 HOH 54 79  106 HOH HOH B . 
F 3 HOH 55 80  107 HOH HOH B . 
F 3 HOH 56 81  113 HOH HOH B . 
F 3 HOH 57 82  118 HOH HOH B . 
F 3 HOH 58 83  121 HOH HOH B . 
F 3 HOH 59 84  122 HOH HOH B . 
F 3 HOH 60 85  124 HOH HOH B . 
F 3 HOH 61 86  125 HOH HOH B . 
F 3 HOH 62 87  126 HOH HOH B . 
F 3 HOH 63 88  129 HOH HOH B . 
F 3 HOH 64 89  130 HOH HOH B . 
F 3 HOH 65 90  131 HOH HOH B . 
F 3 HOH 66 91  134 HOH HOH B . 
F 3 HOH 67 92  137 HOH HOH B . 
F 3 HOH 68 93  139 HOH HOH B . 
F 3 HOH 69 94  140 HOH HOH B . 
F 3 HOH 70 95  148 HOH HOH B . 
F 3 HOH 71 96  149 HOH HOH B . 
F 3 HOH 72 97  154 HOH HOH B . 
F 3 HOH 73 98  157 HOH HOH B . 
F 3 HOH 74 99  158 HOH HOH B . 
F 3 HOH 75 100 159 HOH HOH B . 
F 3 HOH 76 101 160 HOH HOH B . 
F 3 HOH 77 102 163 HOH HOH B . 
F 3 HOH 78 103 164 HOH HOH B . 
# 
loop_
_software.name 
_software.classification 
_software.version 
_software.citation_id 
_software.pdbx_ordinal 
CNS       refinement        1.1 ? 1 
DNA       'data collection' .   ? 2 
DENZO     'data reduction'  .   ? 3 
SCALEPACK 'data scaling'    .   ? 4 
SHARP     phasing           .   ? 5 
# 
_cell.entry_id           3C3Z 
_cell.length_a           99.670 
_cell.length_b           30.530 
_cell.length_c           57.680 
_cell.angle_alpha        90.00 
_cell.angle_beta         121.31 
_cell.angle_gamma        90.00 
_cell.Z_PDB              8 
_cell.pdbx_unique_axis   ? 
_cell.length_a_esd       ? 
_cell.length_b_esd       ? 
_cell.length_c_esd       ? 
_cell.angle_alpha_esd    ? 
_cell.angle_beta_esd     ? 
_cell.angle_gamma_esd    ? 
# 
_symmetry.entry_id                         3C3Z 
_symmetry.space_group_name_H-M             'C 1 2 1' 
_symmetry.pdbx_full_space_group_name_H-M   ? 
_symmetry.cell_setting                     ? 
_symmetry.Int_Tables_number                5 
_symmetry.space_group_name_Hall            ? 
# 
_exptl.entry_id          3C3Z 
_exptl.method            'X-RAY DIFFRACTION' 
_exptl.crystals_number   1 
# 
_exptl_crystal.id                    1 
_exptl_crystal.density_meas          ? 
_exptl_crystal.density_Matthews      2.51 
_exptl_crystal.density_percent_sol   51.02 
_exptl_crystal.description           ? 
_exptl_crystal.F_000                 ? 
_exptl_crystal.preparation           ? 
# 
_exptl_crystal_grow.crystal_id      1 
_exptl_crystal_grow.method          'VAPOR DIFFUSION, SITTING DROP' 
_exptl_crystal_grow.temp            310 
_exptl_crystal_grow.temp_details    ? 
_exptl_crystal_grow.pH              6.2 
_exptl_crystal_grow.pdbx_details    
'300mM KCl, 2mM MgCl2, 50mM Na Cacodylate, pH 6.2, VAPOR DIFFUSION, SITTING DROP, temperature 310K' 
_exptl_crystal_grow.pdbx_pH_range   . 
# 
loop_
_exptl_crystal_grow_comp.crystal_id 
_exptl_crystal_grow_comp.id 
_exptl_crystal_grow_comp.sol_id 
_exptl_crystal_grow_comp.name 
_exptl_crystal_grow_comp.conc 
_exptl_crystal_grow_comp.volume 
_exptl_crystal_grow_comp.details 
1 1 1 'Na cacodylate' ? ? ? 
1 2 1 MgCl2           ? ? ? 
1 3 1 KCl             ? ? ? 
1 4 2 'Na cacodylate' ? ? ? 
1 5 2 MgCl2           ? ? ? 
1 6 2 KCl             ? ? ? 
# 
_diffrn.id                     1 
_diffrn.ambient_temp           90 
_diffrn.ambient_temp_details   ? 
_diffrn.crystal_id             1 
# 
_diffrn_detector.diffrn_id              1 
_diffrn_detector.detector               CCD 
_diffrn_detector.type                   'ADSC QUANTUM 315' 
_diffrn_detector.pdbx_collection_date   2006-05-22 
_diffrn_detector.details                ? 
# 
_diffrn_radiation.diffrn_id                        1 
_diffrn_radiation.wavelength_id                    1 
_diffrn_radiation.pdbx_monochromatic_or_laue_m_l   M 
_diffrn_radiation.monochromator                    crystal 
_diffrn_radiation.pdbx_diffrn_protocol             MAD 
_diffrn_radiation.pdbx_scattering_type             x-ray 
# 
loop_
_diffrn_radiation_wavelength.id 
_diffrn_radiation_wavelength.wavelength 
_diffrn_radiation_wavelength.wt 
1 0.9788 1.0 
2 0.9793 1.0 
3 0.9732 1.0 
# 
_diffrn_source.diffrn_id                   1 
_diffrn_source.source                      SYNCHROTRON 
_diffrn_source.type                        'ESRF BEAMLINE ID29' 
_diffrn_source.pdbx_synchrotron_site       ESRF 
_diffrn_source.pdbx_synchrotron_beamline   ID29 
_diffrn_source.pdbx_wavelength             ? 
_diffrn_source.pdbx_wavelength_list        '0.9788, 0.9793, 0.9732' 
# 
_reflns.entry_id                     3C3Z 
_reflns.observed_criterion_sigma_I   0 
_reflns.observed_criterion_sigma_F   0 
_reflns.d_resolution_low             30 
_reflns.d_resolution_high            1.5 
_reflns.number_obs                   46246 
_reflns.number_all                   ? 
_reflns.percent_possible_obs         98.6 
_reflns.pdbx_Rmerge_I_obs            0.055 
_reflns.pdbx_Rsym_value              0.055 
_reflns.pdbx_netI_over_sigmaI        27.9 
_reflns.B_iso_Wilson_estimate        20.1 
_reflns.pdbx_redundancy              9.2 
_reflns.R_free_details               ? 
_reflns.pdbx_chi_squared             ? 
_reflns.pdbx_scaling_rejects         ? 
_reflns.pdbx_diffrn_id               1 
_reflns.pdbx_ordinal                 1 
# 
_reflns_shell.d_res_high             1.5 
_reflns_shell.d_res_low              1.55 
_reflns_shell.percent_possible_all   98.5 
_reflns_shell.Rmerge_I_obs           ? 
_reflns_shell.pdbx_Rsym_value        0.243 
_reflns_shell.meanI_over_sigI_obs    5.9 
_reflns_shell.pdbx_redundancy        8.6 
_reflns_shell.percent_possible_obs   ? 
_reflns_shell.number_unique_all      4602 
_reflns_shell.number_measured_all    ? 
_reflns_shell.number_measured_obs    ? 
_reflns_shell.number_unique_obs      ? 
_reflns_shell.pdbx_chi_squared       ? 
_reflns_shell.pdbx_diffrn_id         ? 
_reflns_shell.pdbx_ordinal           1 
# 
_refine.entry_id                                 3C3Z 
_refine.ls_number_reflns_obs                     45890 
_refine.ls_number_reflns_all                     46527 
_refine.pdbx_ls_sigma_I                          0 
_refine.pdbx_ls_sigma_F                          0.0 
_refine.pdbx_data_cutoff_high_absF               868917.80 
_refine.pdbx_data_cutoff_low_absF                0.000000 
_refine.pdbx_data_cutoff_high_rms_absF           ? 
_refine.ls_d_res_low                             18.44 
_refine.ls_d_res_high                            1.50 
_refine.ls_percent_reflns_obs                    98.6 
_refine.ls_R_factor_obs                          0.221 
_refine.ls_R_factor_all                          ? 
_refine.ls_R_factor_R_work                       0.221 
_refine.ls_R_factor_R_free                       0.227 
_refine.ls_R_factor_R_free_error                 0.004 
_refine.ls_R_factor_R_free_error_details         ? 
_refine.ls_percent_reflns_R_free                 7.8 
_refine.ls_number_reflns_R_free                  3583 
_refine.ls_number_parameters                     ? 
_refine.ls_number_restraints                     ? 
_refine.occupancy_min                            ? 
_refine.occupancy_max                            ? 
_refine.correlation_coeff_Fo_to_Fc               ? 
_refine.correlation_coeff_Fo_to_Fc_free          ? 
_refine.B_iso_mean                               31.6 
_refine.aniso_B[1][1]                            -2.57 
_refine.aniso_B[2][2]                            13.44 
_refine.aniso_B[3][3]                            -10.86 
_refine.aniso_B[1][2]                            0.00 
_refine.aniso_B[1][3]                            -0.47 
_refine.aniso_B[2][3]                            0.00 
_refine.solvent_model_details                    'FLAT MODEL' 
_refine.solvent_model_param_ksol                 0.383433 
_refine.solvent_model_param_bsol                 52.1428 
_refine.pdbx_solvent_vdw_probe_radii             ? 
_refine.pdbx_solvent_ion_probe_radii             ? 
_refine.pdbx_solvent_shrinkage_radii             ? 
_refine.pdbx_ls_cross_valid_method               THROUGHOUT 
_refine.details                                  ? 
_refine.pdbx_starting_model                      ? 
_refine.pdbx_method_to_determine_struct          MAD 
_refine.pdbx_isotropic_thermal_model             RESTRAINED 
_refine.pdbx_stereochemistry_target_values       ? 
_refine.pdbx_stereochem_target_val_spec_case     ? 
_refine.pdbx_R_Free_selection_details            RANDOM 
_refine.pdbx_overall_ESU_R                       ? 
_refine.pdbx_overall_ESU_R_Free                  ? 
_refine.overall_SU_ML                            ? 
_refine.overall_SU_B                             ? 
_refine.ls_redundancy_reflns_obs                 ? 
_refine.overall_SU_R_Cruickshank_DPI             ? 
_refine.overall_SU_R_free                        ? 
_refine.ls_wR_factor_R_free                      ? 
_refine.ls_wR_factor_R_work                      ? 
_refine.overall_FOM_free_R_set                   ? 
_refine.overall_FOM_work_R_set                   ? 
_refine.pdbx_overall_phase_error                 ? 
_refine.pdbx_refine_id                           'X-RAY DIFFRACTION' 
_refine.pdbx_diffrn_id                           1 
_refine.pdbx_TLS_residual_ADP_flag               ? 
_refine.pdbx_overall_SU_R_free_Cruickshank_DPI   ? 
_refine.pdbx_overall_SU_R_Blow_DPI               ? 
_refine.pdbx_overall_SU_R_free_Blow_DPI          ? 
# 
_refine_analyze.entry_id                        3C3Z 
_refine_analyze.Luzzati_coordinate_error_obs    0.23 
_refine_analyze.Luzzati_sigma_a_obs             0.31 
_refine_analyze.Luzzati_d_res_low_obs           5.00 
_refine_analyze.Luzzati_coordinate_error_free   0.23 
_refine_analyze.Luzzati_sigma_a_free            0.33 
_refine_analyze.Luzzati_d_res_low_free          ? 
_refine_analyze.number_disordered_residues      ? 
_refine_analyze.occupancy_sum_hydrogen          ? 
_refine_analyze.occupancy_sum_non_hydrogen      ? 
_refine_analyze.pdbx_refine_id                  'X-RAY DIFFRACTION' 
# 
_refine_hist.pdbx_refine_id                   'X-RAY DIFFRACTION' 
_refine_hist.cycle_id                         LAST 
_refine_hist.pdbx_number_atoms_protein        0 
_refine_hist.pdbx_number_atoms_nucleic_acid   980 
_refine_hist.pdbx_number_atoms_ligand         62 
_refine_hist.number_atoms_solvent             164 
_refine_hist.number_atoms_total               1206 
_refine_hist.d_res_high                       1.50 
_refine_hist.d_res_low                        18.44 
# 
loop_
_refine_ls_restr.type 
_refine_ls_restr.dev_ideal 
_refine_ls_restr.dev_ideal_target 
_refine_ls_restr.weight 
_refine_ls_restr.number 
_refine_ls_restr.pdbx_refine_id 
_refine_ls_restr.pdbx_restraint_function 
c_bond_d           0.006 ? ? ? 'X-RAY DIFFRACTION' ? 
c_angle_deg        1.4   ? ? ? 'X-RAY DIFFRACTION' ? 
c_dihedral_angle_d 10.1  ? ? ? 'X-RAY DIFFRACTION' ? 
c_improper_angle_d 4.90  ? ? ? 'X-RAY DIFFRACTION' ? 
# 
_refine_ls_shell.pdbx_total_number_of_bins_used   6 
_refine_ls_shell.d_res_high                       1.50 
_refine_ls_shell.d_res_low                        1.59 
_refine_ls_shell.number_reflns_R_work             7071 
_refine_ls_shell.R_factor_R_work                  0.413 
_refine_ls_shell.percent_reflns_obs               99.0 
_refine_ls_shell.R_factor_R_free                  0.413 
_refine_ls_shell.R_factor_R_free_error            0.016 
_refine_ls_shell.percent_reflns_R_free            8.3 
_refine_ls_shell.number_reflns_R_free             636 
_refine_ls_shell.number_reflns_all                ? 
_refine_ls_shell.R_factor_all                     ? 
_refine_ls_shell.number_reflns_obs                ? 
_refine_ls_shell.redundancy_reflns_obs            ? 
_refine_ls_shell.pdbx_refine_id                   'X-RAY DIFFRACTION' 
# 
loop_
_pdbx_xplor_file.serial_no 
_pdbx_xplor_file.param_file 
_pdbx_xplor_file.topol_file 
_pdbx_xplor_file.pdbx_refine_id 
1 water_rep.param     water.top         'X-RAY DIFFRACTION' 
2 luc.param           dna-rna.top       'X-RAY DIFFRACTION' 
3 ion.param           ion.top           'X-RAY DIFFRACTION' 
4 ums_xplor.param     ums_xplor.top     'X-RAY DIFFRACTION' 
5 ribostamycine.param ribostamycine.top 'X-RAY DIFFRACTION' 
# 
_struct.entry_id                  3C3Z 
_struct.title                     'Crystal structure of HIV-1 subtype F DIS extended duplex RNA bound to ribostamycin' 
_struct.pdbx_model_details        ? 
_struct.pdbx_CASP_flag            ? 
_struct.pdbx_model_type_details   ? 
# 
_struct_keywords.entry_id        3C3Z 
_struct_keywords.pdbx_keywords   RNA 
_struct_keywords.text            'HIV-1, RNA, antibiotic' 
# 
loop_
_struct_asym.id 
_struct_asym.pdbx_blank_PDB_chainid_flag 
_struct_asym.pdbx_modified 
_struct_asym.entity_id 
_struct_asym.details 
A N N 1 ? 
B N N 1 ? 
C N N 2 ? 
D N N 2 ? 
E N N 3 ? 
F N N 3 ? 
# 
_struct_ref.id                         1 
_struct_ref.db_name                    PDB 
_struct_ref.db_code                    3C3Z 
_struct_ref.pdbx_db_accession          3C3Z 
_struct_ref.entity_id                  1 
_struct_ref.pdbx_align_begin           ? 
_struct_ref.pdbx_seq_one_letter_code   ? 
_struct_ref.pdbx_db_isoform            ? 
# 
loop_
_struct_ref_seq.align_id 
_struct_ref_seq.ref_id 
_struct_ref_seq.pdbx_PDB_id_code 
_struct_ref_seq.pdbx_strand_id 
_struct_ref_seq.seq_align_beg 
_struct_ref_seq.pdbx_seq_align_beg_ins_code 
_struct_ref_seq.seq_align_end 
_struct_ref_seq.pdbx_seq_align_end_ins_code 
_struct_ref_seq.pdbx_db_accession 
_struct_ref_seq.db_align_beg 
_struct_ref_seq.pdbx_db_align_beg_ins_code 
_struct_ref_seq.db_align_end 
_struct_ref_seq.pdbx_db_align_end_ins_code 
_struct_ref_seq.pdbx_auth_seq_align_beg 
_struct_ref_seq.pdbx_auth_seq_align_end 
1 1 3C3Z A 1 ? 23 ? 3C3Z 1 ? 23 ? 1 23 
2 1 3C3Z B 1 ? 23 ? 3C3Z 1 ? 23 ? 1 23 
# 
_pdbx_struct_assembly.id                   1 
_pdbx_struct_assembly.details              author_and_software_defined_assembly 
_pdbx_struct_assembly.method_details       PISA 
_pdbx_struct_assembly.oligomeric_details   dimeric 
_pdbx_struct_assembly.oligomeric_count     2 
# 
loop_
_pdbx_struct_assembly_prop.biol_id 
_pdbx_struct_assembly_prop.type 
_pdbx_struct_assembly_prop.value 
_pdbx_struct_assembly_prop.details 
1 'ABSA (A^2)' 5440 ? 
1 MORE         1    ? 
1 'SSA (A^2)'  7800 ? 
# 
_pdbx_struct_assembly_gen.assembly_id       1 
_pdbx_struct_assembly_gen.oper_expression   1 
_pdbx_struct_assembly_gen.asym_id_list      A,B,C,D,E,F 
# 
_pdbx_struct_oper_list.id                   1 
_pdbx_struct_oper_list.type                 'identity operation' 
_pdbx_struct_oper_list.name                 1_555 
_pdbx_struct_oper_list.symmetry_operation   x,y,z 
_pdbx_struct_oper_list.matrix[1][1]         1.0000000000 
_pdbx_struct_oper_list.matrix[1][2]         0.0000000000 
_pdbx_struct_oper_list.matrix[1][3]         0.0000000000 
_pdbx_struct_oper_list.vector[1]            0.0000000000 
_pdbx_struct_oper_list.matrix[2][1]         0.0000000000 
_pdbx_struct_oper_list.matrix[2][2]         1.0000000000 
_pdbx_struct_oper_list.matrix[2][3]         0.0000000000 
_pdbx_struct_oper_list.vector[2]            0.0000000000 
_pdbx_struct_oper_list.matrix[3][1]         0.0000000000 
_pdbx_struct_oper_list.matrix[3][2]         0.0000000000 
_pdbx_struct_oper_list.matrix[3][3]         1.0000000000 
_pdbx_struct_oper_list.vector[3]            0.0000000000 
# 
_struct_biol.id        1 
_struct_biol.details   ? 
# 
loop_
_struct_conn.id 
_struct_conn.conn_type_id 
_struct_conn.pdbx_leaving_atom_flag 
_struct_conn.pdbx_PDB_id 
_struct_conn.ptnr1_label_asym_id 
_struct_conn.ptnr1_label_comp_id 
_struct_conn.ptnr1_label_seq_id 
_struct_conn.ptnr1_label_atom_id 
_struct_conn.pdbx_ptnr1_label_alt_id 
_struct_conn.pdbx_ptnr1_PDB_ins_code 
_struct_conn.pdbx_ptnr1_standard_comp_id 
_struct_conn.ptnr1_symmetry 
_struct_conn.ptnr2_label_asym_id 
_struct_conn.ptnr2_label_comp_id 
_struct_conn.ptnr2_label_seq_id 
_struct_conn.ptnr2_label_atom_id 
_struct_conn.pdbx_ptnr2_label_alt_id 
_struct_conn.pdbx_ptnr2_PDB_ins_code 
_struct_conn.ptnr1_auth_asym_id 
_struct_conn.ptnr1_auth_comp_id 
_struct_conn.ptnr1_auth_seq_id 
_struct_conn.ptnr2_auth_asym_id 
_struct_conn.ptnr2_auth_comp_id 
_struct_conn.ptnr2_auth_seq_id 
_struct_conn.ptnr2_symmetry 
_struct_conn.pdbx_ptnr3_label_atom_id 
_struct_conn.pdbx_ptnr3_label_seq_id 
_struct_conn.pdbx_ptnr3_label_comp_id 
_struct_conn.pdbx_ptnr3_label_asym_id 
_struct_conn.pdbx_ptnr3_label_alt_id 
_struct_conn.pdbx_ptnr3_PDB_ins_code 
_struct_conn.details 
_struct_conn.pdbx_dist_value 
_struct_conn.pdbx_value_order 
_struct_conn.pdbx_role 
covale1  covale both ? A U   2  "O3'" ? ? ? 1_555 A UMS 3  P  ? ? A U   2  A UMS 3  1_555 ? ? ? ? ? ? ?            1.607 ? ? 
covale2  covale both ? A UMS 3  "O3'" ? ? ? 1_555 A G   4  P  ? ? A UMS 3  A G   4  1_555 ? ? ? ? ? ? ?            1.610 ? ? 
covale3  covale both ? B U   2  "O3'" ? ? ? 1_555 B UMS 3  P  ? ? B U   2  B UMS 3  1_555 ? ? ? ? ? ? ?            1.613 ? ? 
covale4  covale both ? B UMS 3  "O3'" ? ? ? 1_555 B G   4  P  ? ? B UMS 3  B G   4  1_555 ? ? ? ? ? ? ?            1.604 ? ? 
hydrog1  hydrog ?    ? A C   1  N3    ? ? ? 1_555 B G   23 N1 ? ? A C   1  B G   23 1_555 ? ? ? ? ? ? WATSON-CRICK ?     ? ? 
hydrog2  hydrog ?    ? A C   1  N4    ? ? ? 1_555 B G   23 O6 ? ? A C   1  B G   23 1_555 ? ? ? ? ? ? WATSON-CRICK ?     ? ? 
hydrog3  hydrog ?    ? A C   1  O2    ? ? ? 1_555 B G   23 N2 ? ? A C   1  B G   23 1_555 ? ? ? ? ? ? WATSON-CRICK ?     ? ? 
hydrog4  hydrog ?    ? A U   2  N3    ? ? ? 1_555 B A   22 N1 ? ? A U   2  B A   22 1_555 ? ? ? ? ? ? WATSON-CRICK ?     ? ? 
hydrog5  hydrog ?    ? A U   2  O4    ? ? ? 1_555 B A   22 N6 ? ? A U   2  B A   22 1_555 ? ? ? ? ? ? WATSON-CRICK ?     ? ? 
hydrog6  hydrog ?    ? A UMS 3  N3    ? ? ? 1_555 B A   21 N1 ? ? A UMS 3  B A   21 1_555 ? ? ? ? ? ? WATSON-CRICK ?     ? ? 
hydrog7  hydrog ?    ? A UMS 3  O4    ? ? ? 1_555 B A   21 N6 ? ? A UMS 3  B A   21 1_555 ? ? ? ? ? ? WATSON-CRICK ?     ? ? 
hydrog8  hydrog ?    ? A G   4  N1    ? ? ? 1_555 B C   20 N3 ? ? A G   4  B C   20 1_555 ? ? ? ? ? ? WATSON-CRICK ?     ? ? 
hydrog9  hydrog ?    ? A G   4  N2    ? ? ? 1_555 B C   20 O2 ? ? A G   4  B C   20 1_555 ? ? ? ? ? ? WATSON-CRICK ?     ? ? 
hydrog10 hydrog ?    ? A G   4  O6    ? ? ? 1_555 B C   20 N4 ? ? A G   4  B C   20 1_555 ? ? ? ? ? ? WATSON-CRICK ?     ? ? 
hydrog11 hydrog ?    ? A C   5  N3    ? ? ? 1_555 B G   19 N1 ? ? A C   5  B G   19 1_555 ? ? ? ? ? ? WATSON-CRICK ?     ? ? 
hydrog12 hydrog ?    ? A C   5  N4    ? ? ? 1_555 B G   19 O6 ? ? A C   5  B G   19 1_555 ? ? ? ? ? ? WATSON-CRICK ?     ? ? 
hydrog13 hydrog ?    ? A C   5  O2    ? ? ? 1_555 B G   19 N2 ? ? A C   5  B G   19 1_555 ? ? ? ? ? ? WATSON-CRICK ?     ? ? 
hydrog14 hydrog ?    ? A U   6  N3    ? ? ? 1_555 B A   18 N1 ? ? A U   6  B A   18 1_555 ? ? ? ? ? ? WATSON-CRICK ?     ? ? 
hydrog15 hydrog ?    ? A U   6  O4    ? ? ? 1_555 B A   18 N6 ? ? A U   6  B A   18 1_555 ? ? ? ? ? ? WATSON-CRICK ?     ? ? 
hydrog16 hydrog ?    ? A G   7  N1    ? ? ? 1_555 B C   17 N3 ? ? A G   7  B C   17 1_555 ? ? ? ? ? ? WATSON-CRICK ?     ? ? 
hydrog17 hydrog ?    ? A G   7  N2    ? ? ? 1_555 B C   17 O2 ? ? A G   7  B C   17 1_555 ? ? ? ? ? ? WATSON-CRICK ?     ? ? 
hydrog18 hydrog ?    ? A G   7  O6    ? ? ? 1_555 B C   17 N4 ? ? A G   7  B C   17 1_555 ? ? ? ? ? ? WATSON-CRICK ?     ? ? 
hydrog19 hydrog ?    ? A G   10 N1    ? ? ? 1_555 B C   15 N3 ? ? A G   10 B C   15 1_555 ? ? ? ? ? ? WATSON-CRICK ?     ? ? 
hydrog20 hydrog ?    ? A G   10 N2    ? ? ? 1_555 B C   15 O2 ? ? A G   10 B C   15 1_555 ? ? ? ? ? ? WATSON-CRICK ?     ? ? 
hydrog21 hydrog ?    ? A G   10 O6    ? ? ? 1_555 B C   15 N4 ? ? A G   10 B C   15 1_555 ? ? ? ? ? ? WATSON-CRICK ?     ? ? 
hydrog22 hydrog ?    ? A U   11 N3    ? ? ? 1_555 B A   14 N1 ? ? A U   11 B A   14 1_555 ? ? ? ? ? ? WATSON-CRICK ?     ? ? 
hydrog23 hydrog ?    ? A U   11 O4    ? ? ? 1_555 B A   14 N6 ? ? A U   11 B A   14 1_555 ? ? ? ? ? ? WATSON-CRICK ?     ? ? 
hydrog24 hydrog ?    ? A G   12 N1    ? ? ? 1_555 B C   13 N3 ? ? A G   12 B C   13 1_555 ? ? ? ? ? ? WATSON-CRICK ?     ? ? 
hydrog25 hydrog ?    ? A G   12 N2    ? ? ? 1_555 B C   13 O2 ? ? A G   12 B C   13 1_555 ? ? ? ? ? ? WATSON-CRICK ?     ? ? 
hydrog26 hydrog ?    ? A G   12 O6    ? ? ? 1_555 B C   13 N4 ? ? A G   12 B C   13 1_555 ? ? ? ? ? ? WATSON-CRICK ?     ? ? 
hydrog27 hydrog ?    ? A C   13 N3    ? ? ? 1_555 B G   12 N1 ? ? A C   13 B G   12 1_555 ? ? ? ? ? ? WATSON-CRICK ?     ? ? 
hydrog28 hydrog ?    ? A C   13 N4    ? ? ? 1_555 B G   12 O6 ? ? A C   13 B G   12 1_555 ? ? ? ? ? ? WATSON-CRICK ?     ? ? 
hydrog29 hydrog ?    ? A C   13 O2    ? ? ? 1_555 B G   12 N2 ? ? A C   13 B G   12 1_555 ? ? ? ? ? ? WATSON-CRICK ?     ? ? 
hydrog30 hydrog ?    ? A A   14 N1    ? ? ? 1_555 B U   11 N3 ? ? A A   14 B U   11 1_555 ? ? ? ? ? ? WATSON-CRICK ?     ? ? 
hydrog31 hydrog ?    ? A A   14 N6    ? ? ? 1_555 B U   11 O4 ? ? A A   14 B U   11 1_555 ? ? ? ? ? ? WATSON-CRICK ?     ? ? 
hydrog32 hydrog ?    ? A C   15 N3    ? ? ? 1_555 B G   10 N1 ? ? A C   15 B G   10 1_555 ? ? ? ? ? ? WATSON-CRICK ?     ? ? 
hydrog33 hydrog ?    ? A C   15 N4    ? ? ? 1_555 B G   10 O6 ? ? A C   15 B G   10 1_555 ? ? ? ? ? ? WATSON-CRICK ?     ? ? 
hydrog34 hydrog ?    ? A C   15 O2    ? ? ? 1_555 B G   10 N2 ? ? A C   15 B G   10 1_555 ? ? ? ? ? ? WATSON-CRICK ?     ? ? 
hydrog35 hydrog ?    ? A C   17 N3    ? ? ? 1_555 B G   7  N1 ? ? A C   17 B G   7  1_555 ? ? ? ? ? ? WATSON-CRICK ?     ? ? 
hydrog36 hydrog ?    ? A C   17 N4    ? ? ? 1_555 B G   7  O6 ? ? A C   17 B G   7  1_555 ? ? ? ? ? ? WATSON-CRICK ?     ? ? 
hydrog37 hydrog ?    ? A C   17 O2    ? ? ? 1_555 B G   7  N2 ? ? A C   17 B G   7  1_555 ? ? ? ? ? ? WATSON-CRICK ?     ? ? 
hydrog38 hydrog ?    ? A A   18 N1    ? ? ? 1_555 B U   6  N3 ? ? A A   18 B U   6  1_555 ? ? ? ? ? ? WATSON-CRICK ?     ? ? 
hydrog39 hydrog ?    ? A A   18 N6    ? ? ? 1_555 B U   6  O4 ? ? A A   18 B U   6  1_555 ? ? ? ? ? ? WATSON-CRICK ?     ? ? 
hydrog40 hydrog ?    ? A G   19 N1    ? ? ? 1_555 B C   5  N3 ? ? A G   19 B C   5  1_555 ? ? ? ? ? ? WATSON-CRICK ?     ? ? 
hydrog41 hydrog ?    ? A G   19 N2    ? ? ? 1_555 B C   5  O2 ? ? A G   19 B C   5  1_555 ? ? ? ? ? ? WATSON-CRICK ?     ? ? 
hydrog42 hydrog ?    ? A G   19 O6    ? ? ? 1_555 B C   5  N4 ? ? A G   19 B C   5  1_555 ? ? ? ? ? ? WATSON-CRICK ?     ? ? 
hydrog43 hydrog ?    ? A C   20 N3    ? ? ? 1_555 B G   4  N1 ? ? A C   20 B G   4  1_555 ? ? ? ? ? ? WATSON-CRICK ?     ? ? 
hydrog44 hydrog ?    ? A C   20 N4    ? ? ? 1_555 B G   4  O6 ? ? A C   20 B G   4  1_555 ? ? ? ? ? ? WATSON-CRICK ?     ? ? 
hydrog45 hydrog ?    ? A C   20 O2    ? ? ? 1_555 B G   4  N2 ? ? A C   20 B G   4  1_555 ? ? ? ? ? ? WATSON-CRICK ?     ? ? 
hydrog46 hydrog ?    ? A A   21 N1    ? ? ? 1_555 B UMS 3  N3 ? ? A A   21 B UMS 3  1_555 ? ? ? ? ? ? WATSON-CRICK ?     ? ? 
hydrog47 hydrog ?    ? A A   21 N6    ? ? ? 1_555 B UMS 3  O4 ? ? A A   21 B UMS 3  1_555 ? ? ? ? ? ? WATSON-CRICK ?     ? ? 
hydrog48 hydrog ?    ? A A   22 N1    ? ? ? 1_555 B U   2  N3 ? ? A A   22 B U   2  1_555 ? ? ? ? ? ? WATSON-CRICK ?     ? ? 
hydrog49 hydrog ?    ? A A   22 N6    ? ? ? 1_555 B U   2  O4 ? ? A A   22 B U   2  1_555 ? ? ? ? ? ? WATSON-CRICK ?     ? ? 
hydrog50 hydrog ?    ? A G   23 N1    ? ? ? 1_555 B C   1  N3 ? ? A G   23 B C   1  1_555 ? ? ? ? ? ? WATSON-CRICK ?     ? ? 
hydrog51 hydrog ?    ? A G   23 N2    ? ? ? 1_555 B C   1  O2 ? ? A G   23 B C   1  1_555 ? ? ? ? ? ? WATSON-CRICK ?     ? ? 
hydrog52 hydrog ?    ? A G   23 O6    ? ? ? 1_555 B C   1  N4 ? ? A G   23 B C   1  1_555 ? ? ? ? ? ? WATSON-CRICK ?     ? ? 
# 
loop_
_struct_conn_type.id 
_struct_conn_type.criteria 
_struct_conn_type.reference 
covale ? ? 
hydrog ? ? 
# 
loop_
_struct_site.id 
_struct_site.pdbx_evidence_code 
_struct_site.pdbx_auth_asym_id 
_struct_site.pdbx_auth_comp_id 
_struct_site.pdbx_auth_seq_id 
_struct_site.pdbx_auth_ins_code 
_struct_site.pdbx_num_residues 
_struct_site.details 
AC1 Software A RIO 24 ? 23 'BINDING SITE FOR RESIDUE RIO A 24' 
AC2 Software B RIO 24 ? 20 'BINDING SITE FOR RESIDUE RIO B 24' 
1   ?        ? ?   ?  ? ?  ?                                   
# 
loop_
_struct_site_gen.id 
_struct_site_gen.site_id 
_struct_site_gen.pdbx_num_res 
_struct_site_gen.label_comp_id 
_struct_site_gen.label_asym_id 
_struct_site_gen.label_seq_id 
_struct_site_gen.pdbx_auth_ins_code 
_struct_site_gen.auth_comp_id 
_struct_site_gen.auth_asym_id 
_struct_site_gen.auth_seq_id 
_struct_site_gen.label_atom_id 
_struct_site_gen.label_alt_id 
_struct_site_gen.symmetry 
_struct_site_gen.details 
1  AC1 23 G   A 7  ? G   A 7  . ? 1_555 ? 
2  AC1 23 A   A 8  ? A   A 8  . ? 1_555 ? 
3  AC1 23 A   A 9  ? A   A 9  . ? 1_555 ? 
4  AC1 23 G   A 10 ? G   A 10 . ? 1_555 ? 
5  AC1 23 U   A 11 ? U   A 11 . ? 1_555 ? 
6  AC1 23 HOH E .  ? HOH A 26 . ? 1_555 ? 
7  AC1 23 HOH E .  ? HOH A 32 . ? 1_555 ? 
8  AC1 23 HOH E .  ? HOH A 35 . ? 1_555 ? 
9  AC1 23 HOH E .  ? HOH A 40 . ? 1_555 ? 
10 AC1 23 HOH E .  ? HOH A 45 . ? 1_555 ? 
11 AC1 23 HOH E .  ? HOH A 48 . ? 1_555 ? 
12 AC1 23 HOH E .  ? HOH A 51 . ? 1_555 ? 
13 AC1 23 HOH E .  ? HOH A 52 . ? 1_555 ? 
14 AC1 23 HOH E .  ? HOH A 57 . ? 1_555 ? 
15 AC1 23 HOH E .  ? HOH A 62 . ? 1_555 ? 
16 AC1 23 HOH E .  ? HOH A 92 . ? 1_555 ? 
17 AC1 23 A   B 14 ? A   B 14 . ? 1_555 ? 
18 AC1 23 C   B 15 ? C   B 15 . ? 1_555 ? 
19 AC1 23 A   B 16 ? A   B 16 . ? 1_555 ? 
20 AC1 23 HOH F .  ? HOH B 25 . ? 1_555 ? 
21 AC1 23 HOH F .  ? HOH B 29 . ? 1_555 ? 
22 AC1 23 HOH F .  ? HOH B 56 . ? 1_555 ? 
23 AC1 23 HOH F .  ? HOH B 73 . ? 1_555 ? 
24 AC2 20 C   A 13 ? C   A 13 . ? 1_555 ? 
25 AC2 20 A   A 14 ? A   A 14 . ? 1_555 ? 
26 AC2 20 C   A 15 ? C   A 15 . ? 1_555 ? 
27 AC2 20 A   A 16 ? A   A 16 . ? 1_555 ? 
28 AC2 20 G   B 7  ? G   B 7  . ? 1_555 ? 
29 AC2 20 A   B 8  ? A   B 8  . ? 1_555 ? 
30 AC2 20 A   B 9  ? A   B 9  . ? 1_555 ? 
31 AC2 20 G   B 10 ? G   B 10 . ? 1_555 ? 
32 AC2 20 U   B 11 ? U   B 11 . ? 1_555 ? 
33 AC2 20 G   B 12 ? G   B 12 . ? 1_555 ? 
34 AC2 20 HOH F .  ? HOH B 29 . ? 1_555 ? 
35 AC2 20 HOH F .  ? HOH B 36 . ? 1_555 ? 
36 AC2 20 HOH F .  ? HOH B 37 . ? 1_555 ? 
37 AC2 20 HOH F .  ? HOH B 38 . ? 1_555 ? 
38 AC2 20 HOH F .  ? HOH B 51 . ? 1_555 ? 
39 AC2 20 HOH F .  ? HOH B 57 . ? 1_555 ? 
40 AC2 20 HOH F .  ? HOH B 60 . ? 1_555 ? 
41 AC2 20 HOH F .  ? HOH B 63 . ? 1_555 ? 
42 AC2 20 HOH F .  ? HOH B 93 . ? 1_555 ? 
43 AC2 20 HOH F .  ? HOH B 96 . ? 1_555 ? 
# 
_pdbx_validate_planes.id              1 
_pdbx_validate_planes.PDB_model_num   1 
_pdbx_validate_planes.auth_comp_id    A 
_pdbx_validate_planes.auth_asym_id    B 
_pdbx_validate_planes.auth_seq_id     8 
_pdbx_validate_planes.PDB_ins_code    ? 
_pdbx_validate_planes.label_alt_id    ? 
_pdbx_validate_planes.rmsd            0.055 
_pdbx_validate_planes.type            'SIDE CHAIN' 
# 
loop_
_pdbx_struct_mod_residue.id 
_pdbx_struct_mod_residue.label_asym_id 
_pdbx_struct_mod_residue.label_comp_id 
_pdbx_struct_mod_residue.label_seq_id 
_pdbx_struct_mod_residue.auth_asym_id 
_pdbx_struct_mod_residue.auth_comp_id 
_pdbx_struct_mod_residue.auth_seq_id 
_pdbx_struct_mod_residue.PDB_ins_code 
_pdbx_struct_mod_residue.parent_comp_id 
_pdbx_struct_mod_residue.details 
1 A UMS 3 A UMS 3 ? DU ? 
2 B UMS 3 B UMS 3 ? DU ? 
# 
_struct_site_keywords.site_id   1 
_struct_site_keywords.text      'MAJOR GROOVE BINDER' 
# 
loop_
_chem_comp_atom.comp_id 
_chem_comp_atom.atom_id 
_chem_comp_atom.type_symbol 
_chem_comp_atom.pdbx_aromatic_flag 
_chem_comp_atom.pdbx_stereo_config 
_chem_comp_atom.pdbx_ordinal 
A   OP3    O  N N 1   
A   P      P  N N 2   
A   OP1    O  N N 3   
A   OP2    O  N N 4   
A   "O5'"  O  N N 5   
A   "C5'"  C  N N 6   
A   "C4'"  C  N R 7   
A   "O4'"  O  N N 8   
A   "C3'"  C  N S 9   
A   "O3'"  O  N N 10  
A   "C2'"  C  N R 11  
A   "O2'"  O  N N 12  
A   "C1'"  C  N R 13  
A   N9     N  Y N 14  
A   C8     C  Y N 15  
A   N7     N  Y N 16  
A   C5     C  Y N 17  
A   C6     C  Y N 18  
A   N6     N  N N 19  
A   N1     N  Y N 20  
A   C2     C  Y N 21  
A   N3     N  Y N 22  
A   C4     C  Y N 23  
A   HOP3   H  N N 24  
A   HOP2   H  N N 25  
A   "H5'"  H  N N 26  
A   "H5''" H  N N 27  
A   "H4'"  H  N N 28  
A   "H3'"  H  N N 29  
A   "HO3'" H  N N 30  
A   "H2'"  H  N N 31  
A   "HO2'" H  N N 32  
A   "H1'"  H  N N 33  
A   H8     H  N N 34  
A   H61    H  N N 35  
A   H62    H  N N 36  
A   H2     H  N N 37  
C   OP3    O  N N 38  
C   P      P  N N 39  
C   OP1    O  N N 40  
C   OP2    O  N N 41  
C   "O5'"  O  N N 42  
C   "C5'"  C  N N 43  
C   "C4'"  C  N R 44  
C   "O4'"  O  N N 45  
C   "C3'"  C  N S 46  
C   "O3'"  O  N N 47  
C   "C2'"  C  N R 48  
C   "O2'"  O  N N 49  
C   "C1'"  C  N R 50  
C   N1     N  N N 51  
C   C2     C  N N 52  
C   O2     O  N N 53  
C   N3     N  N N 54  
C   C4     C  N N 55  
C   N4     N  N N 56  
C   C5     C  N N 57  
C   C6     C  N N 58  
C   HOP3   H  N N 59  
C   HOP2   H  N N 60  
C   "H5'"  H  N N 61  
C   "H5''" H  N N 62  
C   "H4'"  H  N N 63  
C   "H3'"  H  N N 64  
C   "HO3'" H  N N 65  
C   "H2'"  H  N N 66  
C   "HO2'" H  N N 67  
C   "H1'"  H  N N 68  
C   H41    H  N N 69  
C   H42    H  N N 70  
C   H5     H  N N 71  
C   H6     H  N N 72  
G   OP3    O  N N 73  
G   P      P  N N 74  
G   OP1    O  N N 75  
G   OP2    O  N N 76  
G   "O5'"  O  N N 77  
G   "C5'"  C  N N 78  
G   "C4'"  C  N R 79  
G   "O4'"  O  N N 80  
G   "C3'"  C  N S 81  
G   "O3'"  O  N N 82  
G   "C2'"  C  N R 83  
G   "O2'"  O  N N 84  
G   "C1'"  C  N R 85  
G   N9     N  Y N 86  
G   C8     C  Y N 87  
G   N7     N  Y N 88  
G   C5     C  Y N 89  
G   C6     C  N N 90  
G   O6     O  N N 91  
G   N1     N  N N 92  
G   C2     C  N N 93  
G   N2     N  N N 94  
G   N3     N  N N 95  
G   C4     C  Y N 96  
G   HOP3   H  N N 97  
G   HOP2   H  N N 98  
G   "H5'"  H  N N 99  
G   "H5''" H  N N 100 
G   "H4'"  H  N N 101 
G   "H3'"  H  N N 102 
G   "HO3'" H  N N 103 
G   "H2'"  H  N N 104 
G   "HO2'" H  N N 105 
G   "H1'"  H  N N 106 
G   H8     H  N N 107 
G   H1     H  N N 108 
G   H21    H  N N 109 
G   H22    H  N N 110 
HOH O      O  N N 111 
HOH H1     H  N N 112 
HOH H2     H  N N 113 
RIO O1     O  N N 114 
RIO C1     C  N N 115 
RIO C2     C  N R 116 
RIO O2     O  N N 117 
RIO C3     C  N S 118 
RIO O3     O  N N 119 
RIO C4     C  N R 120 
RIO C5     C  N S 121 
RIO O4     O  N N 122 
RIO C6     C  N R 123 
RIO N1     N  N N 124 
RIO C7     C  N N 125 
RIO C8     C  N S 126 
RIO N2     N  N N 127 
RIO C9     C  N R 128 
RIO O5     O  N N 129 
RIO C10    C  N R 130 
RIO O6     O  N N 131 
RIO C11    C  N R 132 
RIO C12    C  N N 133 
RIO N3     N  N N 134 
RIO C13    C  N S 135 
RIO O7     O  N N 136 
RIO C14    C  N R 137 
RIO O8     O  N N 138 
RIO C15    C  N R 139 
RIO N4     N  N N 140 
RIO C16    C  N R 141 
RIO O9     O  N N 142 
RIO C17    C  N S 143 
RIO O10    O  N N 144 
RIO HO1    H  N N 145 
RIO H1     H  N N 146 
RIO H1A    H  N N 147 
RIO H2     H  N N 148 
RIO H3     H  N N 149 
RIO H4     H  N N 150 
RIO H5     H  N N 151 
RIO HO4    H  N N 152 
RIO H6     H  N N 153 
RIO HN1    H  N N 154 
RIO HN1A   H  N N 155 
RIO H7     H  N N 156 
RIO H7A    H  N N 157 
RIO H8     H  N N 158 
RIO HN2    H  N N 159 
RIO HN2A   H  N N 160 
RIO H9     H  N N 161 
RIO H10    H  N N 162 
RIO H11    H  N N 163 
RIO H12    H  N N 164 
RIO H12A   H  N N 165 
RIO HN3    H  N N 166 
RIO HN3A   H  N N 167 
RIO H13    H  N N 168 
RIO HO7    H  N N 169 
RIO H14    H  N N 170 
RIO HO8    H  N N 171 
RIO H15    H  N N 172 
RIO HN4    H  N N 173 
RIO HN4A   H  N N 174 
RIO H16    H  N N 175 
RIO HO9    H  N N 176 
RIO H17    H  N N 177 
RIO HO10   H  N N 178 
U   OP3    O  N N 179 
U   P      P  N N 180 
U   OP1    O  N N 181 
U   OP2    O  N N 182 
U   "O5'"  O  N N 183 
U   "C5'"  C  N N 184 
U   "C4'"  C  N R 185 
U   "O4'"  O  N N 186 
U   "C3'"  C  N S 187 
U   "O3'"  O  N N 188 
U   "C2'"  C  N R 189 
U   "O2'"  O  N N 190 
U   "C1'"  C  N R 191 
U   N1     N  N N 192 
U   C2     C  N N 193 
U   O2     O  N N 194 
U   N3     N  N N 195 
U   C4     C  N N 196 
U   O4     O  N N 197 
U   C5     C  N N 198 
U   C6     C  N N 199 
U   HOP3   H  N N 200 
U   HOP2   H  N N 201 
U   "H5'"  H  N N 202 
U   "H5''" H  N N 203 
U   "H4'"  H  N N 204 
U   "H3'"  H  N N 205 
U   "HO3'" H  N N 206 
U   "H2'"  H  N N 207 
U   "HO2'" H  N N 208 
U   "H1'"  H  N N 209 
U   H3     H  N N 210 
U   H5     H  N N 211 
U   H6     H  N N 212 
UMS OP3    O  N N 213 
UMS P      P  N N 214 
UMS OP1    O  N N 215 
UMS OP2    O  N N 216 
UMS "O5'"  O  N N 217 
UMS "C5'"  C  N N 218 
UMS "C4'"  C  N R 219 
UMS "O4'"  O  N N 220 
UMS "C3'"  C  N R 221 
UMS "O3'"  O  N N 222 
UMS "C2'"  C  N R 223 
UMS "SE2'" SE N N 224 
UMS "C1'"  C  N R 225 
UMS "CA'"  C  N N 226 
UMS N1     N  N N 227 
UMS C2     C  N N 228 
UMS O2     O  N N 229 
UMS N3     N  N N 230 
UMS C4     C  N N 231 
UMS O4     O  N N 232 
UMS C5     C  N N 233 
UMS C6     C  N N 234 
UMS HOP3   H  N N 235 
UMS HOP2   H  N N 236 
UMS "H5'"  H  N N 237 
UMS "H5'2" H  N N 238 
UMS "H4'"  H  N N 239 
UMS "H3'"  H  N N 240 
UMS "HO3'" H  N N 241 
UMS "H2'"  H  N N 242 
UMS "H1'"  H  N N 243 
UMS "HA'"  H  N N 244 
UMS "HA'2" H  N N 245 
UMS "HA'3" H  N N 246 
UMS H3     H  N N 247 
UMS H5     H  N N 248 
UMS H6     H  N N 249 
# 
loop_
_chem_comp_bond.comp_id 
_chem_comp_bond.atom_id_1 
_chem_comp_bond.atom_id_2 
_chem_comp_bond.value_order 
_chem_comp_bond.pdbx_aromatic_flag 
_chem_comp_bond.pdbx_stereo_config 
_chem_comp_bond.pdbx_ordinal 
A   OP3    P      sing N N 1   
A   OP3    HOP3   sing N N 2   
A   P      OP1    doub N N 3   
A   P      OP2    sing N N 4   
A   P      "O5'"  sing N N 5   
A   OP2    HOP2   sing N N 6   
A   "O5'"  "C5'"  sing N N 7   
A   "C5'"  "C4'"  sing N N 8   
A   "C5'"  "H5'"  sing N N 9   
A   "C5'"  "H5''" sing N N 10  
A   "C4'"  "O4'"  sing N N 11  
A   "C4'"  "C3'"  sing N N 12  
A   "C4'"  "H4'"  sing N N 13  
A   "O4'"  "C1'"  sing N N 14  
A   "C3'"  "O3'"  sing N N 15  
A   "C3'"  "C2'"  sing N N 16  
A   "C3'"  "H3'"  sing N N 17  
A   "O3'"  "HO3'" sing N N 18  
A   "C2'"  "O2'"  sing N N 19  
A   "C2'"  "C1'"  sing N N 20  
A   "C2'"  "H2'"  sing N N 21  
A   "O2'"  "HO2'" sing N N 22  
A   "C1'"  N9     sing N N 23  
A   "C1'"  "H1'"  sing N N 24  
A   N9     C8     sing Y N 25  
A   N9     C4     sing Y N 26  
A   C8     N7     doub Y N 27  
A   C8     H8     sing N N 28  
A   N7     C5     sing Y N 29  
A   C5     C6     sing Y N 30  
A   C5     C4     doub Y N 31  
A   C6     N6     sing N N 32  
A   C6     N1     doub Y N 33  
A   N6     H61    sing N N 34  
A   N6     H62    sing N N 35  
A   N1     C2     sing Y N 36  
A   C2     N3     doub Y N 37  
A   C2     H2     sing N N 38  
A   N3     C4     sing Y N 39  
C   OP3    P      sing N N 40  
C   OP3    HOP3   sing N N 41  
C   P      OP1    doub N N 42  
C   P      OP2    sing N N 43  
C   P      "O5'"  sing N N 44  
C   OP2    HOP2   sing N N 45  
C   "O5'"  "C5'"  sing N N 46  
C   "C5'"  "C4'"  sing N N 47  
C   "C5'"  "H5'"  sing N N 48  
C   "C5'"  "H5''" sing N N 49  
C   "C4'"  "O4'"  sing N N 50  
C   "C4'"  "C3'"  sing N N 51  
C   "C4'"  "H4'"  sing N N 52  
C   "O4'"  "C1'"  sing N N 53  
C   "C3'"  "O3'"  sing N N 54  
C   "C3'"  "C2'"  sing N N 55  
C   "C3'"  "H3'"  sing N N 56  
C   "O3'"  "HO3'" sing N N 57  
C   "C2'"  "O2'"  sing N N 58  
C   "C2'"  "C1'"  sing N N 59  
C   "C2'"  "H2'"  sing N N 60  
C   "O2'"  "HO2'" sing N N 61  
C   "C1'"  N1     sing N N 62  
C   "C1'"  "H1'"  sing N N 63  
C   N1     C2     sing N N 64  
C   N1     C6     sing N N 65  
C   C2     O2     doub N N 66  
C   C2     N3     sing N N 67  
C   N3     C4     doub N N 68  
C   C4     N4     sing N N 69  
C   C4     C5     sing N N 70  
C   N4     H41    sing N N 71  
C   N4     H42    sing N N 72  
C   C5     C6     doub N N 73  
C   C5     H5     sing N N 74  
C   C6     H6     sing N N 75  
G   OP3    P      sing N N 76  
G   OP3    HOP3   sing N N 77  
G   P      OP1    doub N N 78  
G   P      OP2    sing N N 79  
G   P      "O5'"  sing N N 80  
G   OP2    HOP2   sing N N 81  
G   "O5'"  "C5'"  sing N N 82  
G   "C5'"  "C4'"  sing N N 83  
G   "C5'"  "H5'"  sing N N 84  
G   "C5'"  "H5''" sing N N 85  
G   "C4'"  "O4'"  sing N N 86  
G   "C4'"  "C3'"  sing N N 87  
G   "C4'"  "H4'"  sing N N 88  
G   "O4'"  "C1'"  sing N N 89  
G   "C3'"  "O3'"  sing N N 90  
G   "C3'"  "C2'"  sing N N 91  
G   "C3'"  "H3'"  sing N N 92  
G   "O3'"  "HO3'" sing N N 93  
G   "C2'"  "O2'"  sing N N 94  
G   "C2'"  "C1'"  sing N N 95  
G   "C2'"  "H2'"  sing N N 96  
G   "O2'"  "HO2'" sing N N 97  
G   "C1'"  N9     sing N N 98  
G   "C1'"  "H1'"  sing N N 99  
G   N9     C8     sing Y N 100 
G   N9     C4     sing Y N 101 
G   C8     N7     doub Y N 102 
G   C8     H8     sing N N 103 
G   N7     C5     sing Y N 104 
G   C5     C6     sing N N 105 
G   C5     C4     doub Y N 106 
G   C6     O6     doub N N 107 
G   C6     N1     sing N N 108 
G   N1     C2     sing N N 109 
G   N1     H1     sing N N 110 
G   C2     N2     sing N N 111 
G   C2     N3     doub N N 112 
G   N2     H21    sing N N 113 
G   N2     H22    sing N N 114 
G   N3     C4     sing N N 115 
HOH O      H1     sing N N 116 
HOH O      H2     sing N N 117 
RIO O1     C1     sing N N 118 
RIO C1     C2     sing N N 119 
RIO C2     O2     sing N N 120 
RIO C2     C17    sing N N 121 
RIO O2     C3     sing N N 122 
RIO C3     O3     sing N N 123 
RIO C3     C16    sing N N 124 
RIO O3     C4     sing N N 125 
RIO C4     C5     sing N N 126 
RIO C4     C9     sing N N 127 
RIO C5     O4     sing N N 128 
RIO C5     C6     sing N N 129 
RIO C6     N1     sing N N 130 
RIO C6     C7     sing N N 131 
RIO C7     C8     sing N N 132 
RIO C8     N2     sing N N 133 
RIO C8     C9     sing N N 134 
RIO C9     O5     sing N N 135 
RIO O5     C10    sing N N 136 
RIO C10    O6     sing N N 137 
RIO C10    C15    sing N N 138 
RIO O6     C11    sing N N 139 
RIO C11    C12    sing N N 140 
RIO C11    C13    sing N N 141 
RIO C12    N3     sing N N 142 
RIO C13    O7     sing N N 143 
RIO C13    C14    sing N N 144 
RIO C14    O8     sing N N 145 
RIO C14    C15    sing N N 146 
RIO C15    N4     sing N N 147 
RIO C16    O9     sing N N 148 
RIO C16    C17    sing N N 149 
RIO C17    O10    sing N N 150 
RIO O1     HO1    sing N N 151 
RIO C1     H1     sing N N 152 
RIO C1     H1A    sing N N 153 
RIO C2     H2     sing N N 154 
RIO C3     H3     sing N N 155 
RIO C4     H4     sing N N 156 
RIO C5     H5     sing N N 157 
RIO O4     HO4    sing N N 158 
RIO C6     H6     sing N N 159 
RIO N1     HN1    sing N N 160 
RIO N1     HN1A   sing N N 161 
RIO C7     H7     sing N N 162 
RIO C7     H7A    sing N N 163 
RIO C8     H8     sing N N 164 
RIO N2     HN2    sing N N 165 
RIO N2     HN2A   sing N N 166 
RIO C9     H9     sing N N 167 
RIO C10    H10    sing N N 168 
RIO C11    H11    sing N N 169 
RIO C12    H12    sing N N 170 
RIO C12    H12A   sing N N 171 
RIO N3     HN3    sing N N 172 
RIO N3     HN3A   sing N N 173 
RIO C13    H13    sing N N 174 
RIO O7     HO7    sing N N 175 
RIO C14    H14    sing N N 176 
RIO O8     HO8    sing N N 177 
RIO C15    H15    sing N N 178 
RIO N4     HN4    sing N N 179 
RIO N4     HN4A   sing N N 180 
RIO C16    H16    sing N N 181 
RIO O9     HO9    sing N N 182 
RIO C17    H17    sing N N 183 
RIO O10    HO10   sing N N 184 
U   OP3    P      sing N N 185 
U   OP3    HOP3   sing N N 186 
U   P      OP1    doub N N 187 
U   P      OP2    sing N N 188 
U   P      "O5'"  sing N N 189 
U   OP2    HOP2   sing N N 190 
U   "O5'"  "C5'"  sing N N 191 
U   "C5'"  "C4'"  sing N N 192 
U   "C5'"  "H5'"  sing N N 193 
U   "C5'"  "H5''" sing N N 194 
U   "C4'"  "O4'"  sing N N 195 
U   "C4'"  "C3'"  sing N N 196 
U   "C4'"  "H4'"  sing N N 197 
U   "O4'"  "C1'"  sing N N 198 
U   "C3'"  "O3'"  sing N N 199 
U   "C3'"  "C2'"  sing N N 200 
U   "C3'"  "H3'"  sing N N 201 
U   "O3'"  "HO3'" sing N N 202 
U   "C2'"  "O2'"  sing N N 203 
U   "C2'"  "C1'"  sing N N 204 
U   "C2'"  "H2'"  sing N N 205 
U   "O2'"  "HO2'" sing N N 206 
U   "C1'"  N1     sing N N 207 
U   "C1'"  "H1'"  sing N N 208 
U   N1     C2     sing N N 209 
U   N1     C6     sing N N 210 
U   C2     O2     doub N N 211 
U   C2     N3     sing N N 212 
U   N3     C4     sing N N 213 
U   N3     H3     sing N N 214 
U   C4     O4     doub N N 215 
U   C4     C5     sing N N 216 
U   C5     C6     doub N N 217 
U   C5     H5     sing N N 218 
U   C6     H6     sing N N 219 
UMS OP3    P      sing N N 220 
UMS OP3    HOP3   sing N N 221 
UMS P      OP1    doub N N 222 
UMS P      OP2    sing N N 223 
UMS P      "O5'"  sing N N 224 
UMS OP2    HOP2   sing N N 225 
UMS "O5'"  "C5'"  sing N N 226 
UMS "C5'"  "C4'"  sing N N 227 
UMS "C5'"  "H5'"  sing N N 228 
UMS "C5'"  "H5'2" sing N N 229 
UMS "C4'"  "O4'"  sing N N 230 
UMS "C4'"  "C3'"  sing N N 231 
UMS "C4'"  "H4'"  sing N N 232 
UMS "O4'"  "C1'"  sing N N 233 
UMS "C3'"  "O3'"  sing N N 234 
UMS "C3'"  "C2'"  sing N N 235 
UMS "C3'"  "H3'"  sing N N 236 
UMS "O3'"  "HO3'" sing N N 237 
UMS "C2'"  "SE2'" sing N N 238 
UMS "C2'"  "C1'"  sing N N 239 
UMS "C2'"  "H2'"  sing N N 240 
UMS "SE2'" "CA'"  sing N N 241 
UMS "C1'"  N1     sing N N 242 
UMS "C1'"  "H1'"  sing N N 243 
UMS "CA'"  "HA'"  sing N N 244 
UMS "CA'"  "HA'2" sing N N 245 
UMS "CA'"  "HA'3" sing N N 246 
UMS N1     C2     sing N N 247 
UMS N1     C6     sing N N 248 
UMS C2     O2     doub N N 249 
UMS C2     N3     sing N N 250 
UMS N3     C4     sing N N 251 
UMS N3     H3     sing N N 252 
UMS C4     O4     doub N N 253 
UMS C4     C5     sing N N 254 
UMS C5     C6     doub N N 255 
UMS C5     H5     sing N N 256 
UMS C6     H6     sing N N 257 
# 
loop_
_ndb_struct_conf_na.entry_id 
_ndb_struct_conf_na.feature 
3C3Z 'double helix'        
3C3Z 'a-form double helix' 
3C3Z 'internal loop'       
# 
loop_
_ndb_struct_na_base_pair.model_number 
_ndb_struct_na_base_pair.i_label_asym_id 
_ndb_struct_na_base_pair.i_label_comp_id 
_ndb_struct_na_base_pair.i_label_seq_id 
_ndb_struct_na_base_pair.i_symmetry 
_ndb_struct_na_base_pair.j_label_asym_id 
_ndb_struct_na_base_pair.j_label_comp_id 
_ndb_struct_na_base_pair.j_label_seq_id 
_ndb_struct_na_base_pair.j_symmetry 
_ndb_struct_na_base_pair.shear 
_ndb_struct_na_base_pair.stretch 
_ndb_struct_na_base_pair.stagger 
_ndb_struct_na_base_pair.buckle 
_ndb_struct_na_base_pair.propeller 
_ndb_struct_na_base_pair.opening 
_ndb_struct_na_base_pair.pair_number 
_ndb_struct_na_base_pair.pair_name 
_ndb_struct_na_base_pair.i_auth_asym_id 
_ndb_struct_na_base_pair.i_auth_seq_id 
_ndb_struct_na_base_pair.i_PDB_ins_code 
_ndb_struct_na_base_pair.j_auth_asym_id 
_ndb_struct_na_base_pair.j_auth_seq_id 
_ndb_struct_na_base_pair.j_PDB_ins_code 
_ndb_struct_na_base_pair.hbond_type_28 
_ndb_struct_na_base_pair.hbond_type_12 
1 A C   1  1_555 B G   23 1_555 0.008  -0.241 0.105  11.095 -23.151 -2.353 1  A_C1:G23_B   A 1  ? B 23 ? 19 1 
1 A U   2  1_555 B A   22 1_555 -0.360 -0.125 0.209  -1.214 -17.101 -0.119 2  A_U2:A22_B   A 2  ? B 22 ? 20 1 
1 A UMS 3  1_555 B A   21 1_555 0.291  -0.340 -0.100 4.845  -13.664 0.932  3  A_UMS3:A21_B A 3  ? B 21 ? 20 1 
1 A G   4  1_555 B C   20 1_555 -0.235 -0.316 0.074  -2.400 -14.612 -0.559 4  A_G4:C20_B   A 4  ? B 20 ? 19 1 
1 A C   5  1_555 B G   19 1_555 0.193  -0.044 0.172  -1.408 -13.546 3.107  5  A_C5:G19_B   A 5  ? B 19 ? 19 1 
1 A U   6  1_555 B A   18 1_555 0.002  -0.089 0.229  3.240  -13.674 7.452  6  A_U6:A18_B   A 6  ? B 18 ? 20 1 
1 A G   7  1_555 B C   17 1_555 -0.330 -0.107 -0.031 -8.152 -24.669 3.730  7  A_G7:C17_B   A 7  ? B 17 ? 19 1 
1 A G   10 1_555 B C   15 1_555 -0.233 -0.151 -0.246 -6.347 -3.491  -0.795 8  A_G10:C15_B  A 10 ? B 15 ? 19 1 
1 A U   11 1_555 B A   14 1_555 -0.165 -0.152 0.033  -4.513 -5.450  4.044  9  A_U11:A14_B  A 11 ? B 14 ? 20 1 
1 A G   12 1_555 B C   13 1_555 -0.056 -0.142 0.134  3.781  -4.639  -0.427 10 A_G12:C13_B  A 12 ? B 13 ? 19 1 
1 A C   13 1_555 B G   12 1_555 0.161  -0.080 -0.052 4.326  -17.392 4.775  11 A_C13:G12_B  A 13 ? B 12 ? 19 1 
1 A A   14 1_555 B U   11 1_555 0.239  -0.012 -0.073 -2.134 -8.414  -1.966 12 A_A14:U11_B  A 14 ? B 11 ? 20 1 
1 A C   15 1_555 B G   10 1_555 0.314  -0.080 0.010  1.999  -2.218  -2.248 13 A_C15:G10_B  A 15 ? B 10 ? 19 1 
1 A C   17 1_555 B G   7  1_555 0.303  -0.199 -0.064 9.224  -23.315 2.667  14 A_C17:G7_B   A 17 ? B 7  ? 19 1 
1 A A   18 1_555 B U   6  1_555 -0.116 -0.141 0.195  -1.186 -16.527 7.962  15 A_A18:U6_B   A 18 ? B 6  ? 20 1 
1 A G   19 1_555 B C   5  1_555 -0.134 -0.146 0.120  1.027  -14.222 1.335  16 A_G19:C5_B   A 19 ? B 5  ? 19 1 
1 A C   20 1_555 B G   4  1_555 0.259  -0.141 -0.034 0.968  -14.899 1.188  17 A_C20:G4_B   A 20 ? B 4  ? 19 1 
1 A A   21 1_555 B UMS 3  1_555 0.100  -0.068 0.045  -3.464 -13.549 -1.207 18 A_A21:UMS3_B A 21 ? B 3  ? 20 1 
1 A A   22 1_555 B U   2  1_555 0.104  -0.189 0.446  1.285  -13.408 2.689  19 A_A22:U2_B   A 22 ? B 2  ? 20 1 
1 A G   23 1_555 B C   1  1_555 -0.109 -0.194 -0.025 -7.163 -21.795 0.213  20 A_G23:C1_B   A 23 ? B 1  ? 19 1 
# 
loop_
_ndb_struct_na_base_pair_step.model_number 
_ndb_struct_na_base_pair_step.i_label_asym_id_1 
_ndb_struct_na_base_pair_step.i_label_comp_id_1 
_ndb_struct_na_base_pair_step.i_label_seq_id_1 
_ndb_struct_na_base_pair_step.i_symmetry_1 
_ndb_struct_na_base_pair_step.j_label_asym_id_1 
_ndb_struct_na_base_pair_step.j_label_comp_id_1 
_ndb_struct_na_base_pair_step.j_label_seq_id_1 
_ndb_struct_na_base_pair_step.j_symmetry_1 
_ndb_struct_na_base_pair_step.i_label_asym_id_2 
_ndb_struct_na_base_pair_step.i_label_comp_id_2 
_ndb_struct_na_base_pair_step.i_label_seq_id_2 
_ndb_struct_na_base_pair_step.i_symmetry_2 
_ndb_struct_na_base_pair_step.j_label_asym_id_2 
_ndb_struct_na_base_pair_step.j_label_comp_id_2 
_ndb_struct_na_base_pair_step.j_label_seq_id_2 
_ndb_struct_na_base_pair_step.j_symmetry_2 
_ndb_struct_na_base_pair_step.shift 
_ndb_struct_na_base_pair_step.slide 
_ndb_struct_na_base_pair_step.rise 
_ndb_struct_na_base_pair_step.tilt 
_ndb_struct_na_base_pair_step.roll 
_ndb_struct_na_base_pair_step.twist 
_ndb_struct_na_base_pair_step.x_displacement 
_ndb_struct_na_base_pair_step.y_displacement 
_ndb_struct_na_base_pair_step.helical_rise 
_ndb_struct_na_base_pair_step.inclination 
_ndb_struct_na_base_pair_step.tip 
_ndb_struct_na_base_pair_step.helical_twist 
_ndb_struct_na_base_pair_step.step_number 
_ndb_struct_na_base_pair_step.step_name 
_ndb_struct_na_base_pair_step.i_auth_asym_id_1 
_ndb_struct_na_base_pair_step.i_auth_seq_id_1 
_ndb_struct_na_base_pair_step.i_PDB_ins_code_1 
_ndb_struct_na_base_pair_step.j_auth_asym_id_1 
_ndb_struct_na_base_pair_step.j_auth_seq_id_1 
_ndb_struct_na_base_pair_step.j_PDB_ins_code_1 
_ndb_struct_na_base_pair_step.i_auth_asym_id_2 
_ndb_struct_na_base_pair_step.i_auth_seq_id_2 
_ndb_struct_na_base_pair_step.i_PDB_ins_code_2 
_ndb_struct_na_base_pair_step.j_auth_asym_id_2 
_ndb_struct_na_base_pair_step.j_auth_seq_id_2 
_ndb_struct_na_base_pair_step.j_PDB_ins_code_2 
1 A C   1  1_555 B G   23 1_555 A U   2  1_555 B A   22 1_555 -0.488 -1.569 3.474 -5.602 13.322 34.154 -4.248 0.021  2.739 21.526 
9.053   37.002 1  AA_C1U2:A22G23_BB   A 1  ? B 23 ? A 2  ? B 22 ? 
1 A U   2  1_555 B A   22 1_555 A UMS 3  1_555 B A   21 1_555 -0.118 -1.036 3.062 0.667  7.472  34.807 -2.679 0.280  2.785 12.314 
-1.099  35.582 2  AA_U2UMS3:A21A22_BB A 2  ? B 22 ? A 3  ? B 21 ? 
1 A UMS 3  1_555 B A   21 1_555 A G   4  1_555 B C   20 1_555 0.032  -1.393 3.247 -0.821 17.553 30.930 -4.575 -0.159 2.169 30.065 
1.407   35.467 3  AA_UMS3G4:C20A21_BB A 3  ? B 21 ? A 4  ? B 20 ? 
1 A G   4  1_555 B C   20 1_555 A C   5  1_555 B G   19 1_555 0.701  -1.507 3.207 1.441  5.808  34.527 -3.331 -0.960 2.948 9.694  
-2.406  35.026 4  AA_G4C5:G19C20_BB   A 4  ? B 20 ? A 5  ? B 19 ? 
1 A C   5  1_555 B G   19 1_555 A U   6  1_555 B A   18 1_555 0.303  -1.885 3.087 1.301  6.281  25.768 -5.561 -0.358 2.574 13.813 
-2.860  26.541 5  AA_C5U6:A18G19_BB   A 5  ? B 19 ? A 6  ? B 18 ? 
1 A U   6  1_555 B A   18 1_555 A G   7  1_555 B C   17 1_555 -0.362 -1.556 3.376 0.994  12.977 31.951 -4.534 0.757  2.557 22.446 
-1.719  34.436 6  AA_U6G7:C17A18_BB   A 6  ? B 18 ? A 7  ? B 17 ? 
1 A G   10 1_555 B C   15 1_555 A U   11 1_555 B A   14 1_555 -0.385 -2.297 3.354 -2.259 0.212  32.788 -4.097 0.284  3.358 0.375  
3.995   32.864 7  AA_G10U11:A14C15_BB A 10 ? B 15 ? A 11 ? B 14 ? 
1 A U   11 1_555 B A   14 1_555 A G   12 1_555 B C   13 1_555 -0.792 -1.704 2.992 -0.237 7.831  27.375 -4.983 1.566  2.427 16.132 
0.488   28.453 8  AA_U11G12:C13A14_BB A 11 ? B 14 ? A 12 ? B 13 ? 
1 A G   12 1_555 B C   13 1_555 A C   13 1_555 B G   12 1_555 0.858  -1.405 3.244 2.713  13.711 33.281 -4.071 -1.032 2.548 22.733 
-4.498  36.020 9  AA_G12C13:G12C13_BB A 12 ? B 13 ? A 13 ? B 12 ? 
1 A C   13 1_555 B G   12 1_555 A A   14 1_555 B U   11 1_555 -0.061 -1.666 3.316 0.798  13.607 32.607 -4.602 0.210  2.446 23.021 
-1.350  35.269 10 AA_C13A14:U11G12_BB A 13 ? B 12 ? A 14 ? B 11 ? 
1 A A   14 1_555 B U   11 1_555 A C   15 1_555 B G   10 1_555 0.691  -2.697 3.136 1.005  1.494  28.964 -5.692 -1.171 3.018 2.984  
-2.007  29.019 11 AA_A14C15:G10U11_BB A 14 ? B 11 ? A 15 ? B 10 ? 
1 A C   15 1_555 B G   10 1_555 A C   17 1_555 B G   7  1_555 1.613  -3.980 6.042 -3.803 19.992 78.932 -3.948 -1.409 5.024 15.491 
2.947   81.097 12 AA_C15C17:G7G10_BB  A 15 ? B 10 ? A 17 ? B 7  ? 
1 A C   17 1_555 B G   7  1_555 A A   18 1_555 B U   6  1_555 0.496  -1.579 3.391 -1.500 13.300 31.123 -4.737 -1.081 2.501 23.475 
2.647   33.813 13 AA_C17A18:U6G7_BB   A 17 ? B 7  ? A 18 ? B 6  ? 
1 A A   18 1_555 B U   6  1_555 A G   19 1_555 B C   5  1_555 -0.849 -1.684 3.104 -3.246 7.094  29.198 -4.534 1.033  2.706 13.765 
6.299   30.200 14 AA_A18G19:C5U6_BB   A 18 ? B 6  ? A 19 ? B 5  ? 
1 A G   19 1_555 B C   5  1_555 A C   20 1_555 B G   4  1_555 -0.129 -1.403 3.224 0.066  6.024  34.005 -3.251 0.228  2.939 10.201 
-0.112  34.519 15 AA_G19C20:G4C5_BB   A 19 ? B 5  ? A 20 ? B 4  ? 
1 A C   20 1_555 B G   4  1_555 A A   21 1_555 B UMS 3  1_555 0.043  -1.581 3.224 -0.320 15.199 31.486 -4.672 -0.114 2.246 26.185 
0.551   34.880 16 AA_C20A21:UMS3G4_BB A 20 ? B 4  ? A 21 ? B 3  ? 
1 A A   21 1_555 B UMS 3  1_555 A A   22 1_555 B U   2  1_555 0.109  -1.165 3.024 -1.288 6.157  30.762 -3.184 -0.417 2.738 11.456 
2.397   31.384 17 AA_A21A22:U2UMS3_BB A 21 ? B 3  ? A 22 ? B 2  ? 
1 A A   22 1_555 B U   2  1_555 A G   23 1_555 B C   1  1_555 0.632  -1.528 3.418 7.896  12.984 32.856 -4.275 0.081  2.719 21.576 
-13.121 36.112 18 AA_A22G23:C1U2_BB   A 22 ? B 2  ? A 23 ? B 1  ? 
# 
_atom_sites.entry_id                    3C3Z 
_atom_sites.fract_transf_matrix[1][1]   -0.00633085 
_atom_sites.fract_transf_matrix[1][2]   -0.00910220 
_atom_sites.fract_transf_matrix[1][3]   -0.00387015 
_atom_sites.fract_transf_matrix[2][1]   0.01360351 
_atom_sites.fract_transf_matrix[2][2]   0.00313709 
_atom_sites.fract_transf_matrix[2][3]   -0.02963095 
_atom_sites.fract_transf_matrix[3][1]   0.00701779 
_atom_sites.fract_transf_matrix[3][2]   -0.01900135 
_atom_sites.fract_transf_matrix[3][3]   0.00121014 
_atom_sites.fract_transf_vector[1]      0.237102 
_atom_sites.fract_transf_vector[2]      0.563587 
_atom_sites.fract_transf_vector[3]      0.737017 
# 
loop_
_atom_type.symbol 
C  
N  
O  
P  
SE 
# 
loop_
_atom_site.group_PDB 
_atom_site.id 
_atom_site.type_symbol 
_atom_site.label_atom_id 
_atom_site.label_alt_id 
_atom_site.label_comp_id 
_atom_site.label_asym_id 
_atom_site.label_entity_id 
_atom_site.label_seq_id 
_atom_site.pdbx_PDB_ins_code 
_atom_site.Cartn_x 
_atom_site.Cartn_y 
_atom_site.Cartn_z 
_atom_site.occupancy 
_atom_site.B_iso_or_equiv 
_atom_site.pdbx_formal_charge 
_atom_site.auth_seq_id 
_atom_site.auth_comp_id 
_atom_site.auth_asym_id 
_atom_site.auth_atom_id 
_atom_site.pdbx_PDB_model_num 
ATOM   1    O  "O5'"  . C   A 1 1  ? 3.093   20.613  7.753   1.00 37.63 ? 1   C   A "O5'"  1 
ATOM   2    C  "C5'"  . C   A 1 1  ? 4.466   20.696  8.141   1.00 34.16 ? 1   C   A "C5'"  1 
ATOM   3    C  "C4'"  . C   A 1 1  ? 4.657   20.985  9.613   1.00 33.89 ? 1   C   A "C4'"  1 
ATOM   4    O  "O4'"  . C   A 1 1  ? 3.962   22.208  9.975   1.00 32.52 ? 1   C   A "O4'"  1 
ATOM   5    C  "C3'"  . C   A 1 1  ? 4.092   19.950  10.569  1.00 33.72 ? 1   C   A "C3'"  1 
ATOM   6    O  "O3'"  . C   A 1 1  ? 4.988   18.857  10.718  1.00 35.75 ? 1   C   A "O3'"  1 
ATOM   7    C  "C2'"  . C   A 1 1  ? 3.955   20.754  11.857  1.00 32.44 ? 1   C   A "C2'"  1 
ATOM   8    O  "O2'"  . C   A 1 1  ? 5.198   20.921  12.518  1.00 32.66 ? 1   C   A "O2'"  1 
ATOM   9    C  "C1'"  . C   A 1 1  ? 3.501   22.109  11.313  1.00 31.23 ? 1   C   A "C1'"  1 
ATOM   10   N  N1     . C   A 1 1  ? 2.042   22.314  11.326  1.00 30.58 ? 1   C   A N1     1 
ATOM   11   C  C2     . C   A 1 1  ? 1.418   22.595  12.546  1.00 30.21 ? 1   C   A C2     1 
ATOM   12   O  O2     . C   A 1 1  ? 2.104   22.617  13.570  1.00 30.84 ? 1   C   A O2     1 
ATOM   13   N  N3     . C   A 1 1  ? 0.088   22.829  12.573  1.00 29.04 ? 1   C   A N3     1 
ATOM   14   C  C4     . C   A 1 1  ? -0.622  22.773  11.446  1.00 30.40 ? 1   C   A C4     1 
ATOM   15   N  N4     . C   A 1 1  ? -1.931  23.014  11.520  1.00 30.63 ? 1   C   A N4     1 
ATOM   16   C  C5     . C   A 1 1  ? -0.018  22.468  10.188  1.00 31.46 ? 1   C   A C5     1 
ATOM   17   C  C6     . C   A 1 1  ? 1.306   22.249  10.176  1.00 31.55 ? 1   C   A C6     1 
ATOM   18   P  P      . U   A 1 2  ? 4.411   17.366  10.898  1.00 37.21 ? 2   U   A P      1 
ATOM   19   O  OP1    . U   A 1 2  ? 5.554   16.424  10.731  1.00 38.75 ? 2   U   A OP1    1 
ATOM   20   O  OP2    . U   A 1 2  ? 3.220   17.234  10.027  1.00 34.84 ? 2   U   A OP2    1 
ATOM   21   O  "O5'"  . U   A 1 2  ? 3.916   17.323  12.410  1.00 34.31 ? 2   U   A "O5'"  1 
ATOM   22   C  "C5'"  . U   A 1 2  ? 4.841   17.425  13.501  1.00 37.02 ? 2   U   A "C5'"  1 
ATOM   23   C  "C4'"  . U   A 1 2  ? 4.093   17.458  14.813  1.00 36.81 ? 2   U   A "C4'"  1 
ATOM   24   O  "O4'"  . U   A 1 2  ? 3.362   18.705  14.950  1.00 36.96 ? 2   U   A "O4'"  1 
ATOM   25   C  "C3'"  . U   A 1 2  ? 3.012   16.401  14.959  1.00 36.55 ? 2   U   A "C3'"  1 
ATOM   26   O  "O3'"  . U   A 1 2  ? 3.556   15.142  15.306  1.00 36.22 ? 2   U   A "O3'"  1 
ATOM   27   C  "C2'"  . U   A 1 2  ? 2.132   16.995  16.048  1.00 36.94 ? 2   U   A "C2'"  1 
ATOM   28   O  "O2'"  . U   A 1 2  ? 2.684   16.867  17.342  1.00 38.55 ? 2   U   A "O2'"  1 
ATOM   29   C  "C1'"  . U   A 1 2  ? 2.150   18.473  15.661  1.00 36.22 ? 2   U   A "C1'"  1 
ATOM   30   N  N1     . U   A 1 2  ? 1.024   18.856  14.795  1.00 34.47 ? 2   U   A N1     1 
ATOM   31   C  C2     . U   A 1 2  ? -0.211  19.075  15.390  1.00 33.67 ? 2   U   A C2     1 
ATOM   32   O  O2     . U   A 1 2  ? -0.412  18.906  16.583  1.00 33.54 ? 2   U   A O2     1 
ATOM   33   N  N3     . U   A 1 2  ? -1.200  19.489  14.533  1.00 33.13 ? 2   U   A N3     1 
ATOM   34   C  C4     . U   A 1 2  ? -1.087  19.689  13.170  1.00 32.43 ? 2   U   A C4     1 
ATOM   35   O  O4     . U   A 1 2  ? -2.048  20.132  12.542  1.00 31.05 ? 2   U   A O4     1 
ATOM   36   C  C5     . U   A 1 2  ? 0.209   19.407  12.629  1.00 33.80 ? 2   U   A C5     1 
ATOM   37   C  C6     . U   A 1 2  ? 1.193   19.012  13.438  1.00 33.46 ? 2   U   A C6     1 
HETATM 38   P  P      . UMS A 1 3  ? 2.861   13.802  14.757  1.00 35.65 ? 3   UMS A P      1 
HETATM 39   O  OP1    . UMS A 1 3  ? 3.750   12.668  15.092  1.00 37.56 ? 3   UMS A OP1    1 
HETATM 40   O  OP2    . UMS A 1 3  ? 2.447   14.016  13.347  1.00 35.79 ? 3   UMS A OP2    1 
HETATM 41   O  "O5'"  . UMS A 1 3  ? 1.504   13.683  15.588  1.00 37.12 ? 3   UMS A "O5'"  1 
HETATM 42   C  "C5'"  . UMS A 1 3  ? 1.548   13.638  17.013  1.00 36.88 ? 3   UMS A "C5'"  1 
HETATM 43   C  "C4'"  . UMS A 1 3  ? 0.167   13.752  17.589  1.00 39.11 ? 3   UMS A "C4'"  1 
HETATM 44   O  "O4'"  . UMS A 1 3  ? -0.359  15.113  17.587  1.00 38.36 ? 3   UMS A "O4'"  1 
HETATM 45   C  "C3'"  . UMS A 1 3  ? -0.933  12.868  17.085  1.00 40.33 ? 3   UMS A "C3'"  1 
HETATM 46   O  "O3'"  . UMS A 1 3  ? -0.789  11.473  17.309  1.00 40.80 ? 3   UMS A "O3'"  1 
HETATM 47   C  "C2'"  . UMS A 1 3  ? -2.192  13.586  17.479  1.00 40.93 ? 3   UMS A "C2'"  1 
HETATM 48   SE "SE2'" . UMS A 1 3  ? -2.467  13.051  19.581  1.00 48.17 ? 3   UMS A "SE2'" 1 
HETATM 49   C  "C1'"  . UMS A 1 3  ? -1.771  15.058  17.345  1.00 38.75 ? 3   UMS A "C1'"  1 
HETATM 50   C  "CA'"  . UMS A 1 3  ? -2.897  11.214  19.631  1.00 46.26 ? 3   UMS A "CA'"  1 
HETATM 51   N  N1     . UMS A 1 3  ? -2.055  15.620  16.016  1.00 36.80 ? 3   UMS A N1     1 
HETATM 52   C  C2     . UMS A 1 3  ? -3.289  16.215  15.851  1.00 35.25 ? 3   UMS A C2     1 
HETATM 53   O  O2     . UMS A 1 3  ? -4.125  16.254  16.739  1.00 36.36 ? 3   UMS A O2     1 
HETATM 54   N  N3     . UMS A 1 3  ? -3.520  16.744  14.600  1.00 33.98 ? 3   UMS A N3     1 
HETATM 55   C  C4     . UMS A 1 3  ? -2.655  16.770  13.522  1.00 32.51 ? 3   UMS A C4     1 
HETATM 56   O  O4     . UMS A 1 3  ? -3.009  17.315  12.487  1.00 33.01 ? 3   UMS A O4     1 
HETATM 57   C  C5     . UMS A 1 3  ? -1.390  16.132  13.767  1.00 33.90 ? 3   UMS A C5     1 
HETATM 58   C  C6     . UMS A 1 3  ? -1.159  15.550  14.970  1.00 34.62 ? 3   UMS A C6     1 
ATOM   59   P  P      . G   A 1 4  ? -1.369  10.297  16.376  1.00 37.90 ? 4   G   A P      1 
ATOM   60   O  OP1    . G   A 1 4  ? -1.099  8.993   17.033  1.00 38.80 ? 4   G   A OP1    1 
ATOM   61   O  OP2    . G   A 1 4  ? -0.874  10.542  14.993  1.00 38.30 ? 4   G   A OP2    1 
ATOM   62   O  "O5'"  . G   A 1 4  ? -2.938  10.552  16.358  1.00 37.34 ? 4   G   A "O5'"  1 
ATOM   63   C  "C5'"  . G   A 1 4  ? -3.746  10.205  17.488  1.00 36.83 ? 4   G   A "C5'"  1 
ATOM   64   C  "C4'"  . G   A 1 4  ? -5.179  10.589  17.235  1.00 35.22 ? 4   G   A "C4'"  1 
ATOM   65   O  "O4'"  . G   A 1 4  ? -5.284  12.031  17.096  1.00 33.98 ? 4   G   A "O4'"  1 
ATOM   66   C  "C3'"  . G   A 1 4  ? -5.794  10.077  15.944  1.00 34.19 ? 4   G   A "C3'"  1 
ATOM   67   O  "O3'"  . G   A 1 4  ? -6.189  8.715   16.038  1.00 32.20 ? 4   G   A "O3'"  1 
ATOM   68   C  "C2'"  . G   A 1 4  ? -6.984  11.012  15.796  1.00 33.20 ? 4   G   A "C2'"  1 
ATOM   69   O  "O2'"  . G   A 1 4  ? -8.025  10.686  16.696  1.00 35.80 ? 4   G   A "O2'"  1 
ATOM   70   C  "C1'"  . G   A 1 4  ? -6.359  12.342  16.222  1.00 33.63 ? 4   G   A "C1'"  1 
ATOM   71   N  N9     . G   A 1 4  ? -5.826  13.054  15.066  1.00 31.08 ? 4   G   A N9     1 
ATOM   72   C  C8     . G   A 1 4  ? -4.530  13.062  14.614  1.00 31.40 ? 4   G   A C8     1 
ATOM   73   N  N7     . G   A 1 4  ? -4.377  13.756  13.517  1.00 30.54 ? 4   G   A N7     1 
ATOM   74   C  C5     . G   A 1 4  ? -5.644  14.242  13.240  1.00 31.06 ? 4   G   A C5     1 
ATOM   75   C  C6     . G   A 1 4  ? -6.106  15.052  12.173  1.00 30.68 ? 4   G   A C6     1 
ATOM   76   O  O6     . G   A 1 4  ? -5.458  15.527  11.229  1.00 30.22 ? 4   G   A O6     1 
ATOM   77   N  N1     . G   A 1 4  ? -7.469  15.302  12.273  1.00 30.10 ? 4   G   A N1     1 
ATOM   78   C  C2     . G   A 1 4  ? -8.286  14.835  13.280  1.00 30.83 ? 4   G   A C2     1 
ATOM   79   N  N2     . G   A 1 4  ? -9.570  15.175  13.209  1.00 31.67 ? 4   G   A N2     1 
ATOM   80   N  N3     . G   A 1 4  ? -7.865  14.087  14.280  1.00 30.84 ? 4   G   A N3     1 
ATOM   81   C  C4     . G   A 1 4  ? -6.547  13.826  14.196  1.00 30.43 ? 4   G   A C4     1 
ATOM   82   P  P      . C   A 1 5  ? -6.204  7.799   14.719  1.00 30.61 ? 5   C   A P      1 
ATOM   83   O  OP1    . C   A 1 5  ? -6.553  6.415   15.156  1.00 33.21 ? 5   C   A OP1    1 
ATOM   84   O  OP2    . C   A 1 5  ? -4.971  8.031   13.925  1.00 33.58 ? 5   C   A OP2    1 
ATOM   85   O  "O5'"  . C   A 1 5  ? -7.420  8.363   13.866  1.00 30.31 ? 5   C   A "O5'"  1 
ATOM   86   C  "C5'"  . C   A 1 5  ? -8.754  8.275   14.372  1.00 28.73 ? 5   C   A "C5'"  1 
ATOM   87   C  "C4'"  . C   A 1 5  ? -9.691  9.093   13.523  1.00 27.81 ? 5   C   A "C4'"  1 
ATOM   88   O  "O4'"  . C   A 1 5  ? -9.288  10.490  13.554  1.00 26.57 ? 5   C   A "O4'"  1 
ATOM   89   C  "C3'"  . C   A 1 5  ? -9.713  8.780   12.036  1.00 25.48 ? 5   C   A "C3'"  1 
ATOM   90   O  "O3'"  . C   A 1 5  ? -10.461 7.612   11.746  1.00 26.34 ? 5   C   A "O3'"  1 
ATOM   91   C  "C2'"  . C   A 1 5  ? -10.368 10.039  11.497  1.00 26.03 ? 5   C   A "C2'"  1 
ATOM   92   O  "O2'"  . C   A 1 5  ? -11.752 10.077  11.800  1.00 24.23 ? 5   C   A "O2'"  1 
ATOM   93   C  "C1'"  . C   A 1 5  ? -9.645  11.104  12.322  1.00 25.59 ? 5   C   A "C1'"  1 
ATOM   94   N  N1     . C   A 1 5  ? -8.410  11.516  11.644  1.00 24.25 ? 5   C   A N1     1 
ATOM   95   C  C2     . C   A 1 5  ? -8.513  12.438  10.603  1.00 22.53 ? 5   C   A C2     1 
ATOM   96   O  O2     . C   A 1 5  ? -9.626  12.866  10.309  1.00 23.33 ? 5   C   A O2     1 
ATOM   97   N  N3     . C   A 1 5  ? -7.394  12.823  9.946   1.00 25.31 ? 5   C   A N3     1 
ATOM   98   C  C4     . C   A 1 5  ? -6.207  12.316  10.294  1.00 24.79 ? 5   C   A C4     1 
ATOM   99   N  N4     . C   A 1 5  ? -5.127  12.724  9.620   1.00 27.07 ? 5   C   A N4     1 
ATOM   100  C  C5     . C   A 1 5  ? -6.073  11.368  11.353  1.00 24.99 ? 5   C   A C5     1 
ATOM   101  C  C6     . C   A 1 5  ? -7.195  11.006  11.998  1.00 22.87 ? 5   C   A C6     1 
ATOM   102  P  P      . U   A 1 6  ? -10.088 6.731   10.453  1.00 26.34 ? 6   U   A P      1 
ATOM   103  O  OP1    . U   A 1 6  ? -10.979 5.535   10.493  1.00 29.15 ? 6   U   A OP1    1 
ATOM   104  O  OP2    . U   A 1 6  ? -8.622  6.552   10.392  1.00 28.60 ? 6   U   A OP2    1 
ATOM   105  O  "O5'"  . U   A 1 6  ? -10.553 7.648   9.233   1.00 25.24 ? 6   U   A "O5'"  1 
ATOM   106  C  "C5'"  . U   A 1 6  ? -11.934 8.009   9.098   1.00 23.74 ? 6   U   A "C5'"  1 
ATOM   107  C  "C4'"  . U   A 1 6  ? -12.114 9.036   8.006   1.00 23.73 ? 6   U   A "C4'"  1 
ATOM   108  O  "O4'"  . U   A 1 6  ? -11.306 10.204  8.301   1.00 21.52 ? 6   U   A "O4'"  1 
ATOM   109  C  "C3'"  . U   A 1 6  ? -11.647 8.647   6.616   1.00 22.95 ? 6   U   A "C3'"  1 
ATOM   110  O  "O3'"  . U   A 1 6  ? -12.585 7.804   5.976   1.00 21.97 ? 6   U   A "O3'"  1 
ATOM   111  C  "C2'"  . U   A 1 6  ? -11.559 10.014  5.956   1.00 22.40 ? 6   U   A "C2'"  1 
ATOM   112  O  "O2'"  . U   A 1 6  ? -12.850 10.526  5.720   1.00 23.33 ? 6   U   A "O2'"  1 
ATOM   113  C  "C1'"  . U   A 1 6  ? -10.919 10.828  7.081   1.00 21.84 ? 6   U   A "C1'"  1 
ATOM   114  N  N1     . U   A 1 6  ? -9.450  10.852  7.007   1.00 19.42 ? 6   U   A N1     1 
ATOM   115  C  C2     . U   A 1 6  ? -8.883  11.745  6.109   1.00 20.09 ? 6   U   A C2     1 
ATOM   116  O  O2     . U   A 1 6  ? -9.555  12.422  5.367   1.00 22.43 ? 6   U   A O2     1 
ATOM   117  N  N3     . U   A 1 6  ? -7.509  11.786  6.111   1.00 20.61 ? 6   U   A N3     1 
ATOM   118  C  C4     . U   A 1 6  ? -6.652  11.017  6.876   1.00 21.11 ? 6   U   A C4     1 
ATOM   119  O  O4     . U   A 1 6  ? -5.434  11.168  6.772   1.00 23.92 ? 6   U   A O4     1 
ATOM   120  C  C5     . U   A 1 6  ? -7.308  10.086  7.754   1.00 20.38 ? 6   U   A C5     1 
ATOM   121  C  C6     . U   A 1 6  ? -8.653  10.040  7.789   1.00 20.21 ? 6   U   A C6     1 
ATOM   122  P  P      . G   A 1 7  ? -12.099 6.837   4.779   1.00 22.99 ? 7   G   A P      1 
ATOM   123  O  OP1    . G   A 1 7  ? -13.263 5.965   4.438   1.00 24.41 ? 7   G   A OP1    1 
ATOM   124  O  OP2    . G   A 1 7  ? -10.815 6.232   5.146   1.00 21.42 ? 7   G   A OP2    1 
ATOM   125  O  "O5'"  . G   A 1 7  ? -11.832 7.838   3.566   1.00 22.42 ? 7   G   A "O5'"  1 
ATOM   126  C  "C5'"  . G   A 1 7  ? -12.912 8.554   2.968   1.00 22.86 ? 7   G   A "C5'"  1 
ATOM   127  C  "C4'"  . G   A 1 7  ? -12.383 9.499   1.921   1.00 22.81 ? 7   G   A "C4'"  1 
ATOM   128  O  "O4'"  . G   A 1 7  ? -11.530 10.492  2.548   1.00 22.77 ? 7   G   A "O4'"  1 
ATOM   129  C  "C3'"  . G   A 1 7  ? -11.473 8.865   0.885   1.00 23.92 ? 7   G   A "C3'"  1 
ATOM   130  O  "O3'"  . G   A 1 7  ? -12.224 8.210   -0.119  1.00 25.84 ? 7   G   A "O3'"  1 
ATOM   131  C  "C2'"  . G   A 1 7  ? -10.748 10.091  0.345   1.00 22.86 ? 7   G   A "C2'"  1 
ATOM   132  O  "O2'"  . G   A 1 7  ? -11.563 10.869  -0.512  1.00 25.40 ? 7   G   A "O2'"  1 
ATOM   133  C  "C1'"  . G   A 1 7  ? -10.506 10.873  1.636   1.00 23.34 ? 7   G   A "C1'"  1 
ATOM   134  N  N9     . G   A 1 7  ? -9.215  10.543  2.223   1.00 22.71 ? 7   G   A N9     1 
ATOM   135  C  C8     . G   A 1 7  ? -8.953  9.664   3.249   1.00 21.35 ? 7   G   A C8     1 
ATOM   136  N  N7     . G   A 1 7  ? -7.684  9.582   3.545   1.00 23.45 ? 7   G   A N7     1 
ATOM   137  C  C5     . G   A 1 7  ? -7.071  10.464  2.661   1.00 21.36 ? 7   G   A C5     1 
ATOM   138  C  C6     . G   A 1 7  ? -5.696  10.810  2.504   1.00 20.57 ? 7   G   A C6     1 
ATOM   139  O  O6     . G   A 1 7  ? -4.715  10.403  3.142   1.00 20.39 ? 7   G   A O6     1 
ATOM   140  N  N1     . G   A 1 7  ? -5.521  11.732  1.474   1.00 22.74 ? 7   G   A N1     1 
ATOM   141  C  C2     . G   A 1 7  ? -6.529  12.259  0.700   1.00 22.22 ? 7   G   A C2     1 
ATOM   142  N  N2     . G   A 1 7  ? -6.158  13.126  -0.268  1.00 23.83 ? 7   G   A N2     1 
ATOM   143  N  N3     . G   A 1 7  ? -7.812  11.960  0.849   1.00 23.24 ? 7   G   A N3     1 
ATOM   144  C  C4     . G   A 1 7  ? -8.005  11.059  1.838   1.00 21.78 ? 7   G   A C4     1 
ATOM   145  P  P      . A   A 1 8  ? -12.020 6.640   -0.368  1.00 27.69 ? 8   A   A P      1 
ATOM   146  O  OP1    . A   A 1 8  ? -13.117 5.928   0.344   1.00 28.78 ? 8   A   A OP1    1 
ATOM   147  O  OP2    . A   A 1 8  ? -10.611 6.289   -0.059  1.00 26.74 ? 8   A   A OP2    1 
ATOM   148  O  "O5'"  . A   A 1 8  ? -12.294 6.475   -1.927  1.00 28.22 ? 8   A   A "O5'"  1 
ATOM   149  C  "C5'"  . A   A 1 8  ? -11.271 6.760   -2.888  1.00 29.19 ? 8   A   A "C5'"  1 
ATOM   150  C  "C4'"  . A   A 1 8  ? -10.582 5.479   -3.271  1.00 28.71 ? 8   A   A "C4'"  1 
ATOM   151  O  "O4'"  . A   A 1 8  ? -11.576 4.579   -3.829  1.00 27.69 ? 8   A   A "O4'"  1 
ATOM   152  C  "C3'"  . A   A 1 8  ? -9.454  5.575   -4.298  1.00 29.96 ? 8   A   A "C3'"  1 
ATOM   153  O  "O3'"  . A   A 1 8  ? -8.389  4.728   -3.889  1.00 37.18 ? 8   A   A "O3'"  1 
ATOM   154  C  "C2'"  . A   A 1 8  ? -10.096 5.005   -5.563  1.00 28.22 ? 8   A   A "C2'"  1 
ATOM   155  O  "O2'"  . A   A 1 8  ? -9.149  4.395   -6.419  1.00 25.75 ? 8   A   A "O2'"  1 
ATOM   156  C  "C1'"  . A   A 1 8  ? -11.034 3.956   -4.974  1.00 27.58 ? 8   A   A "C1'"  1 
ATOM   157  N  N9     . A   A 1 8  ? -12.127 3.562   -5.866  1.00 25.62 ? 8   A   A N9     1 
ATOM   158  C  C8     . A   A 1 8  ? -12.995 4.361   -6.571  1.00 26.07 ? 8   A   A C8     1 
ATOM   159  N  N7     . A   A 1 8  ? -13.829 3.691   -7.331  1.00 25.18 ? 8   A   A N7     1 
ATOM   160  C  C5     . A   A 1 8  ? -13.497 2.362   -7.103  1.00 24.41 ? 8   A   A C5     1 
ATOM   161  C  C6     . A   A 1 8  ? -13.998 1.151   -7.626  1.00 24.16 ? 8   A   A C6     1 
ATOM   162  N  N6     . A   A 1 8  ? -14.974 1.081   -8.534  1.00 26.19 ? 8   A   A N6     1 
ATOM   163  N  N1     . A   A 1 8  ? -13.443 0.001   -7.183  1.00 25.11 ? 8   A   A N1     1 
ATOM   164  C  C2     . A   A 1 8  ? -12.450 0.068   -6.287  1.00 25.44 ? 8   A   A C2     1 
ATOM   165  N  N3     . A   A 1 8  ? -11.888 1.142   -5.732  1.00 24.69 ? 8   A   A N3     1 
ATOM   166  C  C4     . A   A 1 8  ? -12.463 2.268   -6.189  1.00 25.37 ? 8   A   A C4     1 
ATOM   167  P  P      . A   A 1 9  ? -6.912  5.336   -3.699  1.00 30.08 ? 9   A   A P      1 
ATOM   168  O  OP1    . A   A 1 9  ? -6.229  4.541   -2.648  1.00 39.52 ? 9   A   A OP1    1 
ATOM   169  O  OP2    . A   A 1 9  ? -7.018  6.810   -3.552  1.00 38.54 ? 9   A   A OP2    1 
ATOM   170  O  "O5'"  . A   A 1 9  ? -6.205  5.053   -5.102  1.00 30.48 ? 9   A   A "O5'"  1 
ATOM   171  C  "C5'"  . A   A 1 9  ? -6.151  3.724   -5.652  1.00 27.13 ? 9   A   A "C5'"  1 
ATOM   172  C  "C4'"  . A   A 1 9  ? -5.661  3.790   -7.077  1.00 26.60 ? 9   A   A "C4'"  1 
ATOM   173  O  "O4'"  . A   A 1 9  ? -6.578  4.622   -7.827  1.00 26.05 ? 9   A   A "O4'"  1 
ATOM   174  C  "C3'"  . A   A 1 9  ? -4.301  4.453   -7.241  1.00 26.80 ? 9   A   A "C3'"  1 
ATOM   175  O  "O3'"  . A   A 1 9  ? -3.258  3.488   -7.137  1.00 26.17 ? 9   A   A "O3'"  1 
ATOM   176  C  "C2'"  . A   A 1 9  ? -4.381  5.016   -8.658  1.00 27.75 ? 9   A   A "C2'"  1 
ATOM   177  O  "O2'"  . A   A 1 9  ? -4.124  4.015   -9.615  1.00 27.87 ? 9   A   A "O2'"  1 
ATOM   178  C  "C1'"  . A   A 1 9  ? -5.854  5.427   -8.743  1.00 27.25 ? 9   A   A "C1'"  1 
ATOM   179  N  N9     . A   A 1 9  ? -6.112  6.827   -8.409  1.00 30.07 ? 9   A   A N9     1 
ATOM   180  C  C8     . A   A 1 9  ? -6.505  7.339   -7.197  1.00 30.89 ? 9   A   A C8     1 
ATOM   181  N  N7     . A   A 1 9  ? -6.678  8.639   -7.203  1.00 32.13 ? 9   A   A N7     1 
ATOM   182  C  C5     . A   A 1 9  ? -6.383  9.007   -8.509  1.00 30.52 ? 9   A   A C5     1 
ATOM   183  C  C6     . A   A 1 9  ? -6.389  10.251  -9.166  1.00 31.11 ? 9   A   A C6     1 
ATOM   184  N  N6     . A   A 1 9  ? -6.736  11.402  -8.576  1.00 32.95 ? 9   A   A N6     1 
ATOM   185  N  N1     . A   A 1 9  ? -6.031  10.273  -10.466 1.00 29.69 ? 9   A   A N1     1 
ATOM   186  C  C2     . A   A 1 9  ? -5.699  9.119   -11.061 1.00 29.60 ? 9   A   A C2     1 
ATOM   187  N  N3     . A   A 1 9  ? -5.664  7.888   -10.556 1.00 29.98 ? 9   A   A N3     1 
ATOM   188  C  C4     . A   A 1 9  ? -6.021  7.901   -9.260  1.00 30.50 ? 9   A   A C4     1 
ATOM   189  P  P      . G   A 1 10 ? -2.214  3.539   -5.909  1.00 28.11 ? 10  G   A P      1 
ATOM   190  O  OP1    . G   A 1 10 ? -1.362  2.326   -5.992  1.00 27.07 ? 10  G   A OP1    1 
ATOM   191  O  OP2    . G   A 1 10 ? -2.988  3.799   -4.660  1.00 26.52 ? 10  G   A OP2    1 
ATOM   192  O  "O5'"  . G   A 1 10 ? -1.317  4.829   -6.189  1.00 27.90 ? 10  G   A "O5'"  1 
ATOM   193  C  "C5'"  . G   A 1 10 ? -0.807  5.124   -7.514  1.00 29.67 ? 10  G   A "C5'"  1 
ATOM   194  C  "C4'"  . G   A 1 10 ? 0.321   6.132   -7.418  1.00 29.16 ? 10  G   A "C4'"  1 
ATOM   195  O  "O4'"  . G   A 1 10 ? -0.150  7.305   -6.702  1.00 29.69 ? 10  G   A "O4'"  1 
ATOM   196  C  "C3'"  . G   A 1 10 ? 1.548   5.656   -6.652  1.00 29.70 ? 10  G   A "C3'"  1 
ATOM   197  O  "O3'"  . G   A 1 10 ? 2.460   5.034   -7.557  1.00 29.55 ? 10  G   A "O3'"  1 
ATOM   198  C  "C2'"  . G   A 1 10 ? 2.110   6.952   -6.082  1.00 29.27 ? 10  G   A "C2'"  1 
ATOM   199  O  "O2'"  . G   A 1 10 ? 2.845   7.684   -7.041  1.00 30.24 ? 10  G   A "O2'"  1 
ATOM   200  C  "C1'"  . G   A 1 10 ? 0.827   7.724   -5.768  1.00 29.60 ? 10  G   A "C1'"  1 
ATOM   201  N  N9     . G   A 1 10 ? 0.297   7.445   -4.439  1.00 27.44 ? 10  G   A N9     1 
ATOM   202  C  C8     . G   A 1 10 ? -0.969  7.002   -4.149  1.00 27.59 ? 10  G   A C8     1 
ATOM   203  N  N7     . G   A 1 10 ? -1.163  6.807   -2.871  1.00 26.43 ? 10  G   A N7     1 
ATOM   204  C  C5     . G   A 1 10 ? 0.048   7.148   -2.284  1.00 26.84 ? 10  G   A C5     1 
ATOM   205  C  C6     . G   A 1 10 ? 0.439   7.135   -0.923  1.00 26.55 ? 10  G   A C6     1 
ATOM   206  O  O6     . G   A 1 10 ? -0.226  6.796   0.061   1.00 25.55 ? 10  G   A O6     1 
ATOM   207  N  N1     . G   A 1 10 ? 1.748   7.569   -0.760  1.00 26.38 ? 10  G   A N1     1 
ATOM   208  C  C2     . G   A 1 10 ? 2.585   7.956   -1.786  1.00 27.50 ? 10  G   A C2     1 
ATOM   209  N  N2     . G   A 1 10 ? 3.823   8.336   -1.426  1.00 28.46 ? 10  G   A N2     1 
ATOM   210  N  N3     . G   A 1 10 ? 2.233   7.965   -3.065  1.00 27.31 ? 10  G   A N3     1 
ATOM   211  C  C4     . G   A 1 10 ? 0.959   7.552   -3.239  1.00 27.83 ? 10  G   A C4     1 
ATOM   212  P  P      . U   A 1 11 ? 3.396   3.825   -7.069  1.00 29.52 ? 11  U   A P      1 
ATOM   213  O  OP1    . U   A 1 11 ? 4.247   3.445   -8.242  1.00 30.08 ? 11  U   A OP1    1 
ATOM   214  O  OP2    . U   A 1 11 ? 2.560   2.784   -6.408  1.00 30.11 ? 11  U   A OP2    1 
ATOM   215  O  "O5'"  . U   A 1 11 ? 4.332   4.479   -5.962  1.00 30.12 ? 11  U   A "O5'"  1 
ATOM   216  C  "C5'"  . U   A 1 11 ? 5.416   5.346   -6.327  1.00 31.11 ? 11  U   A "C5'"  1 
ATOM   217  C  "C4'"  . U   A 1 11 ? 6.319   5.564   -5.142  1.00 31.58 ? 11  U   A "C4'"  1 
ATOM   218  O  "O4'"  . U   A 1 11 ? 5.592   6.285   -4.113  1.00 29.89 ? 11  U   A "O4'"  1 
ATOM   219  C  "C3'"  . U   A 1 11 ? 6.779   4.299   -4.434  1.00 30.80 ? 11  U   A "C3'"  1 
ATOM   220  O  "O3'"  . U   A 1 11 ? 7.873   3.681   -5.102  1.00 31.50 ? 11  U   A "O3'"  1 
ATOM   221  C  "C2'"  . U   A 1 11 ? 7.152   4.837   -3.060  1.00 30.81 ? 11  U   A "C2'"  1 
ATOM   222  O  "O2'"  . U   A 1 11 ? 8.384   5.532   -3.071  1.00 30.51 ? 11  U   A "O2'"  1 
ATOM   223  C  "C1'"  . U   A 1 11 ? 6.028   5.851   -2.836  1.00 30.33 ? 11  U   A "C1'"  1 
ATOM   224  N  N1     . U   A 1 11 ? 4.870   5.282   -2.136  1.00 27.83 ? 11  U   A N1     1 
ATOM   225  C  C2     . U   A 1 11 ? 4.966   5.146   -0.775  1.00 26.04 ? 11  U   A C2     1 
ATOM   226  O  O2     . U   A 1 11 ? 5.973   5.440   -0.162  1.00 25.88 ? 11  U   A O2     1 
ATOM   227  N  N3     . U   A 1 11 ? 3.840   4.652   -0.162  1.00 25.99 ? 11  U   A N3     1 
ATOM   228  C  C4     . U   A 1 11 ? 2.655   4.284   -0.775  1.00 26.29 ? 11  U   A C4     1 
ATOM   229  O  O4     . U   A 1 11 ? 1.690   3.953   -0.085  1.00 26.38 ? 11  U   A O4     1 
ATOM   230  C  C5     . U   A 1 11 ? 2.650   4.431   -2.196  1.00 25.77 ? 11  U   A C5     1 
ATOM   231  C  C6     . U   A 1 11 ? 3.734   4.915   -2.811  1.00 26.91 ? 11  U   A C6     1 
ATOM   232  P  P      . G   A 1 12 ? 8.112   2.099   -4.949  1.00 32.61 ? 12  G   A P      1 
ATOM   233  O  OP1    . G   A 1 12 ? 9.220   1.722   -5.878  1.00 32.41 ? 12  G   A OP1    1 
ATOM   234  O  OP2    . G   A 1 12 ? 6.812   1.391   -5.044  1.00 30.70 ? 12  G   A OP2    1 
ATOM   235  O  "O5'"  . G   A 1 12 ? 8.652   1.941   -3.463  1.00 32.11 ? 12  G   A "O5'"  1 
ATOM   236  C  "C5'"  . G   A 1 12 ? 9.969   2.391   -3.119  1.00 31.89 ? 12  G   A "C5'"  1 
ATOM   237  C  "C4'"  . G   A 1 12 ? 10.244  2.134   -1.661  1.00 30.66 ? 12  G   A "C4'"  1 
ATOM   238  O  "O4'"  . G   A 1 12 ? 9.354   2.946   -0.853  1.00 29.95 ? 12  G   A "O4'"  1 
ATOM   239  C  "C3'"  . G   A 1 12 ? 9.969   0.724   -1.169  1.00 30.83 ? 12  G   A "C3'"  1 
ATOM   240  O  "O3'"  . G   A 1 12 ? 11.003  -0.186  -1.511  1.00 30.76 ? 12  G   A "O3'"  1 
ATOM   241  C  "C2'"  . G   A 1 12 ? 9.867   0.954   0.330   1.00 29.30 ? 12  G   A "C2'"  1 
ATOM   242  O  "O2'"  . G   A 1 12 ? 11.137  1.150   0.921   1.00 31.39 ? 12  G   A "O2'"  1 
ATOM   243  C  "C1'"  . G   A 1 12 ? 9.088   2.272   0.368   1.00 29.28 ? 12  G   A "C1'"  1 
ATOM   244  N  N9     . G   A 1 12 ? 7.652   2.032   0.470   1.00 26.67 ? 12  G   A N9     1 
ATOM   245  C  C8     . G   A 1 12 ? 6.733   1.928   -0.548  1.00 27.33 ? 12  G   A C8     1 
ATOM   246  N  N7     . G   A 1 12 ? 5.529   1.652   -0.123  1.00 26.00 ? 12  G   A N7     1 
ATOM   247  C  C5     . G   A 1 12 ? 5.661   1.589   1.261   1.00 25.73 ? 12  G   A C5     1 
ATOM   248  C  C6     . G   A 1 12 ? 4.700   1.323   2.272   1.00 25.12 ? 12  G   A C6     1 
ATOM   249  O  O6     . G   A 1 12 ? 3.492   1.085   2.148   1.00 23.84 ? 12  G   A O6     1 
ATOM   250  N  N1     . G   A 1 12 ? 5.275   1.351   3.541   1.00 25.97 ? 12  G   A N1     1 
ATOM   251  C  C2     . G   A 1 12 ? 6.597   1.601   3.805   1.00 25.35 ? 12  G   A C2     1 
ATOM   252  N  N2     . G   A 1 12 ? 6.967   1.571   5.088   1.00 27.07 ? 12  G   A N2     1 
ATOM   253  N  N3     . G   A 1 12 ? 7.497   1.860   2.875   1.00 26.19 ? 12  G   A N3     1 
ATOM   254  C  C4     . G   A 1 12 ? 6.964   1.832   1.637   1.00 26.67 ? 12  G   A C4     1 
ATOM   255  P  P      . C   A 1 13 ? 10.656  -1.739  -1.719  1.00 31.84 ? 13  C   A P      1 
ATOM   256  O  OP1    . C   A 1 13 ? 11.882  -2.416  -2.230  1.00 32.69 ? 13  C   A OP1    1 
ATOM   257  O  OP2    . C   A 1 13 ? 9.389   -1.855  -2.478  1.00 30.55 ? 13  C   A OP2    1 
ATOM   258  O  "O5'"  . C   A 1 13 ? 10.384  -2.270  -0.242  1.00 30.06 ? 13  C   A "O5'"  1 
ATOM   259  C  "C5'"  . C   A 1 13 ? 11.432  -2.265  0.739   1.00 30.20 ? 13  C   A "C5'"  1 
ATOM   260  C  "C4'"  . C   A 1 13 ? 10.865  -2.520  2.111   1.00 30.11 ? 13  C   A "C4'"  1 
ATOM   261  O  "O4'"  . C   A 1 13 ? 9.898   -1.486  2.437   1.00 28.85 ? 13  C   A "O4'"  1 
ATOM   262  C  "C3'"  . C   A 1 13 ? 10.063  -3.798  2.270   1.00 30.38 ? 13  C   A "C3'"  1 
ATOM   263  O  "O3'"  . C   A 1 13 ? 10.894  -4.942  2.398   1.00 32.33 ? 13  C   A "O3'"  1 
ATOM   264  C  "C2'"  . C   A 1 13 ? 9.266   -3.490  3.528   1.00 28.61 ? 13  C   A "C2'"  1 
ATOM   265  O  "O2'"  . C   A 1 13 ? 10.066  -3.546  4.689   1.00 28.18 ? 13  C   A "O2'"  1 
ATOM   266  C  "C1'"  . C   A 1 13 ? 8.887   -2.031  3.269   1.00 28.15 ? 13  C   A "C1'"  1 
ATOM   267  N  N1     . C   A 1 13 ? 7.596   -1.943  2.572   1.00 26.60 ? 13  C   A N1     1 
ATOM   268  C  C2     . C   A 1 13 ? 6.439   -2.032  3.334   1.00 26.66 ? 13  C   A C2     1 
ATOM   269  O  O2     . C   A 1 13 ? 6.557   -2.148  4.563   1.00 26.99 ? 13  C   A O2     1 
ATOM   270  N  N3     . C   A 1 13 ? 5.230   -1.993  2.722   1.00 27.10 ? 13  C   A N3     1 
ATOM   271  C  C4     . C   A 1 13 ? 5.163   -1.864  1.394   1.00 26.18 ? 13  C   A C4     1 
ATOM   272  N  N4     . C   A 1 13 ? 3.955   -1.848  0.828   1.00 24.81 ? 13  C   A N4     1 
ATOM   273  C  C5     . C   A 1 13 ? 6.335   -1.754  0.589   1.00 27.70 ? 13  C   A C5     1 
ATOM   274  C  C6     . C   A 1 13 ? 7.520   -1.795  1.215   1.00 27.90 ? 13  C   A C6     1 
ATOM   275  P  P      . A   A 1 14 ? 10.494  -6.300  1.634   1.00 33.61 ? 14  A   A P      1 
ATOM   276  O  OP1    . A   A 1 14 ? 11.685  -7.187  1.638   1.00 34.71 ? 14  A   A OP1    1 
ATOM   277  O  OP2    . A   A 1 14 ? 9.851   -5.941  0.341   1.00 34.51 ? 14  A   A OP2    1 
ATOM   278  O  "O5'"  . A   A 1 14 ? 9.371   -6.941  2.563   1.00 32.96 ? 14  A   A "O5'"  1 
ATOM   279  C  "C5'"  . A   A 1 14 ? 9.711   -7.449  3.863   1.00 33.22 ? 14  A   A "C5'"  1 
ATOM   280  C  "C4'"  . A   A 1 14 ? 8.463   -7.708  4.677   1.00 32.26 ? 14  A   A "C4'"  1 
ATOM   281  O  "O4'"  . A   A 1 14 ? 7.733   -6.467  4.873   1.00 30.90 ? 14  A   A "O4'"  1 
ATOM   282  C  "C3'"  . A   A 1 14 ? 7.414   -8.622  4.071   1.00 32.96 ? 14  A   A "C3'"  1 
ATOM   283  O  "O3'"  . A   A 1 14 ? 7.742   -9.995  4.183   1.00 35.57 ? 14  A   A "O3'"  1 
ATOM   284  C  "C2'"  . A   A 1 14 ? 6.199   -8.270  4.911   1.00 32.45 ? 14  A   A "C2'"  1 
ATOM   285  O  "O2'"  . A   A 1 14 ? 6.283   -8.819  6.211   1.00 31.13 ? 14  A   A "O2'"  1 
ATOM   286  C  "C1'"  . A   A 1 14 ? 6.344   -6.751  4.990   1.00 30.05 ? 14  A   A "C1'"  1 
ATOM   287  N  N9     . A   A 1 14 ? 5.633   -6.133  3.871   1.00 28.83 ? 14  A   A N9     1 
ATOM   288  C  C8     . A   A 1 14 ? 6.120   -5.636  2.686   1.00 27.37 ? 14  A   A C8     1 
ATOM   289  N  N7     . A   A 1 14 ? 5.184   -5.215  1.868   1.00 25.25 ? 14  A   A N7     1 
ATOM   290  C  C5     . A   A 1 14 ? 4.007   -5.430  2.570   1.00 27.29 ? 14  A   A C5     1 
ATOM   291  C  C6     . A   A 1 14 ? 2.660   -5.197  2.253   1.00 26.46 ? 14  A   A C6     1 
ATOM   292  N  N6     . A   A 1 14 ? 2.250   -4.683  1.090   1.00 26.90 ? 14  A   A N6     1 
ATOM   293  N  N1     . A   A 1 14 ? 1.730   -5.522  3.181   1.00 26.16 ? 14  A   A N1     1 
ATOM   294  C  C2     . A   A 1 14 ? 2.141   -6.053  4.339   1.00 25.91 ? 14  A   A C2     1 
ATOM   295  N  N3     . A   A 1 14 ? 3.373   -6.324  4.752   1.00 25.52 ? 14  A   A N3     1 
ATOM   296  C  C4     . A   A 1 14 ? 4.273   -5.984  3.811   1.00 26.71 ? 14  A   A C4     1 
ATOM   297  P  P      . C   A 1 15 ? 7.181   -11.033 3.092   1.00 38.54 ? 15  C   A P      1 
ATOM   298  O  OP1    . C   A 1 15 ? 7.720   -12.370 3.449   1.00 39.30 ? 15  C   A OP1    1 
ATOM   299  O  OP2    . C   A 1 15 ? 7.446   -10.479 1.742   1.00 37.81 ? 15  C   A OP2    1 
ATOM   300  O  "O5'"  . C   A 1 15 ? 5.600   -11.040 3.308   1.00 36.36 ? 15  C   A "O5'"  1 
ATOM   301  C  "C5'"  . C   A 1 15 ? 5.028   -11.610 4.494   1.00 35.74 ? 15  C   A "C5'"  1 
ATOM   302  C  "C4'"  . C   A 1 15 ? 3.524   -11.411 4.527   1.00 33.89 ? 15  C   A "C4'"  1 
ATOM   303  O  "O4'"  . C   A 1 15 ? 3.213   -10.004 4.329   1.00 33.13 ? 15  C   A "O4'"  1 
ATOM   304  C  "C3'"  . C   A 1 15 ? 2.665   -12.061 3.452   1.00 33.00 ? 15  C   A "C3'"  1 
ATOM   305  O  "O3'"  . C   A 1 15 ? 2.454   -13.459 3.648   1.00 34.51 ? 15  C   A "O3'"  1 
ATOM   306  C  "C2'"  . C   A 1 15 ? 1.355   -11.310 3.649   1.00 32.80 ? 15  C   A "C2'"  1 
ATOM   307  O  "O2'"  . C   A 1 15 ? 0.656   -11.755 4.793   1.00 33.04 ? 15  C   A "O2'"  1 
ATOM   308  C  "C1'"  . C   A 1 15 ? 1.865   -9.888  3.901   1.00 31.65 ? 15  C   A "C1'"  1 
ATOM   309  N  N1     . C   A 1 15 ? 1.807   -9.106  2.657   1.00 30.76 ? 15  C   A N1     1 
ATOM   310  C  C2     . C   A 1 15 ? 0.558   -8.670  2.218   1.00 30.23 ? 15  C   A C2     1 
ATOM   311  O  O2     . C   A 1 15 ? -0.434  -8.896  2.932   1.00 29.42 ? 15  C   A O2     1 
ATOM   312  N  N3     . C   A 1 15 ? 0.459   -8.012  1.040   1.00 29.72 ? 15  C   A N3     1 
ATOM   313  C  C4     . C   A 1 15 ? 1.559   -7.768  0.322   1.00 29.08 ? 15  C   A C4     1 
ATOM   314  N  N4     . C   A 1 15 ? 1.416   -7.127  -0.844  1.00 29.19 ? 15  C   A N4     1 
ATOM   315  C  C5     . C   A 1 15 ? 2.852   -8.171  0.765   1.00 29.28 ? 15  C   A C5     1 
ATOM   316  C  C6     . C   A 1 15 ? 2.930   -8.832  1.929   1.00 28.99 ? 15  C   A C6     1 
ATOM   317  P  P      . A   A 1 16 ? 2.085   -14.395 2.387   1.00 35.35 ? 16  A   A P      1 
ATOM   318  O  OP1    . A   A 1 16 ? 2.024   -15.806 2.853   1.00 36.37 ? 16  A   A OP1    1 
ATOM   319  O  OP2    . A   A 1 16 ? 3.009   -14.025 1.281   1.00 35.24 ? 16  A   A OP2    1 
ATOM   320  O  "O5'"  . A   A 1 16 ? 0.622   -13.944 1.953   1.00 35.08 ? 16  A   A "O5'"  1 
ATOM   321  C  "C5'"  . A   A 1 16 ? -0.496  -14.148 2.831   1.00 35.53 ? 16  A   A "C5'"  1 
ATOM   322  C  "C4'"  . A   A 1 16 ? -1.761  -13.593 2.222   1.00 35.51 ? 16  A   A "C4'"  1 
ATOM   323  O  "O4'"  . A   A 1 16 ? -1.624  -12.162 2.006   1.00 35.20 ? 16  A   A "O4'"  1 
ATOM   324  C  "C3'"  . A   A 1 16 ? -2.144  -14.105 0.845   1.00 35.89 ? 16  A   A "C3'"  1 
ATOM   325  O  "O3'"  . A   A 1 16 ? -2.739  -15.394 0.899   1.00 37.53 ? 16  A   A "O3'"  1 
ATOM   326  C  "C2'"  . A   A 1 16 ? -3.128  -13.033 0.392   1.00 35.48 ? 16  A   A "C2'"  1 
ATOM   327  O  "O2'"  . A   A 1 16 ? -4.395  -13.154 1.006   1.00 36.58 ? 16  A   A "O2'"  1 
ATOM   328  C  "C1'"  . A   A 1 16 ? -2.452  -11.768 0.923   1.00 34.21 ? 16  A   A "C1'"  1 
ATOM   329  N  N9     . A   A 1 16 ? -1.624  -11.114 -0.091  1.00 33.44 ? 16  A   A N9     1 
ATOM   330  C  C8     . A   A 1 16 ? -0.256  -11.130 -0.225  1.00 32.02 ? 16  A   A C8     1 
ATOM   331  N  N7     . A   A 1 16 ? 0.182   -10.454 -1.261  1.00 32.18 ? 16  A   A N7     1 
ATOM   332  C  C5     . A   A 1 16 ? -0.974  -9.956  -1.846  1.00 31.97 ? 16  A   A C5     1 
ATOM   333  C  C6     . A   A 1 16 ? -1.193  -9.160  -2.986  1.00 31.32 ? 16  A   A C6     1 
ATOM   334  N  N6     . A   A 1 16 ? -0.213  -8.705  -3.773  1.00 29.76 ? 16  A   A N6     1 
ATOM   335  N  N1     . A   A 1 16 ? -2.469  -8.842  -3.295  1.00 30.88 ? 16  A   A N1     1 
ATOM   336  C  C2     . A   A 1 16 ? -3.451  -9.299  -2.508  1.00 31.17 ? 16  A   A C2     1 
ATOM   337  N  N3     . A   A 1 16 ? -3.373  -10.054 -1.413  1.00 32.13 ? 16  A   A N3     1 
ATOM   338  C  C4     . A   A 1 16 ? -2.093  -10.351 -1.134  1.00 32.54 ? 16  A   A C4     1 
ATOM   339  P  P      . C   A 1 17 ? -2.547  -16.405 -0.335  1.00 37.99 ? 17  C   A P      1 
ATOM   340  O  OP1    . C   A 1 17 ? -3.238  -17.680 -0.004  1.00 39.74 ? 17  C   A OP1    1 
ATOM   341  O  OP2    . C   A 1 17 ? -1.102  -16.418 -0.675  1.00 37.43 ? 17  C   A OP2    1 
ATOM   342  O  "O5'"  . C   A 1 17 ? -3.323  -15.695 -1.530  1.00 38.18 ? 17  C   A "O5'"  1 
ATOM   343  C  "C5'"  . C   A 1 17 ? -4.752  -15.579 -1.515  1.00 37.77 ? 17  C   A "C5'"  1 
ATOM   344  C  "C4'"  . C   A 1 17 ? -5.232  -14.865 -2.757  1.00 37.86 ? 17  C   A "C4'"  1 
ATOM   345  O  "O4'"  . C   A 1 17 ? -4.789  -13.480 -2.741  1.00 36.84 ? 17  C   A "O4'"  1 
ATOM   346  C  "C3'"  . C   A 1 17 ? -4.686  -15.391 -4.071  1.00 38.34 ? 17  C   A "C3'"  1 
ATOM   347  O  "O3'"  . C   A 1 17 ? -5.350  -16.573 -4.498  1.00 39.69 ? 17  C   A "O3'"  1 
ATOM   348  C  "C2'"  . C   A 1 17 ? -4.919  -14.206 -4.997  1.00 38.02 ? 17  C   A "C2'"  1 
ATOM   349  O  "O2'"  . C   A 1 17 ? -6.270  -14.091 -5.396  1.00 38.72 ? 17  C   A "O2'"  1 
ATOM   350  C  "C1'"  . C   A 1 17 ? -4.561  -13.039 -4.074  1.00 37.41 ? 17  C   A "C1'"  1 
ATOM   351  N  N1     . C   A 1 17 ? -3.145  -12.662 -4.208  1.00 35.09 ? 17  C   A N1     1 
ATOM   352  C  C2     . C   A 1 17 ? -2.787  -11.749 -5.209  1.00 34.33 ? 17  C   A C2     1 
ATOM   353  O  O2     . C   A 1 17 ? -3.677  -11.258 -5.915  1.00 34.99 ? 17  C   A O2     1 
ATOM   354  N  N3     . C   A 1 17 ? -1.485  -11.428 -5.377  1.00 33.38 ? 17  C   A N3     1 
ATOM   355  C  C4     . C   A 1 17 ? -0.557  -11.979 -4.591  1.00 32.15 ? 17  C   A C4     1 
ATOM   356  N  N4     . C   A 1 17 ? 0.717   -11.648 -4.806  1.00 31.92 ? 17  C   A N4     1 
ATOM   357  C  C5     . C   A 1 17 ? -0.895  -12.896 -3.553  1.00 33.16 ? 17  C   A C5     1 
ATOM   358  C  C6     . C   A 1 17 ? -2.190  -13.203 -3.394  1.00 34.20 ? 17  C   A C6     1 
ATOM   359  P  P      . A   A 1 18 ? -4.545  -17.664 -5.365  1.00 40.01 ? 18  A   A P      1 
ATOM   360  O  OP1    . A   A 1 18 ? -5.449  -18.826 -5.601  1.00 42.37 ? 18  A   A OP1    1 
ATOM   361  O  OP2    . A   A 1 18 ? -3.225  -17.882 -4.728  1.00 40.68 ? 18  A   A OP2    1 
ATOM   362  O  "O5'"  . A   A 1 18 ? -4.321  -16.935 -6.759  1.00 39.00 ? 18  A   A "O5'"  1 
ATOM   363  C  "C5'"  . A   A 1 18 ? -5.448  -16.560 -7.562  1.00 38.22 ? 18  A   A "C5'"  1 
ATOM   364  C  "C4'"  . A   A 1 18 ? -4.999  -15.797 -8.781  1.00 37.31 ? 18  A   A "C4'"  1 
ATOM   365  O  "O4'"  . A   A 1 18 ? -4.418  -14.527 -8.387  1.00 36.99 ? 18  A   A "O4'"  1 
ATOM   366  C  "C3'"  . A   A 1 18 ? -3.907  -16.444 -9.610  1.00 37.26 ? 18  A   A "C3'"  1 
ATOM   367  O  "O3'"  . A   A 1 18 ? -4.416  -17.464 -10.457 1.00 38.50 ? 18  A   A "O3'"  1 
ATOM   368  C  "C2'"  . A   A 1 18 ? -3.379  -15.249 -10.390 1.00 35.92 ? 18  A   A "C2'"  1 
ATOM   369  O  "O2'"  . A   A 1 18 ? -4.258  -14.866 -11.429 1.00 37.28 ? 18  A   A "O2'"  1 
ATOM   370  C  "C1'"  . A   A 1 18 ? -3.404  -14.166 -9.311  1.00 35.15 ? 18  A   A "C1'"  1 
ATOM   371  N  N9     . A   A 1 18 ? -2.137  -14.069 -8.586  1.00 32.74 ? 18  A   A N9     1 
ATOM   372  C  C8     . A   A 1 18 ? -1.816  -14.604 -7.364  1.00 31.28 ? 18  A   A C8     1 
ATOM   373  N  N7     . A   A 1 18 ? -0.594  -14.337 -6.974  1.00 31.33 ? 18  A   A N7     1 
ATOM   374  C  C5     . A   A 1 18 ? -0.075  -13.573 -8.010  1.00 30.19 ? 18  A   A C5     1 
ATOM   375  C  C6     . A   A 1 18 ? 1.178   -12.968 -8.201  1.00 29.12 ? 18  A   A C6     1 
ATOM   376  N  N6     . A   A 1 18 ? 2.177   -13.034 -7.317  1.00 30.54 ? 18  A   A N6     1 
ATOM   377  N  N1     . A   A 1 18 ? 1.372   -12.280 -9.347  1.00 28.95 ? 18  A   A N1     1 
ATOM   378  C  C2     . A   A 1 18 ? 0.369   -12.207 -10.228 1.00 30.26 ? 18  A   A C2     1 
ATOM   379  N  N3     . A   A 1 18 ? -0.854  -12.727 -10.160 1.00 30.75 ? 18  A   A N3     1 
ATOM   380  C  C4     . A   A 1 18 ? -1.012  -13.407 -9.012  1.00 30.57 ? 18  A   A C4     1 
ATOM   381  P  P      . G   A 1 19 ? -3.434  -18.625 -10.977 1.00 39.53 ? 19  G   A P      1 
ATOM   382  O  OP1    . G   A 1 19 ? -4.272  -19.677 -11.618 1.00 40.41 ? 19  G   A OP1    1 
ATOM   383  O  OP2    . G   A 1 19 ? -2.509  -18.996 -9.878  1.00 39.39 ? 19  G   A OP2    1 
ATOM   384  O  "O5'"  . G   A 1 19 ? -2.577  -17.909 -12.106 1.00 38.32 ? 19  G   A "O5'"  1 
ATOM   385  C  "C5'"  . G   A 1 19 ? -3.212  -17.366 -13.265 1.00 37.46 ? 19  G   A "C5'"  1 
ATOM   386  C  "C4'"  . G   A 1 19 ? -2.210  -16.603 -14.090 1.00 37.22 ? 19  G   A "C4'"  1 
ATOM   387  O  "O4'"  . G   A 1 19 ? -1.731  -15.461 -13.331 1.00 36.18 ? 19  G   A "O4'"  1 
ATOM   388  C  "C3'"  . G   A 1 19 ? -0.936  -17.351 -14.437 1.00 36.84 ? 19  G   A "C3'"  1 
ATOM   389  O  "O3'"  . G   A 1 19 ? -1.125  -18.246 -15.524 1.00 36.97 ? 19  G   A "O3'"  1 
ATOM   390  C  "C2'"  . G   A 1 19 ? 0.008   -16.203 -14.766 1.00 36.16 ? 19  G   A "C2'"  1 
ATOM   391  O  "O2'"  . G   A 1 19 ? -0.250  -15.631 -16.034 1.00 36.68 ? 19  G   A "O2'"  1 
ATOM   392  C  "C1'"  . G   A 1 19 ? -0.383  -15.188 -13.689 1.00 35.51 ? 19  G   A "C1'"  1 
ATOM   393  N  N9     . G   A 1 19 ? 0.445   -15.290 -12.491 1.00 33.57 ? 19  G   A N9     1 
ATOM   394  C  C8     . G   A 1 19 ? 0.125   -15.905 -11.304 1.00 32.41 ? 19  G   A C8     1 
ATOM   395  N  N7     . G   A 1 19 ? 1.069   -15.809 -10.406 1.00 33.11 ? 19  G   A N7     1 
ATOM   396  C  C5     . G   A 1 19 ? 2.074   -15.089 -11.038 1.00 32.93 ? 19  G   A C5     1 
ATOM   397  C  C6     . G   A 1 19 ? 3.344   -14.664 -10.562 1.00 32.54 ? 19  G   A C6     1 
ATOM   398  O  O6     . G   A 1 19 ? 3.841   -14.823 -9.441  1.00 31.81 ? 19  G   A O6     1 
ATOM   399  N  N1     . G   A 1 19 ? 4.058   -13.984 -11.545 1.00 32.72 ? 19  G   A N1     1 
ATOM   400  C  C2     . G   A 1 19 ? 3.606   -13.732 -12.816 1.00 31.34 ? 19  G   A C2     1 
ATOM   401  N  N2     . G   A 1 19 ? 4.450   -13.076 -13.622 1.00 32.71 ? 19  G   A N2     1 
ATOM   402  N  N3     . G   A 1 19 ? 2.417   -14.101 -13.265 1.00 31.98 ? 19  G   A N3     1 
ATOM   403  C  C4     . G   A 1 19 ? 1.711   -14.774 -12.331 1.00 32.44 ? 19  G   A C4     1 
ATOM   404  P  P      . C   A 1 20 ? -0.193  -19.551 -15.650 1.00 37.89 ? 20  C   A P      1 
ATOM   405  O  OP1    . C   A 1 20 ? -0.713  -20.363 -16.782 1.00 38.06 ? 20  C   A OP1    1 
ATOM   406  O  OP2    . C   A 1 20 ? -0.033  -20.175 -14.313 1.00 36.79 ? 20  C   A OP2    1 
ATOM   407  O  "O5'"  . C   A 1 20 ? 1.219   -18.961 -16.076 1.00 36.64 ? 20  C   A "O5'"  1 
ATOM   408  C  "C5'"  . C   A 1 20 ? 1.357   -18.224 -17.299 1.00 36.41 ? 20  C   A "C5'"  1 
ATOM   409  C  "C4'"  . C   A 1 20 ? 2.747   -17.659 -17.408 1.00 36.48 ? 20  C   A "C4'"  1 
ATOM   410  O  "O4'"  . C   A 1 20 ? 2.945   -16.626 -16.402 1.00 36.66 ? 20  C   A "O4'"  1 
ATOM   411  C  "C3'"  . C   A 1 20 ? 3.867   -18.642 -17.128 1.00 35.90 ? 20  C   A "C3'"  1 
ATOM   412  O  "O3'"  . C   A 1 20 ? 4.135   -19.483 -18.241 1.00 36.58 ? 20  C   A "O3'"  1 
ATOM   413  C  "C2'"  . C   A 1 20 ? 5.020   -17.707 -16.801 1.00 35.40 ? 20  C   A "C2'"  1 
ATOM   414  O  "O2'"  . C   A 1 20 ? 5.555   -17.108 -17.962 1.00 35.79 ? 20  C   A "O2'"  1 
ATOM   415  C  "C1'"  . C   A 1 20 ? 4.300   -16.636 -15.977 1.00 34.39 ? 20  C   A "C1'"  1 
ATOM   416  N  N1     . C   A 1 20 ? 4.336   -16.930 -14.535 1.00 33.14 ? 20  C   A N1     1 
ATOM   417  C  C2     . C   A 1 20 ? 5.455   -16.537 -13.800 1.00 31.53 ? 20  C   A C2     1 
ATOM   418  O  O2     . C   A 1 20 ? 6.376   -15.943 -14.388 1.00 30.24 ? 20  C   A O2     1 
ATOM   419  N  N3     . C   A 1 20 ? 5.508   -16.811 -12.474 1.00 30.05 ? 20  C   A N3     1 
ATOM   420  C  C4     . C   A 1 20 ? 4.496   -17.456 -11.887 1.00 30.58 ? 20  C   A C4     1 
ATOM   421  N  N4     . C   A 1 20 ? 4.587   -17.715 -10.579 1.00 29.60 ? 20  C   A N4     1 
ATOM   422  C  C5     . C   A 1 20 ? 3.343   -17.866 -12.614 1.00 29.80 ? 20  C   A C5     1 
ATOM   423  C  C6     . C   A 1 20 ? 3.304   -17.583 -13.923 1.00 31.76 ? 20  C   A C6     1 
ATOM   424  P  P      . A   A 1 21 ? 4.726   -20.955 -17.996 1.00 37.16 ? 21  A   A P      1 
ATOM   425  O  OP1    . A   A 1 21 ? 4.805   -21.645 -19.321 1.00 37.03 ? 21  A   A OP1    1 
ATOM   426  O  OP2    . A   A 1 21 ? 3.967   -21.586 -16.886 1.00 36.98 ? 21  A   A OP2    1 
ATOM   427  O  "O5'"  . A   A 1 21 ? 6.206   -20.684 -17.486 1.00 35.73 ? 21  A   A "O5'"  1 
ATOM   428  C  "C5'"  . A   A 1 21 ? 7.150   -20.002 -18.326 1.00 35.66 ? 21  A   A "C5'"  1 
ATOM   429  C  "C4'"  . A   A 1 21 ? 8.451   -19.793 -17.592 1.00 36.02 ? 21  A   A "C4'"  1 
ATOM   430  O  "O4'"  . A   A 1 21 ? 8.273   -18.816 -16.529 1.00 35.39 ? 21  A   A "O4'"  1 
ATOM   431  C  "C3'"  . A   A 1 21 ? 9.013   -21.003 -16.867 1.00 35.10 ? 21  A   A "C3'"  1 
ATOM   432  O  "O3'"  . A   A 1 21 ? 9.669   -21.910 -17.748 1.00 35.84 ? 21  A   A "O3'"  1 
ATOM   433  C  "C2'"  . A   A 1 21 ? 9.970   -20.346 -15.885 1.00 34.71 ? 21  A   A "C2'"  1 
ATOM   434  O  "O2'"  . A   A 1 21 ? 11.152  -19.893 -16.518 1.00 34.33 ? 21  A   A "O2'"  1 
ATOM   435  C  "C1'"  . A   A 1 21 ? 9.153   -19.123 -15.456 1.00 33.95 ? 21  A   A "C1'"  1 
ATOM   436  N  N9     . A   A 1 21 ? 8.353   -19.365 -14.253 1.00 32.25 ? 21  A   A N9     1 
ATOM   437  C  C8     . A   A 1 21 ? 7.029   -19.715 -14.160 1.00 31.63 ? 21  A   A C8     1 
ATOM   438  N  N7     . A   A 1 21 ? 6.603   -19.860 -12.926 1.00 31.36 ? 21  A   A N7     1 
ATOM   439  C  C5     . A   A 1 21 ? 7.724   -19.587 -12.155 1.00 30.11 ? 21  A   A C5     1 
ATOM   440  C  C6     . A   A 1 21 ? 7.935   -19.566 -10.768 1.00 29.49 ? 21  A   A C6     1 
ATOM   441  N  N6     . A   A 1 21 ? 6.982   -19.838 -9.872  1.00 28.10 ? 21  A   A N6     1 
ATOM   442  N  N1     . A   A 1 21 ? 9.170   -19.252 -10.326 1.00 29.31 ? 21  A   A N1     1 
ATOM   443  C  C2     . A   A 1 21 ? 10.123  -18.980 -11.224 1.00 30.70 ? 21  A   A C2     1 
ATOM   444  N  N3     . A   A 1 21 ? 10.048  -18.967 -12.554 1.00 32.05 ? 21  A   A N3     1 
ATOM   445  C  C4     . A   A 1 21 ? 8.808   -19.283 -12.959 1.00 31.65 ? 21  A   A C4     1 
ATOM   446  P  P      . A   A 1 22 ? 9.774   -23.464 -17.353 1.00 35.45 ? 22  A   A P      1 
ATOM   447  O  OP1    . A   A 1 22 ? 10.336  -24.188 -18.530 1.00 37.49 ? 22  A   A OP1    1 
ATOM   448  O  OP2    . A   A 1 22 ? 8.485   -23.906 -16.775 1.00 35.38 ? 22  A   A OP2    1 
ATOM   449  O  "O5'"  . A   A 1 22 ? 10.866  -23.492 -16.196 1.00 34.57 ? 22  A   A "O5'"  1 
ATOM   450  C  "C5'"  . A   A 1 22 ? 12.211  -23.060 -16.447 1.00 34.55 ? 22  A   A "C5'"  1 
ATOM   451  C  "C4'"  . A   A 1 22 ? 12.987  -23.010 -15.158 1.00 33.70 ? 22  A   A "C4'"  1 
ATOM   452  O  "O4'"  . A   A 1 22 ? 12.457  -21.957 -14.309 1.00 33.67 ? 22  A   A "O4'"  1 
ATOM   453  C  "C3'"  . A   A 1 22 ? 12.874  -24.248 -14.288 1.00 33.72 ? 22  A   A "C3'"  1 
ATOM   454  O  "O3'"  . A   A 1 22 ? 13.707  -25.314 -14.730 1.00 34.60 ? 22  A   A "O3'"  1 
ATOM   455  C  "C2'"  . A   A 1 22 ? 13.278  -23.700 -12.929 1.00 33.41 ? 22  A   A "C2'"  1 
ATOM   456  O  "O2'"  . A   A 1 22 ? 14.671  -23.487 -12.834 1.00 30.86 ? 22  A   A "O2'"  1 
ATOM   457  C  "C1'"  . A   A 1 22 ? 12.568  -22.346 -12.945 1.00 32.30 ? 22  A   A "C1'"  1 
ATOM   458  N  N9     . A   A 1 22 ? 11.221  -22.466 -12.389 1.00 31.86 ? 22  A   A N9     1 
ATOM   459  C  C8     . A   A 1 22 ? 10.040  -22.683 -13.052 1.00 31.81 ? 22  A   A C8     1 
ATOM   460  N  N7     . A   A 1 22 ? 9.001   -22.795 -12.259 1.00 31.81 ? 22  A   A N7     1 
ATOM   461  C  C5     . A   A 1 22 ? 9.537   -22.632 -10.990 1.00 30.63 ? 22  A   A C5     1 
ATOM   462  C  C6     . A   A 1 22 ? 8.958   -22.650 -9.712  1.00 30.05 ? 22  A   A C6     1 
ATOM   463  N  N6     . A   A 1 22 ? 7.660   -22.860 -9.492  1.00 30.09 ? 22  A   A N6     1 
ATOM   464  N  N1     . A   A 1 22 ? 9.771   -22.450 -8.653  1.00 29.96 ? 22  A   A N1     1 
ATOM   465  C  C2     . A   A 1 22 ? 11.075  -22.250 -8.873  1.00 28.99 ? 22  A   A C2     1 
ATOM   466  N  N3     . A   A 1 22 ? 11.737  -22.211 -10.026 1.00 30.03 ? 22  A   A N3     1 
ATOM   467  C  C4     . A   A 1 22 ? 10.899  -22.414 -11.057 1.00 30.93 ? 22  A   A C4     1 
ATOM   468  P  P      . G   A 1 23 ? 13.251  -26.830 -14.468 1.00 34.84 ? 23  G   A P      1 
ATOM   469  O  OP1    . G   A 1 23 ? 14.219  -27.745 -15.148 1.00 36.27 ? 23  G   A OP1    1 
ATOM   470  O  OP2    . G   A 1 23 ? 11.806  -26.933 -14.781 1.00 34.68 ? 23  G   A OP2    1 
ATOM   471  O  "O5'"  . G   A 1 23 ? 13.425  -27.021 -12.900 1.00 32.75 ? 23  G   A "O5'"  1 
ATOM   472  C  "C5'"  . G   A 1 23 ? 14.703  -26.837 -12.277 1.00 30.79 ? 23  G   A "C5'"  1 
ATOM   473  C  "C4'"  . G   A 1 23 ? 14.549  -26.814 -10.776 1.00 29.73 ? 23  G   A "C4'"  1 
ATOM   474  O  "O4'"  . G   A 1 23 ? 13.649  -25.736 -10.409 1.00 30.62 ? 23  G   A "O4'"  1 
ATOM   475  C  "C3'"  . G   A 1 23 ? 13.895  -28.034 -10.149 1.00 29.07 ? 23  G   A "C3'"  1 
ATOM   476  O  "O3'"  . G   A 1 23 ? 14.741  -29.172 -10.015 1.00 29.15 ? 23  G   A "O3'"  1 
ATOM   477  C  "C2'"  . G   A 1 23 ? 13.438  -27.483 -8.807  1.00 28.87 ? 23  G   A "C2'"  1 
ATOM   478  O  "O2'"  . G   A 1 23 ? 14.493  -27.380 -7.876  1.00 28.83 ? 23  G   A "O2'"  1 
ATOM   479  C  "C1'"  . G   A 1 23 ? 12.978  -26.079 -9.206  1.00 30.24 ? 23  G   A "C1'"  1 
ATOM   480  N  N9     . G   A 1 23 ? 11.542  -26.026 -9.441  1.00 30.46 ? 23  G   A N9     1 
ATOM   481  C  C8     . G   A 1 23 ? 10.875  -26.160 -10.635 1.00 30.96 ? 23  G   A C8     1 
ATOM   482  N  N7     . G   A 1 23 ? 9.578   -26.096 -10.504 1.00 31.03 ? 23  G   A N7     1 
ATOM   483  C  C5     . G   A 1 23 ? 9.380   -25.902 -9.143  1.00 30.14 ? 23  G   A C5     1 
ATOM   484  C  C6     . G   A 1 23 ? 8.185   -25.756 -8.400  1.00 30.04 ? 23  G   A C6     1 
ATOM   485  O  O6     . G   A 1 23 ? 7.019   -25.769 -8.809  1.00 30.40 ? 23  G   A O6     1 
ATOM   486  N  N1     . G   A 1 23 ? 8.446   -25.584 -7.041  1.00 30.11 ? 23  G   A N1     1 
ATOM   487  C  C2     . G   A 1 23 ? 9.697   -25.557 -6.475  1.00 30.87 ? 23  G   A C2     1 
ATOM   488  N  N2     . G   A 1 23 ? 9.749   -25.394 -5.146  1.00 30.23 ? 23  G   A N2     1 
ATOM   489  N  N3     . G   A 1 23 ? 10.818  -25.686 -7.161  1.00 30.06 ? 23  G   A N3     1 
ATOM   490  C  C4     . G   A 1 23 ? 10.585  -25.854 -8.477  1.00 30.88 ? 23  G   A C4     1 
ATOM   491  O  "O5'"  . C   B 1 1  ? 2.612   -22.654 -1.280  1.00 36.97 ? 1   C   B "O5'"  1 
ATOM   492  C  "C5'"  . C   B 1 1  ? 2.962   -23.274 -0.038  1.00 34.58 ? 1   C   B "C5'"  1 
ATOM   493  C  "C4'"  . C   B 1 1  ? 4.322   -23.932 -0.082  1.00 33.71 ? 1   C   B "C4'"  1 
ATOM   494  O  "O4'"  . C   B 1 1  ? 4.311   -25.011 -1.055  1.00 34.42 ? 1   C   B "O4'"  1 
ATOM   495  C  "C3'"  . C   B 1 1  ? 5.469   -23.044 -0.532  1.00 32.83 ? 1   C   B "C3'"  1 
ATOM   496  O  "O3'"  . C   B 1 1  ? 5.960   -22.243 0.536   1.00 32.98 ? 1   C   B "O3'"  1 
ATOM   497  C  "C2'"  . C   B 1 1  ? 6.492   -24.062 -1.016  1.00 32.46 ? 1   C   B "C2'"  1 
ATOM   498  O  "O2'"  . C   B 1 1  ? 7.200   -24.685 0.043   1.00 32.50 ? 1   C   B "O2'"  1 
ATOM   499  C  "C1'"  . C   B 1 1  ? 5.581   -25.096 -1.681  1.00 32.34 ? 1   C   B "C1'"  1 
ATOM   500  N  N1     . C   B 1 1  ? 5.397   -24.893 -3.127  1.00 31.74 ? 1   C   B N1     1 
ATOM   501  C  C2     . C   B 1 1  ? 6.429   -25.270 -3.983  1.00 30.59 ? 1   C   B C2     1 
ATOM   502  O  O2     . C   B 1 1  ? 7.475   -25.712 -3.489  1.00 31.53 ? 1   C   B O2     1 
ATOM   503  N  N3     . C   B 1 1  ? 6.262   -25.141 -5.322  1.00 31.28 ? 1   C   B N3     1 
ATOM   504  C  C4     . C   B 1 1  ? 5.116   -24.654 -5.807  1.00 32.04 ? 1   C   B C4     1 
ATOM   505  N  N4     . C   B 1 1  ? 4.976   -24.577 -7.138  1.00 31.60 ? 1   C   B N4     1 
ATOM   506  C  C5     . C   B 1 1  ? 4.055   -24.230 -4.952  1.00 31.71 ? 1   C   B C5     1 
ATOM   507  C  C6     . C   B 1 1  ? 4.239   -24.366 -3.629  1.00 31.88 ? 1   C   B C6     1 
ATOM   508  P  P      . U   B 1 2  ? 6.507   -20.765 0.235   1.00 31.29 ? 2   U   B P      1 
ATOM   509  O  OP1    . U   B 1 2  ? 6.732   -20.092 1.554   1.00 33.25 ? 2   U   B OP1    1 
ATOM   510  O  OP2    . U   B 1 2  ? 5.617   -20.131 -0.760  1.00 30.51 ? 2   U   B OP2    1 
ATOM   511  O  "O5'"  . U   B 1 2  ? 7.929   -20.999 -0.439  1.00 30.39 ? 2   U   B "O5'"  1 
ATOM   512  C  "C5'"  . U   B 1 2  ? 9.029   -21.521 0.319   1.00 30.67 ? 2   U   B "C5'"  1 
ATOM   513  C  "C4'"  . U   B 1 2  ? 10.253  -21.634 -0.557  1.00 31.84 ? 2   U   B "C4'"  1 
ATOM   514  O  "O4'"  . U   B 1 2  ? 10.037  -22.662 -1.560  1.00 32.80 ? 2   U   B "O4'"  1 
ATOM   515  C  "C3'"  . U   B 1 2  ? 10.580  -20.392 -1.367  1.00 31.48 ? 2   U   B "C3'"  1 
ATOM   516  O  "O3'"  . U   B 1 2  ? 11.271  -19.435 -0.573  1.00 31.04 ? 2   U   B "O3'"  1 
ATOM   517  C  "C2'"  . U   B 1 2  ? 11.424  -20.977 -2.493  1.00 32.20 ? 2   U   B "C2'"  1 
ATOM   518  O  "O2'"  . U   B 1 2  ? 12.736  -21.299 -2.067  1.00 33.01 ? 2   U   B "O2'"  1 
ATOM   519  C  "C1'"  . U   B 1 2  ? 10.673  -22.283 -2.770  1.00 32.28 ? 2   U   B "C1'"  1 
ATOM   520  N  N1     . U   B 1 2  ? 9.635   -22.156 -3.800  1.00 30.71 ? 2   U   B N1     1 
ATOM   521  C  C2     . U   B 1 2  ? 10.041  -22.159 -5.114  1.00 30.79 ? 2   U   B C2     1 
ATOM   522  O  O2     . U   B 1 2  ? 11.214  -22.207 -5.437  1.00 30.33 ? 2   U   B O2     1 
ATOM   523  N  N3     . U   B 1 2  ? 9.024   -22.096 -6.034  1.00 30.47 ? 2   U   B N3     1 
ATOM   524  C  C4     . U   B 1 2  ? 7.672   -22.018 -5.772  1.00 29.96 ? 2   U   B C4     1 
ATOM   525  O  O4     . U   B 1 2  ? 6.871   -22.042 -6.706  1.00 30.84 ? 2   U   B O4     1 
ATOM   526  C  C5     . U   B 1 2  ? 7.337   -21.984 -4.379  1.00 30.34 ? 2   U   B C5     1 
ATOM   527  C  C6     . U   B 1 2  ? 8.305   -22.053 -3.465  1.00 30.93 ? 2   U   B C6     1 
HETATM 528  P  P      . UMS B 1 3  ? 11.035  -17.859 -0.822  1.00 30.54 ? 3   UMS B P      1 
HETATM 529  O  OP1    . UMS B 1 3  ? 11.728  -17.127 0.276   1.00 32.42 ? 3   UMS B OP1    1 
HETATM 530  O  OP2    . UMS B 1 3  ? 9.616   -17.566 -1.112  1.00 29.68 ? 3   UMS B OP2    1 
HETATM 531  O  "O5'"  . UMS B 1 3  ? 11.776  -17.542 -2.213  1.00 30.24 ? 3   UMS B "O5'"  1 
HETATM 532  C  "C5'"  . UMS B 1 3  ? 13.175  -17.253 -2.302  1.00 31.83 ? 3   UMS B "C5'"  1 
HETATM 533  C  "C4'"  . UMS B 1 3  ? 13.655  -17.590 -3.677  1.00 31.75 ? 3   UMS B "C4'"  1 
HETATM 534  O  "O4'"  . UMS B 1 3  ? 13.020  -18.794 -4.126  1.00 31.49 ? 3   UMS B "O4'"  1 
HETATM 535  C  "C3'"  . UMS B 1 3  ? 13.319  -16.563 -4.710  1.00 31.73 ? 3   UMS B "C3'"  1 
HETATM 536  O  "O3'"  . UMS B 1 3  ? 13.803  -15.258 -4.158  1.00 31.12 ? 3   UMS B "O3'"  1 
HETATM 537  C  "C2'"  . UMS B 1 3  ? 13.410  -17.334 -6.067  1.00 31.86 ? 3   UMS B "C2'"  1 
HETATM 538  SE "SE2'" . UMS B 1 3  ? 15.405  -17.092 -6.216  1.00 34.90 ? 3   UMS B "SE2'" 1 
HETATM 539  C  "C1'"  . UMS B 1 3  ? 12.904  -18.674 -5.518  1.00 31.28 ? 3   UMS B "C1'"  1 
HETATM 540  C  "CA'"  . UMS B 1 3  ? 15.449  -18.021 -7.891  1.00 31.20 ? 3   UMS B "CA'"  1 
HETATM 541  N  N1     . UMS B 1 3  ? 11.494  -18.766 -5.893  1.00 29.93 ? 3   UMS B N1     1 
HETATM 542  C  C2     . UMS B 1 3  ? 11.212  -18.924 -7.208  1.00 30.01 ? 3   UMS B C2     1 
HETATM 543  O  O2     . UMS B 1 3  ? 12.079  -18.872 -8.053  1.00 30.79 ? 3   UMS B O2     1 
HETATM 544  N  N3     . UMS B 1 3  ? 9.871   -19.011 -7.515  1.00 29.11 ? 3   UMS B N3     1 
HETATM 545  C  C4     . UMS B 1 3  ? 8.786   -18.996 -6.663  1.00 28.29 ? 3   UMS B C4     1 
HETATM 546  O  O4     . UMS B 1 3  ? 7.675   -19.122 -7.143  1.00 28.13 ? 3   UMS B O4     1 
HETATM 547  C  C5     . UMS B 1 3  ? 9.134   -18.825 -5.286  1.00 29.06 ? 3   UMS B C5     1 
HETATM 548  C  C6     . UMS B 1 3  ? 10.464  -18.685 -4.975  1.00 28.88 ? 3   UMS B C6     1 
ATOM   549  P  P      . G   B 1 4  ? 13.106  -13.838 -4.424  1.00 29.51 ? 4   G   B P      1 
ATOM   550  O  OP1    . G   B 1 4  ? 13.968  -12.777 -3.835  1.00 29.52 ? 4   G   B OP1    1 
ATOM   551  O  OP2    . G   B 1 4  ? 11.685  -13.942 -4.022  1.00 30.53 ? 4   G   B OP2    1 
ATOM   552  O  "O5'"  . G   B 1 4  ? 13.119  -13.683 -6.006  1.00 29.92 ? 4   G   B "O5'"  1 
ATOM   553  C  "C5'"  . G   B 1 4  ? 14.353  -13.580 -6.718  1.00 30.14 ? 4   G   B "C5'"  1 
ATOM   554  C  "C4'"  . G   B 1 4  ? 14.097  -13.654 -8.199  1.00 29.81 ? 4   G   B "C4'"  1 
ATOM   555  O  "O4'"  . G   B 1 4  ? 13.530  -14.948 -8.527  1.00 30.28 ? 4   G   B "O4'"  1 
ATOM   556  C  "C3'"  . G   B 1 4  ? 13.062  -12.682 -8.734  1.00 29.81 ? 4   G   B "C3'"  1 
ATOM   557  O  "O3'"  . G   B 1 4  ? 13.588  -11.379 -8.888  1.00 30.19 ? 4   G   B "O3'"  1 
ATOM   558  C  "C2'"  . G   B 1 4  ? 12.685  -13.340 -10.051 1.00 30.54 ? 4   G   B "C2'"  1 
ATOM   559  O  "O2'"  . G   B 1 4  ? 13.682  -13.162 -11.039 1.00 30.79 ? 4   G   B "O2'"  1 
ATOM   560  C  "C1'"  . G   B 1 4  ? 12.645  -14.811 -9.632  1.00 29.68 ? 4   G   B "C1'"  1 
ATOM   561  N  N9     . G   B 1 4  ? 11.308  -15.213 -9.209  1.00 29.59 ? 4   G   B N9     1 
ATOM   562  C  C8     . G   B 1 4  ? 10.847  -15.356 -7.920  1.00 28.53 ? 4   G   B C8     1 
ATOM   563  N  N7     . G   B 1 4  ? 9.595   -15.724 -7.862  1.00 28.25 ? 4   G   B N7     1 
ATOM   564  C  C5     . G   B 1 4  ? 9.205   -15.833 -9.193  1.00 28.64 ? 4   G   B C5     1 
ATOM   565  C  C6     . G   B 1 4  ? 7.951   -16.198 -9.762  1.00 28.23 ? 4   G   B C6     1 
ATOM   566  O  O6     . G   B 1 4  ? 6.901   -16.523 -9.183  1.00 30.19 ? 4   G   B O6     1 
ATOM   567  N  N1     . G   B 1 4  ? 7.992   -16.164 -11.155 1.00 27.85 ? 4   G   B N1     1 
ATOM   568  C  C2     . G   B 1 4  ? 9.093   -15.830 -11.903 1.00 29.08 ? 4   G   B C2     1 
ATOM   569  N  N2     . G   B 1 4  ? 8.930   -15.857 -13.241 1.00 31.22 ? 4   G   B N2     1 
ATOM   570  N  N3     . G   B 1 4  ? 10.264  -15.494 -11.387 1.00 29.29 ? 4   G   B N3     1 
ATOM   571  C  C4     . G   B 1 4  ? 10.248  -15.518 -10.035 1.00 27.93 ? 4   G   B C4     1 
ATOM   572  P  P      . C   B 1 5  ? 12.635  -10.108 -8.630  1.00 29.71 ? 5   C   B P      1 
ATOM   573  O  OP1    . C   B 1 5  ? 13.497  -8.908  -8.575  1.00 29.91 ? 5   C   B OP1    1 
ATOM   574  O  OP2    . C   B 1 5  ? 11.732  -10.414 -7.496  1.00 30.27 ? 5   C   B OP2    1 
ATOM   575  O  "O5'"  . C   B 1 5  ? 11.734  -10.047 -9.935  1.00 31.61 ? 5   C   B "O5'"  1 
ATOM   576  C  "C5'"  . C   B 1 5  ? 12.340  -9.882  -11.228 1.00 31.79 ? 5   C   B "C5'"  1 
ATOM   577  C  "C4'"  . C   B 1 5  ? 11.324  -10.120 -12.313 1.00 31.59 ? 5   C   B "C4'"  1 
ATOM   578  O  "O4'"  . C   B 1 5  ? 10.890  -11.504 -12.281 1.00 31.32 ? 5   C   B "O4'"  1 
ATOM   579  C  "C3'"  . C   B 1 5  ? 10.021  -9.352  -12.185 1.00 32.08 ? 5   C   B "C3'"  1 
ATOM   580  O  "O3'"  . C   B 1 5  ? 10.143  -8.006  -12.603 1.00 33.51 ? 5   C   B "O3'"  1 
ATOM   581  C  "C2'"  . C   B 1 5  ? 9.113   -10.165 -13.090 1.00 31.31 ? 5   C   B "C2'"  1 
ATOM   582  O  "O2'"  . C   B 1 5  ? 9.398   -9.937  -14.456 1.00 32.00 ? 5   C   B "O2'"  1 
ATOM   583  C  "C1'"  . C   B 1 5  ? 9.542   -11.585 -12.718 1.00 31.98 ? 5   C   B "C1'"  1 
ATOM   584  N  N1     . C   B 1 5  ? 8.725   -12.096 -11.610 1.00 29.66 ? 5   C   B N1     1 
ATOM   585  C  C2     . C   B 1 5  ? 7.467   -12.614 -11.900 1.00 29.81 ? 5   C   B C2     1 
ATOM   586  O  O2     . C   B 1 5  ? 7.108   -12.686 -13.087 1.00 32.09 ? 5   C   B O2     1 
ATOM   587  N  N3     . C   B 1 5  ? 6.671   -13.026 -10.888 1.00 28.57 ? 5   C   B N3     1 
ATOM   588  C  C4     . C   B 1 5  ? 7.102   -12.948 -9.628  1.00 29.06 ? 5   C   B C4     1 
ATOM   589  N  N4     . C   B 1 5  ? 6.271   -13.346 -8.656  1.00 29.16 ? 5   C   B N4     1 
ATOM   590  C  C5     . C   B 1 5  ? 8.395   -12.454 -9.305  1.00 29.03 ? 5   C   B C5     1 
ATOM   591  C  C6     . C   B 1 5  ? 9.171   -12.044 -10.319 1.00 29.28 ? 5   C   B C6     1 
ATOM   592  P  P      . U   B 1 6  ? 9.231   -6.881  -11.908 1.00 32.86 ? 6   U   B P      1 
ATOM   593  O  OP1    . U   B 1 6  ? 9.661   -5.570  -12.458 1.00 35.82 ? 6   U   B OP1    1 
ATOM   594  O  OP2    . U   B 1 6  ? 9.253   -7.107  -10.435 1.00 33.58 ? 6   U   B OP2    1 
ATOM   595  O  "O5'"  . U   B 1 6  ? 7.763   -7.201  -12.431 1.00 34.33 ? 6   U   B "O5'"  1 
ATOM   596  C  "C5'"  . U   B 1 6  ? 7.478   -7.207  -13.840 1.00 33.06 ? 6   U   B "C5'"  1 
ATOM   597  C  "C4'"  . U   B 1 6  ? 6.107   -7.780  -14.104 1.00 33.12 ? 6   U   B "C4'"  1 
ATOM   598  O  "O4'"  . U   B 1 6  ? 6.039   -9.149  -13.615 1.00 33.43 ? 6   U   B "O4'"  1 
ATOM   599  C  "C3'"  . U   B 1 6  ? 4.926   -7.108  -13.422 1.00 32.77 ? 6   U   B "C3'"  1 
ATOM   600  O  "O3'"  . U   B 1 6  ? 4.538   -5.907  -14.083 1.00 33.31 ? 6   U   B "O3'"  1 
ATOM   601  C  "C2'"  . U   B 1 6  ? 3.869   -8.199  -13.531 1.00 32.50 ? 6   U   B "C2'"  1 
ATOM   602  O  "O2'"  . U   B 1 6  ? 3.354   -8.312  -14.842 1.00 32.94 ? 6   U   B "O2'"  1 
ATOM   603  C  "C1'"  . U   B 1 6  ? 4.705   -9.449  -13.246 1.00 32.43 ? 6   U   B "C1'"  1 
ATOM   604  N  N1     . U   B 1 6  ? 4.682   -9.827  -11.826 1.00 30.89 ? 6   U   B N1     1 
ATOM   605  C  C2     . U   B 1 6  ? 3.597   -10.558 -11.386 1.00 30.81 ? 6   U   B C2     1 
ATOM   606  O  O2     . U   B 1 6  ? 2.691   -10.900 -12.124 1.00 31.29 ? 6   U   B O2     1 
ATOM   607  N  N3     . U   B 1 6  ? 3.610   -10.871 -10.051 1.00 29.94 ? 6   U   B N3     1 
ATOM   608  C  C4     . U   B 1 6  ? 4.581   -10.538 -9.132  1.00 30.33 ? 6   U   B C4     1 
ATOM   609  O  O4     . U   B 1 6  ? 4.459   -10.911 -7.964  1.00 30.96 ? 6   U   B O4     1 
ATOM   610  C  C5     . U   B 1 6  ? 5.675   -9.784  -9.665  1.00 29.62 ? 6   U   B C5     1 
ATOM   611  C  C6     . U   B 1 6  ? 5.689   -9.465  -10.965 1.00 31.24 ? 6   U   B C6     1 
ATOM   612  P  P      . G   B 1 7  ? 3.676   -4.794  -13.288 1.00 32.95 ? 7   G   B P      1 
ATOM   613  O  OP1    . G   B 1 7  ? 3.578   -3.577  -14.129 1.00 34.34 ? 7   G   B OP1    1 
ATOM   614  O  OP2    . G   B 1 7  ? 4.209   -4.689  -11.910 1.00 33.86 ? 7   G   B OP2    1 
ATOM   615  O  "O5'"  . G   B 1 7  ? 2.229   -5.441  -13.154 1.00 32.36 ? 7   G   B "O5'"  1 
ATOM   616  C  "C5'"  . G   B 1 7  ? 1.399   -5.661  -14.305 1.00 31.99 ? 7   G   B "C5'"  1 
ATOM   617  C  "C4'"  . G   B 1 7  ? 0.114   -6.338  -13.895 1.00 32.95 ? 7   G   B "C4'"  1 
ATOM   618  O  "O4'"  . G   B 1 7  ? 0.405   -7.644  -13.335 1.00 31.68 ? 7   G   B "O4'"  1 
ATOM   619  C  "C3'"  . G   B 1 7  ? -0.670  -5.648  -12.791 1.00 32.94 ? 7   G   B "C3'"  1 
ATOM   620  O  "O3'"  . G   B 1 7  ? -1.439  -4.558  -13.294 1.00 34.03 ? 7   G   B "O3'"  1 
ATOM   621  C  "C2'"  . G   B 1 7  ? -1.543  -6.787  -12.278 1.00 32.28 ? 7   G   B "C2'"  1 
ATOM   622  O  "O2'"  . G   B 1 7  ? -2.646  -7.068  -13.115 1.00 32.96 ? 7   G   B "O2'"  1 
ATOM   623  C  "C1'"  . G   B 1 7  ? -0.567  -7.964  -12.349 1.00 31.52 ? 7   G   B "C1'"  1 
ATOM   624  N  N9     . G   B 1 7  ? 0.113   -8.173  -11.075 1.00 28.98 ? 7   G   B N9     1 
ATOM   625  C  C8     . G   B 1 7  ? 1.359   -7.730  -10.710 1.00 30.04 ? 7   G   B C8     1 
ATOM   626  N  N7     . G   B 1 7  ? 1.684   -8.067  -9.490  1.00 29.57 ? 7   G   B N7     1 
ATOM   627  C  C5     . G   B 1 7  ? 0.585   -8.777  -9.026  1.00 28.96 ? 7   G   B C5     1 
ATOM   628  C  C6     . G   B 1 7  ? 0.352   -9.394  -7.769  1.00 27.77 ? 7   G   B C6     1 
ATOM   629  O  O6     . G   B 1 7  ? 1.094   -9.439  -6.787  1.00 30.09 ? 7   G   B O6     1 
ATOM   630  N  N1     . G   B 1 7  ? -0.894  -10.003 -7.722  1.00 29.31 ? 7   G   B N1     1 
ATOM   631  C  C2     . G   B 1 7  ? -1.804  -10.021 -8.749  1.00 29.00 ? 7   G   B C2     1 
ATOM   632  N  N2     . G   B 1 7  ? -2.957  -10.663 -8.502  1.00 30.24 ? 7   G   B N2     1 
ATOM   633  N  N3     . G   B 1 7  ? -1.598  -9.451  -9.928  1.00 28.26 ? 7   G   B N3     1 
ATOM   634  C  C4     . G   B 1 7  ? -0.391  -8.854  -9.995  1.00 28.83 ? 7   G   B C4     1 
ATOM   635  P  P      . A   B 1 8  ? -1.025  -3.050  -12.914 1.00 32.60 ? 8   A   B P      1 
ATOM   636  O  OP1    . A   B 1 8  ? -0.154  -2.489  -13.982 1.00 32.95 ? 8   A   B OP1    1 
ATOM   637  O  OP2    . A   B 1 8  ? -0.536  -3.070  -11.510 1.00 34.04 ? 8   A   B OP2    1 
ATOM   638  O  "O5'"  . A   B 1 8  ? -2.404  -2.258  -12.936 1.00 31.63 ? 8   A   B "O5'"  1 
ATOM   639  C  "C5'"  . A   B 1 8  ? -3.284  -2.323  -11.811 1.00 30.17 ? 8   A   B "C5'"  1 
ATOM   640  C  "C4'"  . A   B 1 8  ? -3.322  -0.988  -11.119 1.00 29.73 ? 8   A   B "C4'"  1 
ATOM   641  O  "O4'"  . A   B 1 8  ? -3.828  0.007   -12.035 1.00 28.69 ? 8   A   B "O4'"  1 
ATOM   642  C  "C3'"  . A   B 1 8  ? -4.236  -0.924  -9.909  1.00 28.91 ? 8   A   B "C3'"  1 
ATOM   643  O  "O3'"  . A   B 1 8  ? -3.475  -1.333  -8.778  1.00 27.88 ? 8   A   B "O3'"  1 
ATOM   644  C  "C2'"  . A   B 1 8  ? -4.599  0.558   -9.840  1.00 28.27 ? 8   A   B "C2'"  1 
ATOM   645  O  "O2'"  . A   B 1 8  ? -3.612  1.327   -9.180  1.00 28.60 ? 8   A   B "O2'"  1 
ATOM   646  C  "C1'"  . A   B 1 8  ? -4.612  0.945   -11.324 1.00 28.74 ? 8   A   B "C1'"  1 
ATOM   647  N  N9     . A   B 1 8  ? -5.906  1.065   -12.001 1.00 27.15 ? 8   A   B N9     1 
ATOM   648  C  C8     . A   B 1 8  ? -6.302  0.415   -13.145 1.00 26.12 ? 8   A   B C8     1 
ATOM   649  N  N7     . A   B 1 8  ? -7.468  0.803   -13.601 1.00 27.74 ? 8   A   B N7     1 
ATOM   650  C  C5     . A   B 1 8  ? -7.883  1.759   -12.682 1.00 25.54 ? 8   A   B C5     1 
ATOM   651  C  C6     . A   B 1 8  ? -9.024  2.578   -12.619 1.00 25.63 ? 8   A   B C6     1 
ATOM   652  N  N6     . A   B 1 8  ? -9.985  2.590   -13.547 1.00 25.81 ? 8   A   B N6     1 
ATOM   653  N  N1     . A   B 1 8  ? -9.138  3.414   -11.560 1.00 23.45 ? 8   A   B N1     1 
ATOM   654  C  C2     . A   B 1 8  ? -8.157  3.431   -10.651 1.00 22.73 ? 8   A   B C2     1 
ATOM   655  N  N3     . A   B 1 8  ? -7.026  2.728   -10.614 1.00 26.04 ? 8   A   B N3     1 
ATOM   656  C  C4     . A   B 1 8  ? -6.947  1.903   -11.671 1.00 26.23 ? 8   A   B C4     1 
ATOM   657  P  P      . A   B 1 9  ? -4.080  -2.392  -7.736  1.00 27.51 ? 9   A   B P      1 
ATOM   658  O  OP1    . A   B 1 9  ? -3.008  -2.612  -6.719  1.00 26.69 ? 9   A   B OP1    1 
ATOM   659  O  OP2    . A   B 1 9  ? -4.654  -3.555  -8.452  1.00 28.96 ? 9   A   B OP2    1 
ATOM   660  O  "O5'"  . A   B 1 9  ? -5.296  -1.616  -7.057  1.00 28.27 ? 9   A   B "O5'"  1 
ATOM   661  C  "C5'"  . A   B 1 9  ? -5.060  -0.568  -6.094  1.00 27.28 ? 9   A   B "C5'"  1 
ATOM   662  C  "C4'"  . A   B 1 9  ? -6.351  0.138   -5.768  1.00 27.25 ? 9   A   B "C4'"  1 
ATOM   663  O  "O4'"  . A   B 1 9  ? -6.822  0.835   -6.946  1.00 27.15 ? 9   A   B "O4'"  1 
ATOM   664  C  "C3'"  . A   B 1 9  ? -7.509  -0.766  -5.384  1.00 27.13 ? 9   A   B "C3'"  1 
ATOM   665  O  "O3'"  . A   B 1 9  ? -7.470  -1.086  -3.989  1.00 27.45 ? 9   A   B "O3'"  1 
ATOM   666  C  "C2'"  . A   B 1 9  ? -8.721  0.104   -5.699  1.00 27.76 ? 9   A   B "C2'"  1 
ATOM   667  O  "O2'"  . A   B 1 9  ? -9.013  1.006   -4.648  1.00 30.03 ? 9   A   B "O2'"  1 
ATOM   668  C  "C1'"  . A   B 1 9  ? -8.236  0.880   -6.932  1.00 27.48 ? 9   A   B "C1'"  1 
ATOM   669  N  N9     . A   B 1 9  ? -8.718  0.361   -8.210  1.00 26.61 ? 9   A   B N9     1 
ATOM   670  C  C8     . A   B 1 9  ? -8.242  -0.710  -8.931  1.00 27.23 ? 9   A   B C8     1 
ATOM   671  N  N7     . A   B 1 9  ? -8.890  -0.918  -10.054 1.00 27.49 ? 9   A   B N7     1 
ATOM   672  C  C5     . A   B 1 9  ? -9.853  0.081   -10.072 1.00 26.55 ? 9   A   B C5     1 
ATOM   673  C  C6     . A   B 1 9  ? -10.850 0.417   -11.000 1.00 26.52 ? 9   A   B C6     1 
ATOM   674  N  N6     . A   B 1 9  ? -11.041 -0.232  -12.152 1.00 27.37 ? 9   A   B N6     1 
ATOM   675  N  N1     . A   B 1 9  ? -11.649 1.467   -10.714 1.00 25.09 ? 9   A   B N1     1 
ATOM   676  C  C2     . A   B 1 9  ? -11.433 2.148   -9.582  1.00 24.13 ? 9   A   B C2     1 
ATOM   677  N  N3     . A   B 1 9  ? -10.523 1.939   -8.640  1.00 23.73 ? 9   A   B N3     1 
ATOM   678  C  C4     . A   B 1 9  ? -9.759  0.875   -8.943  1.00 25.97 ? 9   A   B C4     1 
ATOM   679  P  P      . G   B 1 10 ? -6.663  -2.382  -3.488  1.00 26.68 ? 10  G   B P      1 
ATOM   680  O  OP1    . G   B 1 10 ? -5.252  -2.006  -3.311  1.00 25.42 ? 10  G   B OP1    1 
ATOM   681  O  OP2    . G   B 1 10 ? -7.012  -3.512  -4.383  1.00 28.01 ? 10  G   B OP2    1 
ATOM   682  O  "O5'"  . G   B 1 10 ? -7.271  -2.686  -2.048  1.00 29.34 ? 10  G   B "O5'"  1 
ATOM   683  C  "C5'"  . G   B 1 10 ? -8.607  -3.195  -1.900  1.00 30.42 ? 10  G   B "C5'"  1 
ATOM   684  C  "C4'"  . G   B 1 10 ? -8.602  -4.379  -0.965  1.00 31.22 ? 10  G   B "C4'"  1 
ATOM   685  O  "O4'"  . G   B 1 10 ? -8.042  -5.537  -1.637  1.00 30.09 ? 10  G   B "O4'"  1 
ATOM   686  C  "C3'"  . G   B 1 10 ? -7.734  -4.196  0.267   1.00 30.25 ? 10  G   B "C3'"  1 
ATOM   687  O  "O3'"  . G   B 1 10 ? -8.421  -3.469  1.275   1.00 30.83 ? 10  G   B "O3'"  1 
ATOM   688  C  "C2'"  . G   B 1 10 ? -7.424  -5.636  0.648   1.00 30.75 ? 10  G   B "C2'"  1 
ATOM   689  O  "O2'"  . G   B 1 10 ? -8.527  -6.253  1.279   1.00 32.54 ? 10  G   B "O2'"  1 
ATOM   690  C  "C1'"  . G   B 1 10 ? -7.220  -6.261  -0.736  1.00 29.86 ? 10  G   B "C1'"  1 
ATOM   691  N  N9     . G   B 1 10 ? -5.843  -6.141  -1.206  1.00 28.69 ? 10  G   B N9     1 
ATOM   692  C  C8     . G   B 1 10 ? -5.420  -5.528  -2.365  1.00 27.32 ? 10  G   B C8     1 
ATOM   693  N  N7     . G   B 1 10 ? -4.122  -5.550  -2.508  1.00 27.08 ? 10  G   B N7     1 
ATOM   694  C  C5     . G   B 1 10 ? -3.660  -6.216  -1.382  1.00 27.40 ? 10  G   B C5     1 
ATOM   695  C  C6     . G   B 1 10 ? -2.335  -6.532  -0.985  1.00 26.21 ? 10  G   B C6     1 
ATOM   696  O  O6     . G   B 1 10 ? -1.271  -6.257  -1.560  1.00 26.37 ? 10  G   B O6     1 
ATOM   697  N  N1     . G   B 1 10 ? -2.314  -7.236  0.219   1.00 26.22 ? 10  G   B N1     1 
ATOM   698  C  C2     . G   B 1 10 ? -3.425  -7.584  0.949   1.00 27.00 ? 10  G   B C2     1 
ATOM   699  N  N2     . G   B 1 10 ? -3.195  -8.278  2.075   1.00 27.17 ? 10  G   B N2     1 
ATOM   700  N  N3     . G   B 1 10 ? -4.668  -7.278  0.598   1.00 27.75 ? 10  G   B N3     1 
ATOM   701  C  C4     . G   B 1 10 ? -4.710  -6.599  -0.574  1.00 27.20 ? 10  G   B C4     1 
ATOM   702  P  P      . U   B 1 11 ? -7.621  -2.408  2.177   1.00 31.20 ? 11  U   B P      1 
ATOM   703  O  OP1    . U   B 1 11 ? -8.628  -1.645  2.967   1.00 31.70 ? 11  U   B OP1    1 
ATOM   704  O  OP2    . U   B 1 11 ? -6.666  -1.670  1.303   1.00 30.95 ? 11  U   B OP2    1 
ATOM   705  O  "O5'"  . U   B 1 11 ? -6.775  -3.314  3.173   1.00 30.82 ? 11  U   B "O5'"  1 
ATOM   706  C  "C5'"  . U   B 1 11 ? -7.440  -4.214  4.076   1.00 29.53 ? 11  U   B "C5'"  1 
ATOM   707  C  "C4'"  . U   B 1 11 ? -6.431  -4.964  4.904   1.00 29.07 ? 11  U   B "C4'"  1 
ATOM   708  O  "O4'"  . U   B 1 11 ? -5.634  -5.836  4.057   1.00 28.63 ? 11  U   B "O4'"  1 
ATOM   709  C  "C3'"  . U   B 1 11 ? -5.393  -4.111  5.605   1.00 28.63 ? 11  U   B "C3'"  1 
ATOM   710  O  "O3'"  . U   B 1 11 ? -5.922  -3.515  6.777   1.00 29.89 ? 11  U   B "O3'"  1 
ATOM   711  C  "C2'"  . U   B 1 11 ? -4.309  -5.136  5.896   1.00 28.32 ? 11  U   B "C2'"  1 
ATOM   712  O  "O2'"  . U   B 1 11 ? -4.651  -5.989  6.975   1.00 28.49 ? 11  U   B "O2'"  1 
ATOM   713  C  "C1'"  . U   B 1 11 ? -4.328  -5.948  4.600   1.00 27.47 ? 11  U   B "C1'"  1 
ATOM   714  N  N1     . U   B 1 11 ? -3.367  -5.430  3.616   1.00 26.63 ? 11  U   B N1     1 
ATOM   715  C  C2     . U   B 1 11 ? -2.029  -5.706  3.830   1.00 26.06 ? 11  U   B C2     1 
ATOM   716  O  O2     . U   B 1 11 ? -1.624  -6.335  4.796   1.00 26.14 ? 11  U   B O2     1 
ATOM   717  N  N3     . U   B 1 11 ? -1.175  -5.211  2.878   1.00 25.27 ? 11  U   B N3     1 
ATOM   718  C  C4     . U   B 1 11 ? -1.515  -4.478  1.763   1.00 25.28 ? 11  U   B C4     1 
ATOM   719  O  O4     . U   B 1 11 ? -0.626  -4.125  0.986   1.00 24.56 ? 11  U   B O4     1 
ATOM   720  C  C5     . U   B 1 11 ? -2.918  -4.222  1.616   1.00 25.69 ? 11  U   B C5     1 
ATOM   721  C  C6     . U   B 1 11 ? -3.775  -4.699  2.525   1.00 26.28 ? 11  U   B C6     1 
ATOM   722  P  P      . G   B 1 12 ? -5.268  -2.166  7.347   1.00 28.43 ? 12  G   B P      1 
ATOM   723  O  OP1    . G   B 1 12 ? -6.103  -1.739  8.512   1.00 29.95 ? 12  G   B OP1    1 
ATOM   724  O  OP2    . G   B 1 12 ? -5.066  -1.239  6.207   1.00 29.79 ? 12  G   B OP2    1 
ATOM   725  O  "O5'"  . G   B 1 12 ? -3.834  -2.616  7.860   1.00 27.94 ? 12  G   B "O5'"  1 
ATOM   726  C  "C5'"  . G   B 1 12 ? -3.677  -3.441  9.026   1.00 28.43 ? 12  G   B "C5'"  1 
ATOM   727  C  "C4'"  . G   B 1 12 ? -2.213  -3.642  9.313   1.00 28.20 ? 12  G   B "C4'"  1 
ATOM   728  O  "O4'"  . G   B 1 12 ? -1.602  -4.378  8.215   1.00 28.75 ? 12  G   B "O4'"  1 
ATOM   729  C  "C3'"  . G   B 1 12 ? -1.396  -2.363  9.371   1.00 27.88 ? 12  G   B "C3'"  1 
ATOM   730  O  "O3'"  . G   B 1 12 ? -1.515  -1.690  10.616  1.00 28.25 ? 12  G   B "O3'"  1 
ATOM   731  C  "C2'"  . G   B 1 12 ? 0.007   -2.880  9.110   1.00 28.21 ? 12  G   B "C2'"  1 
ATOM   732  O  "O2'"  . G   B 1 12 ? 0.566   -3.507  10.250  1.00 29.36 ? 12  G   B "O2'"  1 
ATOM   733  C  "C1'"  . G   B 1 12 ? -0.273  -3.923  8.025   1.00 28.44 ? 12  G   B "C1'"  1 
ATOM   734  N  N9     . G   B 1 12 ? -0.169  -3.355  6.682   1.00 26.93 ? 12  G   B N9     1 
ATOM   735  C  C8     . G   B 1 12 ? -1.188  -2.934  5.860   1.00 25.99 ? 12  G   B C8     1 
ATOM   736  N  N7     . G   B 1 12 ? -0.761  -2.461  4.716   1.00 26.54 ? 12  G   B N7     1 
ATOM   737  C  C5     . G   B 1 12 ? 0.618   -2.586  4.789   1.00 25.28 ? 12  G   B C5     1 
ATOM   738  C  C6     . G   B 1 12 ? 1.626   -2.254  3.845   1.00 26.07 ? 12  G   B C6     1 
ATOM   739  O  O6     . G   B 1 12 ? 1.491   -1.769  2.715   1.00 27.20 ? 12  G   B O6     1 
ATOM   740  N  N1     . G   B 1 12 ? 2.897   -2.543  4.333   1.00 25.64 ? 12  G   B N1     1 
ATOM   741  C  C2     . G   B 1 12 ? 3.170   -3.079  5.567   1.00 26.32 ? 12  G   B C2     1 
ATOM   742  N  N2     . G   B 1 12 ? 4.465   -3.266  5.871   1.00 25.68 ? 12  G   B N2     1 
ATOM   743  N  N3     . G   B 1 12 ? 2.238   -3.404  6.448   1.00 26.01 ? 12  G   B N3     1 
ATOM   744  C  C4     . G   B 1 12 ? 0.999   -3.132  5.997   1.00 26.53 ? 12  G   B C4     1 
ATOM   745  P  P      . C   B 1 13 ? -1.346  -0.092  10.671  1.00 28.17 ? 13  C   B P      1 
ATOM   746  O  OP1    . C   B 1 13 ? -1.770  0.355   12.036  1.00 29.25 ? 13  C   B OP1    1 
ATOM   747  O  OP2    . C   B 1 13 ? -2.008  0.494   9.482   1.00 27.19 ? 13  C   B OP2    1 
ATOM   748  O  "O5'"  . C   B 1 13 ? 0.223   0.125   10.525  1.00 27.97 ? 13  C   B "O5'"  1 
ATOM   749  C  "C5'"  . C   B 1 13 ? 1.104   -0.080  11.651  1.00 28.03 ? 13  C   B "C5'"  1 
ATOM   750  C  "C4'"  . C   B 1 13 ? 2.506   0.376   11.324  1.00 27.82 ? 13  C   B "C4'"  1 
ATOM   751  O  "O4'"  . C   B 1 13 ? 3.062   -0.470  10.277  1.00 26.58 ? 13  C   B "O4'"  1 
ATOM   752  C  "C3'"  . C   B 1 13 ? 2.645   1.776   10.752  1.00 27.86 ? 13  C   B "C3'"  1 
ATOM   753  O  "O3'"  . C   B 1 13 ? 2.594   2.804   11.730  1.00 30.99 ? 13  C   B "O3'"  1 
ATOM   754  C  "C2'"  . C   B 1 13 ? 4.007   1.693   10.082  1.00 26.94 ? 13  C   B "C2'"  1 
ATOM   755  O  "O2'"  . C   B 1 13 ? 5.071   1.744   11.015  1.00 27.75 ? 13  C   B "O2'"  1 
ATOM   756  C  "C1'"  . C   B 1 13 ? 3.921   0.303   9.450   1.00 26.95 ? 13  C   B "C1'"  1 
ATOM   757  N  N1     . C   B 1 13 ? 3.311   0.387   8.113   1.00 25.48 ? 13  C   B N1     1 
ATOM   758  C  C2     . C   B 1 13 ? 4.127   0.698   7.032   1.00 25.16 ? 13  C   B C2     1 
ATOM   759  O  O2     . C   B 1 13 ? 5.331   0.877   7.231   1.00 24.80 ? 13  C   B O2     1 
ATOM   760  N  N3     . C   B 1 13 ? 3.581   0.805   5.803   1.00 23.98 ? 13  C   B N3     1 
ATOM   761  C  C4     . C   B 1 13 ? 2.271   0.630   5.635   1.00 22.07 ? 13  C   B C4     1 
ATOM   762  N  N4     . C   B 1 13 ? 1.768   0.782   4.408   1.00 23.96 ? 13  C   B N4     1 
ATOM   763  C  C5     . C   B 1 13 ? 1.411   0.299   6.721   1.00 22.90 ? 13  C   B C5     1 
ATOM   764  C  C6     . C   B 1 13 ? 1.972   0.184   7.932   1.00 25.47 ? 13  C   B C6     1 
ATOM   765  P  P      . A   B 1 14 ? 1.998   4.239   11.332  1.00 32.01 ? 14  A   B P      1 
ATOM   766  O  OP1    . A   B 1 14 ? 1.988   5.089   12.559  1.00 33.98 ? 14  A   B OP1    1 
ATOM   767  O  OP2    . A   B 1 14 ? 0.756   4.063   10.551  1.00 27.46 ? 14  A   B OP2    1 
ATOM   768  O  "O5'"  . A   B 1 14 ? 3.080   4.855   10.335  1.00 30.94 ? 14  A   B "O5'"  1 
ATOM   769  C  "C5'"  . A   B 1 14 ? 4.416   5.097   10.778  1.00 28.34 ? 14  A   B "C5'"  1 
ATOM   770  C  "C4'"  . A   B 1 14 ? 5.313   5.408   9.607   1.00 26.96 ? 14  A   B "C4'"  1 
ATOM   771  O  "O4'"  . A   B 1 14 ? 5.360   4.271   8.704   1.00 27.33 ? 14  A   B "O4'"  1 
ATOM   772  C  "C3'"  . A   B 1 14 ? 4.893   6.549   8.699   1.00 27.02 ? 14  A   B "C3'"  1 
ATOM   773  O  "O3'"  . A   B 1 14 ? 5.181   7.816   9.271   1.00 26.94 ? 14  A   B "O3'"  1 
ATOM   774  C  "C2'"  . A   B 1 14 ? 5.742   6.254   7.471   1.00 27.38 ? 14  A   B "C2'"  1 
ATOM   775  O  "O2'"  . A   B 1 14 ? 7.106   6.555   7.693   1.00 27.63 ? 14  A   B "O2'"  1 
ATOM   776  C  "C1'"  . A   B 1 14 ? 5.588   4.734   7.377   1.00 26.02 ? 14  A   B "C1'"  1 
ATOM   777  N  N9     . A   B 1 14 ? 4.434   4.389   6.545   1.00 26.06 ? 14  A   B N9     1 
ATOM   778  C  C8     . A   B 1 14 ? 3.163   4.021   6.914   1.00 24.44 ? 14  A   B C8     1 
ATOM   779  N  N7     . A   B 1 14 ? 2.350   3.833   5.896   1.00 22.72 ? 14  A   B N7     1 
ATOM   780  C  C5     . A   B 1 14 ? 3.144   4.088   4.787   1.00 24.21 ? 14  A   B C5     1 
ATOM   781  C  C6     . A   B 1 14 ? 2.875   4.076   3.402   1.00 22.86 ? 14  A   B C6     1 
ATOM   782  N  N6     . A   B 1 14 ? 1.683   3.797   2.874   1.00 22.35 ? 14  A   B N6     1 
ATOM   783  N  N1     . A   B 1 14 ? 3.892   4.375   2.568   1.00 23.08 ? 14  A   B N1     1 
ATOM   784  C  C2     . A   B 1 14 ? 5.086   4.672   3.092   1.00 23.56 ? 14  A   B C2     1 
ATOM   785  N  N3     . A   B 1 14 ? 5.460   4.725   4.368   1.00 25.13 ? 14  A   B N3     1 
ATOM   786  C  C4     . A   B 1 14 ? 4.429   4.418   5.173   1.00 23.75 ? 14  A   B C4     1 
ATOM   787  P  P      . C   B 1 15 ? 4.351   9.112   8.802   1.00 27.86 ? 15  C   B P      1 
ATOM   788  O  OP1    . C   B 1 15 ? 4.773   10.236  9.690   1.00 28.22 ? 15  C   B OP1    1 
ATOM   789  O  OP2    . C   B 1 15 ? 2.917   8.789   8.663   1.00 28.34 ? 15  C   B OP2    1 
ATOM   790  O  "O5'"  . C   B 1 15 ? 4.894   9.397   7.331   1.00 26.53 ? 15  C   B "O5'"  1 
ATOM   791  C  "C5'"  . C   B 1 15 ? 6.285   9.637   7.106   1.00 26.68 ? 15  C   B "C5'"  1 
ATOM   792  C  "C4'"  . C   B 1 15 ? 6.563   9.729   5.630   1.00 27.50 ? 15  C   B "C4'"  1 
ATOM   793  O  "O4'"  . C   B 1 15 ? 6.232   8.469   4.986   1.00 28.03 ? 15  C   B "O4'"  1 
ATOM   794  C  "C3'"  . C   B 1 15 ? 5.732   10.739  4.859   1.00 28.91 ? 15  C   B "C3'"  1 
ATOM   795  O  "O3'"  . C   B 1 15 ? 6.218   12.063  5.029   1.00 31.18 ? 15  C   B "O3'"  1 
ATOM   796  C  "C2'"  . C   B 1 15 ? 5.893   10.233  3.432   1.00 28.06 ? 15  C   B "C2'"  1 
ATOM   797  O  "O2'"  . C   B 1 15 ? 7.166   10.544  2.905   1.00 31.00 ? 15  C   B "O2'"  1 
ATOM   798  C  "C1'"  . C   B 1 15 ? 5.809   8.720   3.650   1.00 26.86 ? 15  C   B "C1'"  1 
ATOM   799  N  N1     . C   B 1 15 ? 4.427   8.229   3.470   1.00 26.47 ? 15  C   B N1     1 
ATOM   800  C  C2     . C   B 1 15 ? 3.962   8.030   2.169   1.00 26.98 ? 15  C   B C2     1 
ATOM   801  O  O2     . C   B 1 15 ? 4.725   8.264   1.220   1.00 26.93 ? 15  C   B O2     1 
ATOM   802  N  N3     . C   B 1 15 ? 2.694   7.595   1.974   1.00 26.05 ? 15  C   B N3     1 
ATOM   803  C  C4     . C   B 1 15 ? 1.901   7.362   3.022   1.00 26.21 ? 15  C   B C4     1 
ATOM   804  N  N4     . C   B 1 15 ? 0.656   6.930   2.779   1.00 25.08 ? 15  C   B N4     1 
ATOM   805  C  C5     . C   B 1 15 ? 2.349   7.557   4.362   1.00 25.73 ? 15  C   B C5     1 
ATOM   806  C  C6     . C   B 1 15 ? 3.609   7.984   4.541   1.00 26.18 ? 15  C   B C6     1 
ATOM   807  P  P      . A   B 1 16 ? 5.201   13.303  4.936   1.00 33.12 ? 16  A   B P      1 
ATOM   808  O  OP1    . A   B 1 16 ? 5.994   14.532  5.214   1.00 34.30 ? 16  A   B OP1    1 
ATOM   809  O  OP2    . A   B 1 16 ? 3.999   13.005  5.765   1.00 33.16 ? 16  A   B OP2    1 
ATOM   810  O  "O5'"  . A   B 1 16 ? 4.743   13.306  3.413   1.00 32.25 ? 16  A   B "O5'"  1 
ATOM   811  C  "C5'"  . A   B 1 16 ? 5.708   13.465  2.364   1.00 31.19 ? 16  A   B "C5'"  1 
ATOM   812  C  "C4'"  . A   B 1 16 ? 5.053   13.292  1.017   1.00 30.40 ? 16  A   B "C4'"  1 
ATOM   813  O  "O4'"  . A   B 1 16 ? 4.576   11.928  0.866   1.00 29.37 ? 16  A   B "O4'"  1 
ATOM   814  C  "C3'"  . A   B 1 16 ? 3.807   14.116  0.762   1.00 30.34 ? 16  A   B "C3'"  1 
ATOM   815  O  "O3'"  . A   B 1 16 ? 4.116   15.467  0.445   1.00 31.54 ? 16  A   B "O3'"  1 
ATOM   816  C  "C2'"  . A   B 1 16 ? 3.180   13.369  -0.407  1.00 29.90 ? 16  A   B "C2'"  1 
ATOM   817  O  "O2'"  . A   B 1 16 ? 3.813   13.637  -1.643  1.00 30.91 ? 16  A   B "O2'"  1 
ATOM   818  C  "C1'"  . A   B 1 16 ? 3.461   11.917  -0.011  1.00 28.57 ? 16  A   B "C1'"  1 
ATOM   819  N  N9     . A   B 1 16 ? 2.323   11.313  0.681   1.00 26.15 ? 16  A   B N9     1 
ATOM   820  C  C8     . A   B 1 16 ? 2.137   11.103  2.026   1.00 27.07 ? 16  A   B C8     1 
ATOM   821  N  N7     . A   B 1 16 ? 0.982   10.545  2.317   1.00 24.72 ? 16  A   B N7     1 
ATOM   822  C  C5     . A   B 1 16 ? 0.372   10.377  1.083   1.00 24.61 ? 16  A   B C5     1 
ATOM   823  C  C6     . A   B 1 16 ? -0.879  9.847   0.702   1.00 25.08 ? 16  A   B C6     1 
ATOM   824  N  N6     . A   B 1 16 ? -1.772  9.352   1.565   1.00 23.04 ? 16  A   B N6     1 
ATOM   825  N  N1     . A   B 1 16 ? -1.186  9.840   -0.612  1.00 24.18 ? 16  A   B N1     1 
ATOM   826  C  C2     . A   B 1 16 ? -0.289  10.330  -1.481  1.00 27.12 ? 16  A   B C2     1 
ATOM   827  N  N3     . A   B 1 16 ? 0.917   10.847  -1.246  1.00 25.18 ? 16  A   B N3     1 
ATOM   828  C  C4     . A   B 1 16 ? 1.188   10.844  0.068   1.00 25.65 ? 16  A   B C4     1 
ATOM   829  P  P      . C   B 1 17 ? 3.116   16.634  0.899   1.00 32.44 ? 17  C   B P      1 
ATOM   830  O  OP1    . C   B 1 17 ? 3.700   17.937  0.462   1.00 33.17 ? 17  C   B OP1    1 
ATOM   831  O  OP2    . C   B 1 17 ? 2.754   16.436  2.330   1.00 31.45 ? 17  C   B OP2    1 
ATOM   832  O  "O5'"  . C   B 1 17 ? 1.807   16.376  0.036   1.00 33.63 ? 17  C   B "O5'"  1 
ATOM   833  C  "C5'"  . C   B 1 17 ? 1.815   16.565  -1.385  1.00 32.85 ? 17  C   B "C5'"  1 
ATOM   834  C  "C4'"  . C   B 1 17 ? 0.449   16.281  -1.950  1.00 34.36 ? 17  C   B "C4'"  1 
ATOM   835  O  "O4'"  . C   B 1 17 ? 0.160   14.858  -1.844  1.00 32.50 ? 17  C   B "O4'"  1 
ATOM   836  C  "C3'"  . C   B 1 17 ? -0.712  16.932  -1.218  1.00 34.41 ? 17  C   B "C3'"  1 
ATOM   837  O  "O3'"  . C   B 1 17 ? -0.874  18.307  -1.554  1.00 36.99 ? 17  C   B "O3'"  1 
ATOM   838  C  "C2'"  . C   B 1 17 ? -1.877  16.065  -1.670  1.00 33.29 ? 17  C   B "C2'"  1 
ATOM   839  O  "O2'"  . C   B 1 17 ? -2.277  16.351  -2.995  1.00 34.35 ? 17  C   B "O2'"  1 
ATOM   840  C  "C1'"  . C   B 1 17 ? -1.234  14.676  -1.640  1.00 31.01 ? 17  C   B "C1'"  1 
ATOM   841  N  N1     . C   B 1 17 ? -1.431  14.007  -0.342  1.00 28.13 ? 17  C   B N1     1 
ATOM   842  C  C2     . C   B 1 17 ? -2.622  13.311  -0.131  1.00 26.78 ? 17  C   B C2     1 
ATOM   843  O  O2     . C   B 1 17 ? -3.454  13.267  -1.042  1.00 28.89 ? 17  C   B O2     1 
ATOM   844  N  N3     . C   B 1 17 ? -2.832  12.702  1.061   1.00 25.37 ? 17  C   B N3     1 
ATOM   845  C  C4     . C   B 1 17 ? -1.905  12.769  2.016   1.00 25.46 ? 17  C   B C4     1 
ATOM   846  N  N4     . C   B 1 17 ? -2.153  12.147  3.178   1.00 26.25 ? 17  C   B N4     1 
ATOM   847  C  C5     . C   B 1 17 ? -0.676  13.475  1.829   1.00 25.83 ? 17  C   B C5     1 
ATOM   848  C  C6     . C   B 1 17 ? -0.483  14.071  0.640   1.00 25.43 ? 17  C   B C6     1 
ATOM   849  P  P      . A   B 1 18 ? -1.450  19.326  -0.456  1.00 38.51 ? 18  A   B P      1 
ATOM   850  O  OP1    . A   B 1 18 ? -1.454  20.692  -1.051  1.00 40.16 ? 18  A   B OP1    1 
ATOM   851  O  OP2    . A   B 1 18 ? -0.753  19.093  0.836   1.00 38.91 ? 18  A   B OP2    1 
ATOM   852  O  "O5'"  . A   B 1 18 ? -2.966  18.870  -0.288  1.00 36.91 ? 18  A   B "O5'"  1 
ATOM   853  C  "C5'"  . A   B 1 18 ? -3.900  19.050  -1.363  1.00 34.68 ? 18  A   B "C5'"  1 
ATOM   854  C  "C4'"  . A   B 1 18 ? -5.263  18.544  -0.962  1.00 32.49 ? 18  A   B "C4'"  1 
ATOM   855  O  "O4'"  . A   B 1 18 ? -5.202  17.106  -0.763  1.00 31.03 ? 18  A   B "O4'"  1 
ATOM   856  C  "C3'"  . A   B 1 18 ? -5.803  19.060  0.361   1.00 32.91 ? 18  A   B "C3'"  1 
ATOM   857  O  "O3'"  . A   B 1 18 ? -6.331  20.386  0.271   1.00 35.71 ? 18  A   B "O3'"  1 
ATOM   858  C  "C2'"  . A   B 1 18 ? -6.856  18.009  0.676   1.00 31.45 ? 18  A   B "C2'"  1 
ATOM   859  O  "O2'"  . A   B 1 18 ? -7.997  18.146  -0.146  1.00 31.17 ? 18  A   B "O2'"  1 
ATOM   860  C  "C1'"  . A   B 1 18 ? -6.123  16.733  0.253   1.00 29.86 ? 18  A   B "C1'"  1 
ATOM   861  N  N9     . A   B 1 18 ? -5.381  16.120  1.358   1.00 28.22 ? 18  A   B N9     1 
ATOM   862  C  C8     . A   B 1 18 ? -4.048  16.225  1.667   1.00 26.35 ? 18  A   B C8     1 
ATOM   863  N  N7     . A   B 1 18 ? -3.695  15.534  2.727   1.00 26.14 ? 18  A   B N7     1 
ATOM   864  C  C5     . A   B 1 18 ? -4.878  14.936  3.143   1.00 25.38 ? 18  A   B C5     1 
ATOM   865  C  C6     . A   B 1 18 ? -5.177  14.068  4.214   1.00 24.75 ? 18  A   B C6     1 
ATOM   866  N  N6     . A   B 1 18 ? -4.267  13.647  5.097   1.00 24.99 ? 18  A   B N6     1 
ATOM   867  N  N1     . A   B 1 18 ? -6.457  13.651  4.347   1.00 24.80 ? 18  A   B N1     1 
ATOM   868  C  C2     . A   B 1 18 ? -7.366  14.085  3.467   1.00 23.75 ? 18  A   B C2     1 
ATOM   869  N  N3     . A   B 1 18 ? -7.208  14.903  2.421   1.00 28.03 ? 18  A   B N3     1 
ATOM   870  C  C4     . A   B 1 18 ? -5.924  15.292  2.315   1.00 26.75 ? 18  A   B C4     1 
ATOM   871  P  P      . G   B 1 19 ? -6.287  21.344  1.566   1.00 38.70 ? 19  G   B P      1 
ATOM   872  O  OP1    . G   B 1 19 ? -6.682  22.710  1.133   1.00 39.02 ? 19  G   B OP1    1 
ATOM   873  O  OP2    . G   B 1 19 ? -5.004  21.145  2.281   1.00 38.53 ? 19  G   B OP2    1 
ATOM   874  O  "O5'"  . G   B 1 19 ? -7.440  20.776  2.509   1.00 36.73 ? 19  G   B "O5'"  1 
ATOM   875  C  "C5'"  . G   B 1 19 ? -8.794  20.742  2.049   1.00 34.84 ? 19  G   B "C5'"  1 
ATOM   876  C  "C4'"  . G   B 1 19 ? -9.637  19.828  2.911   1.00 31.50 ? 19  G   B "C4'"  1 
ATOM   877  O  "O4'"  . G   B 1 19 ? -9.081  18.488  2.919   1.00 31.11 ? 19  G   B "O4'"  1 
ATOM   878  C  "C3'"  . G   B 1 19 ? -9.766  20.147  4.389   1.00 31.08 ? 19  G   B "C3'"  1 
ATOM   879  O  "O3'"  . G   B 1 19 ? -10.701 21.202  4.590   1.00 31.13 ? 19  G   B "O3'"  1 
ATOM   880  C  "C2'"  . G   B 1 19 ? -10.312 18.824  4.917   1.00 30.21 ? 19  G   B "C2'"  1 
ATOM   881  O  "O2'"  . G   B 1 19 ? -11.670 18.664  4.568   1.00 31.02 ? 19  G   B "O2'"  1 
ATOM   882  C  "C1'"  . G   B 1 19 ? -9.493  17.817  4.103   1.00 29.08 ? 19  G   B "C1'"  1 
ATOM   883  N  N9     . G   B 1 19 ? -8.310  17.343  4.813   1.00 27.42 ? 19  G   B N9     1 
ATOM   884  C  C8     . G   B 1 19 ? -7.006  17.721  4.613   1.00 26.17 ? 19  G   B C8     1 
ATOM   885  N  N7     . G   B 1 19 ? -6.169  17.125  5.417   1.00 28.03 ? 19  G   B N7     1 
ATOM   886  C  C5     . G   B 1 19 ? -6.970  16.296  6.195   1.00 25.51 ? 19  G   B C5     1 
ATOM   887  C  C6     . G   B 1 19 ? -6.624  15.399  7.239   1.00 24.76 ? 19  G   B C6     1 
ATOM   888  O  O6     . G   B 1 19 ? -5.506  15.127  7.690   1.00 24.77 ? 19  G   B O6     1 
ATOM   889  N  N1     . G   B 1 19 ? -7.754  14.776  7.766   1.00 25.61 ? 19  G   B N1     1 
ATOM   890  C  C2     . G   B 1 19 ? -9.040  14.977  7.338   1.00 25.30 ? 19  G   B C2     1 
ATOM   891  N  N2     . G   B 1 19 ? -10.000 14.288  7.985   1.00 24.53 ? 19  G   B N2     1 
ATOM   892  N  N3     . G   B 1 19 ? -9.371  15.795  6.356   1.00 24.77 ? 19  G   B N3     1 
ATOM   893  C  C4     . G   B 1 19 ? -8.293  16.420  5.836   1.00 26.81 ? 19  G   B C4     1 
ATOM   894  P  P      . C   B 1 20 ? -10.691 22.034  5.968   1.00 32.43 ? 20  C   B P      1 
ATOM   895  O  OP1    . C   B 1 20 ? -11.648 23.156  5.802   1.00 34.87 ? 20  C   B OP1    1 
ATOM   896  O  OP2    . C   B 1 20 ? -9.291  22.312  6.343   1.00 32.11 ? 20  C   B OP2    1 
ATOM   897  O  "O5'"  . C   B 1 20 ? -11.288 21.017  7.043   1.00 32.27 ? 20  C   B "O5'"  1 
ATOM   898  C  "C5'"  . C   B 1 20 ? -12.685 20.664  7.030   1.00 34.02 ? 20  C   B "C5'"  1 
ATOM   899  C  "C4'"  . C   B 1 20 ? -12.988 19.711  8.160   1.00 35.00 ? 20  C   B "C4'"  1 
ATOM   900  O  "O4'"  . C   B 1 20 ? -12.221 18.493  7.978   1.00 33.53 ? 20  C   B "O4'"  1 
ATOM   901  C  "C3'"  . C   B 1 20 ? -12.566 20.184  9.539   1.00 36.11 ? 20  C   B "C3'"  1 
ATOM   902  O  "O3'"  . C   B 1 20 ? -13.487 21.095  10.117  1.00 39.28 ? 20  C   B "O3'"  1 
ATOM   903  C  "C2'"  . C   B 1 20 ? -12.457 18.878  10.311  1.00 35.56 ? 20  C   B "C2'"  1 
ATOM   904  O  "O2'"  . C   B 1 20 ? -13.709 18.349  10.705  1.00 39.84 ? 20  C   B "O2'"  1 
ATOM   905  C  "C1'"  . C   B 1 20 ? -11.852 17.966  9.246   1.00 33.37 ? 20  C   B "C1'"  1 
ATOM   906  N  N1     . C   B 1 20 ? -10.385 17.906  9.330   1.00 29.72 ? 20  C   B N1     1 
ATOM   907  C  C2     . C   B 1 20 ? -9.802  17.037  10.257  1.00 28.25 ? 20  C   B C2     1 
ATOM   908  O  O2     . C   B 1 20 ? -10.544 16.364  10.996  1.00 29.66 ? 20  C   B O2     1 
ATOM   909  N  N3     . C   B 1 20 ? -8.457  16.949  10.331  1.00 26.97 ? 20  C   B N3     1 
ATOM   910  C  C4     . C   B 1 20 ? -7.694  17.703  9.531   1.00 26.52 ? 20  C   B C4     1 
ATOM   911  N  N4     . C   B 1 20 ? -6.371  17.585  9.639   1.00 28.83 ? 20  C   B N4     1 
ATOM   912  C  C5     . C   B 1 20 ? -8.261  18.608  8.589   1.00 25.19 ? 20  C   B C5     1 
ATOM   913  C  C6     . C   B 1 20 ? -9.596  18.678  8.520   1.00 27.12 ? 20  C   B C6     1 
ATOM   914  P  P      . A   B 1 21 ? -12.944 22.229  11.110  1.00 40.55 ? 21  A   B P      1 
ATOM   915  O  OP1    . A   B 1 21 ? -14.061 23.163  11.414  1.00 40.96 ? 21  A   B OP1    1 
ATOM   916  O  OP2    . A   B 1 21 ? -11.690 22.756  10.513  1.00 41.92 ? 21  A   B OP2    1 
ATOM   917  O  "O5'"  . A   B 1 21 ? -12.557 21.427  12.428  1.00 40.10 ? 21  A   B "O5'"  1 
ATOM   918  C  "C5'"  . A   B 1 21 ? -13.570 20.779  13.217  1.00 39.49 ? 21  A   B "C5'"  1 
ATOM   919  C  "C4'"  . A   B 1 21 ? -12.942 20.047  14.379  1.00 39.84 ? 21  A   B "C4'"  1 
ATOM   920  O  "O4'"  . A   B 1 21 ? -12.163 18.918  13.897  1.00 39.17 ? 21  A   B "O4'"  1 
ATOM   921  C  "C3'"  . A   B 1 21 ? -11.944 20.844  15.199  1.00 40.38 ? 21  A   B "C3'"  1 
ATOM   922  O  "O3'"  . A   B 1 21 ? -12.583 21.717  16.125  1.00 42.93 ? 21  A   B "O3'"  1 
ATOM   923  C  "C2'"  . A   B 1 21 ? -11.161 19.736  15.891  1.00 39.75 ? 21  A   B "C2'"  1 
ATOM   924  O  "O2'"  . A   B 1 21 ? -11.876 19.176  16.974  1.00 40.49 ? 21  A   B "O2'"  1 
ATOM   925  C  "C1'"  . A   B 1 21 ? -11.056 18.703  14.766  1.00 38.16 ? 21  A   B "C1'"  1 
ATOM   926  N  N9     . A   B 1 21 ? -9.821  18.844  13.992  1.00 34.97 ? 21  A   B N9     1 
ATOM   927  C  C8     . A   B 1 21 ? -9.641  19.509  12.804  1.00 33.98 ? 21  A   B C8     1 
ATOM   928  N  N7     . A   B 1 21 ? -8.408  19.461  12.352  1.00 31.08 ? 21  A   B N7     1 
ATOM   929  C  C5     . A   B 1 21 ? -7.734  18.709  13.304  1.00 30.63 ? 21  A   B C5     1 
ATOM   930  C  C6     . A   B 1 21 ? -6.395  18.290  13.406  1.00 30.10 ? 21  A   B C6     1 
ATOM   931  N  N6     . A   B 1 21 ? -5.455  18.578  12.501  1.00 29.00 ? 21  A   B N6     1 
ATOM   932  N  N1     . A   B 1 21 ? -6.049  17.554  14.481  1.00 30.70 ? 21  A   B N1     1 
ATOM   933  C  C2     . A   B 1 21 ? -6.990  17.263  15.391  1.00 31.63 ? 21  A   B C2     1 
ATOM   934  N  N3     . A   B 1 21 ? -8.277  17.597  15.406  1.00 32.71 ? 21  A   B N3     1 
ATOM   935  C  C4     . A   B 1 21 ? -8.591  18.326  14.321  1.00 32.45 ? 21  A   B C4     1 
ATOM   936  P  P      . A   B 1 22 ? -11.873 23.101  16.536  1.00 45.11 ? 22  A   B P      1 
ATOM   937  O  OP1    . A   B 1 22 ? -12.860 23.907  17.305  1.00 46.18 ? 22  A   B OP1    1 
ATOM   938  O  OP2    . A   B 1 22 ? -11.255 23.675  15.313  1.00 45.04 ? 22  A   B OP2    1 
ATOM   939  O  "O5'"  . A   B 1 22 ? -10.712 22.654  17.529  1.00 43.54 ? 22  A   B "O5'"  1 
ATOM   940  C  "C5'"  . A   B 1 22 ? -11.023 22.005  18.773  1.00 42.81 ? 22  A   B "C5'"  1 
ATOM   941  C  "C4'"  . A   B 1 22 ? -9.778  21.394  19.370  1.00 41.63 ? 22  A   B "C4'"  1 
ATOM   942  O  "O4'"  . A   B 1 22 ? -9.271  20.362  18.475  1.00 40.28 ? 22  A   B "O4'"  1 
ATOM   943  C  "C3'"  . A   B 1 22 ? -8.593  22.332  19.533  1.00 40.90 ? 22  A   B "C3'"  1 
ATOM   944  O  "O3'"  . A   B 1 22 ? -8.689  23.164  20.687  1.00 41.90 ? 22  A   B "O3'"  1 
ATOM   945  C  "C2'"  . A   B 1 22 ? -7.434  21.351  19.602  1.00 40.00 ? 22  A   B "C2'"  1 
ATOM   946  O  "O2'"  . A   B 1 22 ? -7.343  20.699  20.855  1.00 40.30 ? 22  A   B "O2'"  1 
ATOM   947  C  "C1'"  . A   B 1 22 ? -7.852  20.337  18.537  1.00 39.29 ? 22  A   B "C1'"  1 
ATOM   948  N  N9     . A   B 1 22 ? -7.320  20.707  17.224  1.00 37.32 ? 22  A   B N9     1 
ATOM   949  C  C8     . A   B 1 22 ? -7.924  21.432  16.226  1.00 36.50 ? 22  A   B C8     1 
ATOM   950  N  N7     . A   B 1 22 ? -7.153  21.634  15.180  1.00 35.87 ? 22  A   B N7     1 
ATOM   951  C  C5     . A   B 1 22 ? -5.971  20.985  15.508  1.00 35.42 ? 22  A   B C5     1 
ATOM   952  C  C6     . A   B 1 22 ? -4.754  20.829  14.822  1.00 34.48 ? 22  A   B C6     1 
ATOM   953  N  N6     . A   B 1 22 ? -4.517  21.335  13.608  1.00 34.75 ? 22  A   B N6     1 
ATOM   954  N  N1     . A   B 1 22 ? -3.777  20.129  15.433  1.00 35.06 ? 22  A   B N1     1 
ATOM   955  C  C2     . A   B 1 22 ? -4.014  19.621  16.648  1.00 35.97 ? 22  A   B C2     1 
ATOM   956  N  N3     . A   B 1 22 ? -5.114  19.698  17.393  1.00 35.16 ? 22  A   B N3     1 
ATOM   957  C  C4     . A   B 1 22 ? -6.063  20.403  16.759  1.00 35.28 ? 22  A   B C4     1 
ATOM   958  P  P      . G   B 1 23 ? -7.970  24.604  20.685  1.00 41.89 ? 23  G   B P      1 
ATOM   959  O  OP1    . G   B 1 23 ? -8.306  25.303  21.957  1.00 43.39 ? 23  G   B OP1    1 
ATOM   960  O  OP2    . G   B 1 23 ? -8.287  25.258  19.388  1.00 41.63 ? 23  G   B OP2    1 
ATOM   961  O  "O5'"  . G   B 1 23 ? -6.413  24.263  20.702  1.00 41.07 ? 23  G   B "O5'"  1 
ATOM   962  C  "C5'"  . G   B 1 23 ? -5.823  23.555  21.811  1.00 39.35 ? 23  G   B "C5'"  1 
ATOM   963  C  "C4'"  . G   B 1 23 ? -4.377  23.222  21.519  1.00 39.76 ? 23  G   B "C4'"  1 
ATOM   964  O  "O4'"  . G   B 1 23 ? -4.306  22.378  20.340  1.00 38.65 ? 23  G   B "O4'"  1 
ATOM   965  C  "C3'"  . G   B 1 23 ? -3.464  24.386  21.174  1.00 39.31 ? 23  G   B "C3'"  1 
ATOM   966  O  "O3'"  . G   B 1 23 ? -3.026  25.183  22.282  1.00 40.49 ? 23  G   B "O3'"  1 
ATOM   967  C  "C2'"  . G   B 1 23 ? -2.321  23.682  20.456  1.00 38.66 ? 23  G   B "C2'"  1 
ATOM   968  O  "O2'"  . G   B 1 23 ? -1.421  23.051  21.340  1.00 38.79 ? 23  G   B "O2'"  1 
ATOM   969  C  "C1'"  . G   B 1 23 ? -3.082  22.619  19.662  1.00 37.65 ? 23  G   B "C1'"  1 
ATOM   970  N  N9     . G   B 1 23 ? -3.377  23.072  18.306  1.00 34.88 ? 23  G   B N9     1 
ATOM   971  C  C8     . G   B 1 23 ? -4.539  23.641  17.847  1.00 34.31 ? 23  G   B C8     1 
ATOM   972  N  N7     . G   B 1 23 ? -4.487  23.964  16.582  1.00 34.29 ? 23  G   B N7     1 
ATOM   973  C  C5     . G   B 1 23 ? -3.216  23.575  16.182  1.00 33.86 ? 23  G   B C5     1 
ATOM   974  C  C6     . G   B 1 23 ? -2.580  23.667  14.914  1.00 32.98 ? 23  G   B C6     1 
ATOM   975  O  O6     . G   B 1 23 ? -3.031  24.124  13.856  1.00 33.76 ? 23  G   B O6     1 
ATOM   976  N  N1     . G   B 1 23 ? -1.286  23.153  14.954  1.00 31.54 ? 23  G   B N1     1 
ATOM   977  C  C2     . G   B 1 23 ? -0.681  22.620  16.063  1.00 32.89 ? 23  G   B C2     1 
ATOM   978  N  N2     . G   B 1 23 ? 0.572   22.176  15.901  1.00 32.82 ? 23  G   B N2     1 
ATOM   979  N  N3     . G   B 1 23 ? -1.265  22.527  17.249  1.00 34.17 ? 23  G   B N3     1 
ATOM   980  C  C4     . G   B 1 23 ? -2.520  23.020  17.233  1.00 34.25 ? 23  G   B C4     1 
HETATM 981  O  O1     . RIO C 2 .  ? -6.672  7.415   4.677   1.00 25.59 ? 24  RIO A O1     1 
HETATM 982  C  C1     . RIO C 2 .  ? -5.392  7.586   5.291   1.00 24.19 ? 24  RIO A C1     1 
HETATM 983  C  C2     . RIO C 2 .  ? -4.623  6.264   5.233   1.00 24.16 ? 24  RIO A C2     1 
HETATM 984  O  O2     . RIO C 2 .  ? -4.423  5.891   3.856   1.00 23.40 ? 24  RIO A O2     1 
HETATM 985  C  C3     . RIO C 2 .  ? -3.042  5.536   3.691   1.00 23.08 ? 24  RIO A C3     1 
HETATM 986  O  O3     . RIO C 2 .  ? -2.584  5.824   2.360   1.00 22.52 ? 24  RIO A O3     1 
HETATM 987  C  C4     . RIO C 2 .  ? -2.831  4.772   1.413   1.00 22.44 ? 24  RIO A C4     1 
HETATM 988  C  C5     . RIO C 2 .  ? -1.560  3.925   1.286   1.00 22.39 ? 24  RIO A C5     1 
HETATM 989  O  O4     . RIO C 2 .  ? -1.300  3.230   2.510   1.00 23.72 ? 24  RIO A O4     1 
HETATM 990  C  C6     . RIO C 2 .  ? -1.672  2.909   0.147   1.00 22.62 ? 24  RIO A C6     1 
HETATM 991  N  N1     . RIO C 2 .  ? -0.449  2.097   0.071   1.00 22.72 ? 24  RIO A N1     1 
HETATM 992  C  C7     . RIO C 2 .  ? -1.891  3.648   -1.175  1.00 22.79 ? 24  RIO A C7     1 
HETATM 993  C  C8     . RIO C 2 .  ? -3.210  4.419   -1.089  1.00 22.74 ? 24  RIO A C8     1 
HETATM 994  N  N2     . RIO C 2 .  ? -3.442  5.149   -2.344  1.00 23.15 ? 24  RIO A N2     1 
HETATM 995  C  C9     . RIO C 2 .  ? -3.227  5.409   0.082   1.00 21.92 ? 24  RIO A C9     1 
HETATM 996  O  O5     . RIO C 2 .  ? -4.557  5.958   0.097   1.00 21.53 ? 24  RIO A O5     1 
HETATM 997  C  C10    . RIO C 2 .  ? -4.720  7.164   0.859   1.00 23.61 ? 24  RIO A C10    1 
HETATM 998  O  O6     . RIO C 2 .  ? -4.405  8.320   0.058   1.00 23.76 ? 24  RIO A O6     1 
HETATM 999  C  C11    . RIO C 2 .  ? -5.246  8.485   -1.098  1.00 24.07 ? 24  RIO A C11    1 
HETATM 1000 C  C12    . RIO C 2 .  ? -4.803  9.720   -1.886  1.00 24.44 ? 24  RIO A C12    1 
HETATM 1001 N  N3     . RIO C 2 .  ? -3.449  9.500   -2.416  1.00 24.14 ? 24  RIO A N3     1 
HETATM 1002 C  C13    . RIO C 2 .  ? -6.711  8.655   -0.683  1.00 23.72 ? 24  RIO A C13    1 
HETATM 1003 O  O7     . RIO C 2 .  ? -7.535  8.738   -1.850  1.00 24.45 ? 24  RIO A O7     1 
HETATM 1004 C  C14    . RIO C 2 .  ? -7.141  7.445   0.149   1.00 23.31 ? 24  RIO A C14    1 
HETATM 1005 O  O8     . RIO C 2 .  ? -8.458  7.672   0.656   1.00 23.46 ? 24  RIO A O8     1 
HETATM 1006 C  C15    . RIO C 2 .  ? -6.180  7.231   1.321   1.00 23.14 ? 24  RIO A C15    1 
HETATM 1007 N  N4     . RIO C 2 .  ? -6.541  5.985   2.014   1.00 23.24 ? 24  RIO A N4     1 
HETATM 1008 C  C16    . RIO C 2 .  ? -2.331  6.487   4.651   1.00 23.01 ? 24  RIO A C16    1 
HETATM 1009 O  O9     . RIO C 2 .  ? -0.995  6.077   4.953   1.00 23.19 ? 24  RIO A O9     1 
HETATM 1010 C  C17    . RIO C 2 .  ? -3.240  6.403   5.875   1.00 24.07 ? 24  RIO A C17    1 
HETATM 1011 O  O10    . RIO C 2 .  ? -2.906  5.251   6.655   1.00 25.00 ? 24  RIO A O10    1 
HETATM 1012 O  O1     . RIO D 2 .  ? 3.344   -6.401  -8.021  1.00 30.67 ? 24  RIO B O1     1 
HETATM 1013 C  C1     . RIO D 2 .  ? 3.925   -6.930  -6.826  1.00 29.80 ? 24  RIO B C1     1 
HETATM 1014 C  C2     . RIO D 2 .  ? 4.110   -5.801  -5.810  1.00 29.75 ? 24  RIO B C2     1 
HETATM 1015 O  O2     . RIO D 2 .  ? 2.829   -5.253  -5.442  1.00 29.42 ? 24  RIO B O2     1 
HETATM 1016 C  C3     . RIO D 2 .  ? 2.750   -5.240  -4.007  1.00 28.69 ? 24  RIO B C3     1 
HETATM 1017 O  O3     . RIO D 2 .  ? 1.396   -5.364  -3.545  1.00 26.91 ? 24  RIO B O3     1 
HETATM 1018 C  C4     . RIO D 2 .  ? 0.713   -4.102  -3.472  1.00 26.92 ? 24  RIO B C4     1 
HETATM 1019 C  C5     . RIO D 2 .  ? 0.674   -3.633  -2.012  1.00 26.43 ? 24  RIO B C5     1 
HETATM 1020 O  O4     . RIO D 2 .  ? 1.999   -3.367  -1.546  1.00 26.39 ? 24  RIO B O4     1 
HETATM 1021 C  C6     . RIO D 2 .  ? -0.180  -2.372  -1.862  1.00 26.48 ? 24  RIO B C6     1 
HETATM 1022 N  N1     . RIO D 2 .  ? -0.154  -1.885  -0.475  1.00 25.66 ? 24  RIO B N1     1 
HETATM 1023 C  C7     . RIO D 2 .  ? -1.616  -2.678  -2.291  1.00 26.76 ? 24  RIO B C7     1 
HETATM 1024 C  C8     . RIO D 2 .  ? -1.611  -3.079  -3.769  1.00 27.19 ? 24  RIO B C8     1 
HETATM 1025 N  N2     . RIO D 2 .  ? -2.972  -3.428  -4.198  1.00 27.43 ? 24  RIO B N2     1 
HETATM 1026 C  C9     . RIO D 2 .  ? -0.691  -4.272  -4.049  1.00 27.53 ? 24  RIO B C9     1 
HETATM 1027 O  O5     . RIO D 2 .  ? -0.695  -4.414  -5.480  1.00 27.15 ? 24  RIO B O5     1 
HETATM 1028 C  C10    . RIO D 2 .  ? -0.231  -5.681  -5.974  1.00 27.74 ? 24  RIO B C10    1 
HETATM 1029 O  O6     . RIO D 2 .  ? -1.275  -6.672  -5.933  1.00 28.23 ? 24  RIO B O6     1 
HETATM 1030 C  C11    . RIO D 2 .  ? -2.434  -6.361  -6.729  1.00 28.57 ? 24  RIO B C11    1 
HETATM 1031 C  C12    . RIO D 2 .  ? -3.485  -7.463  -6.575  1.00 29.46 ? 24  RIO B C12    1 
HETATM 1032 N  N3     . RIO D 2 .  ? -3.962  -7.505  -5.185  1.00 29.87 ? 24  RIO B N3     1 
HETATM 1033 C  C13    . RIO D 2 .  ? -2.043  -6.222  -8.204  1.00 28.56 ? 24  RIO B C13    1 
HETATM 1034 O  O7     . RIO D 2 .  ? -3.186  -5.848  -8.979  1.00 29.81 ? 24  RIO B O7     1 
HETATM 1035 C  C14    . RIO D 2 .  ? -0.964  -5.144  -8.330  1.00 28.35 ? 24  RIO B C14    1 
HETATM 1036 O  O8     . RIO D 2 .  ? -0.521  -5.059  -9.688  1.00 29.95 ? 24  RIO B O8     1 
HETATM 1037 C  C15    . RIO D 2 .  ? 0.222   -5.476  -7.423  1.00 27.76 ? 24  RIO B C15    1 
HETATM 1038 N  N4     . RIO D 2 .  ? 1.212   -4.390  -7.485  1.00 26.02 ? 24  RIO B N4     1 
HETATM 1039 C  C16    . RIO D 2 .  ? 3.531   -6.493  -3.617  1.00 29.49 ? 24  RIO B C16    1 
HETATM 1040 O  O9     . RIO D 2 .  ? 3.904   -6.516  -2.238  1.00 29.40 ? 24  RIO B O9     1 
HETATM 1041 C  C17    . RIO D 2 .  ? 4.746   -6.352  -4.530  1.00 29.57 ? 24  RIO B C17    1 
HETATM 1042 O  O10    . RIO D 2 .  ? 5.687   -5.432  -3.970  1.00 30.52 ? 24  RIO B O10    1 
HETATM 1043 O  O      . HOH E 3 .  ? -2.881  15.918  10.385  1.00 27.26 ? 25  HOH A O      1 
HETATM 1044 O  O      . HOH E 3 .  ? -4.188  7.597   -4.302  1.00 26.89 ? 26  HOH A O      1 
HETATM 1045 O  O      . HOH E 3 .  ? 3.510   0.986   -2.003  1.00 27.78 ? 27  HOH A O      1 
HETATM 1046 O  O      . HOH E 3 .  ? -3.296  10.215  8.130   1.00 34.97 ? 28  HOH A O      1 
HETATM 1047 O  O      . HOH E 3 .  ? -2.366  0.445   -4.051  1.00 31.60 ? 29  HOH A O      1 
HETATM 1048 O  O      . HOH E 3 .  ? 7.956   -10.894 7.152   1.00 33.26 ? 30  HOH A O      1 
HETATM 1049 O  O      . HOH E 3 .  ? 5.733   9.485   -3.426  1.00 38.06 ? 31  HOH A O      1 
HETATM 1050 O  O      . HOH E 3 .  ? -9.336  5.589   2.756   1.00 26.30 ? 32  HOH A O      1 
HETATM 1051 O  O      . HOH E 3 .  ? -9.619  3.576   0.045   1.00 30.52 ? 33  HOH A O      1 
HETATM 1052 O  O      . HOH E 3 .  ? -9.354  6.179   -8.571  1.00 27.11 ? 34  HOH A O      1 
HETATM 1053 O  O      . HOH E 3 .  ? -6.901  3.894   -0.126  1.00 26.59 ? 35  HOH A O      1 
HETATM 1054 O  O      . HOH E 3 .  ? 0.837   1.906   -4.584  1.00 30.21 ? 36  HOH A O      1 
HETATM 1055 O  O      . HOH E 3 .  ? 11.254  0.978   3.574   1.00 37.75 ? 37  HOH A O      1 
HETATM 1056 O  O      . HOH E 3 .  ? 7.799   -26.642 -12.558 1.00 37.09 ? 38  HOH A O      1 
HETATM 1057 O  O      . HOH E 3 .  ? 9.792   2.102   5.462   1.00 38.77 ? 39  HOH A O      1 
HETATM 1058 O  O      . HOH E 3 .  ? -3.378  4.660   9.504   1.00 46.34 ? 40  HOH A O      1 
HETATM 1059 O  O      . HOH E 3 .  ? -3.578  23.046  8.647   1.00 39.10 ? 41  HOH A O      1 
HETATM 1060 O  O      . HOH E 3 .  ? 1.017   -17.363 -7.855  1.00 46.58 ? 42  HOH A O      1 
HETATM 1061 O  O      . HOH E 3 .  ? 4.144   1.545   -4.489  1.00 30.31 ? 43  HOH A O      1 
HETATM 1062 O  O      . HOH E 3 .  ? 12.309  -25.767 -3.495  1.00 31.71 ? 44  HOH A O      1 
HETATM 1063 O  O      . HOH E 3 .  ? -0.311  0.792   -2.360  1.00 29.01 ? 45  HOH A O      1 
HETATM 1064 O  O      . HOH E 3 .  ? 13.525  -27.709 -5.298  1.00 40.82 ? 46  HOH A O      1 
HETATM 1065 O  O      . HOH E 3 .  ? -3.281  8.160   -6.978  1.00 29.85 ? 47  HOH A O      1 
HETATM 1066 O  O      . HOH E 3 .  ? -4.024  2.863   6.125   1.00 29.92 ? 48  HOH A O      1 
HETATM 1067 O  O      . HOH E 3 .  ? 7.391   -13.959 -15.591 1.00 34.67 ? 49  HOH A O      1 
HETATM 1068 O  O      . HOH E 3 .  ? -12.854 4.185   2.452   1.00 32.02 ? 50  HOH A O      1 
HETATM 1069 O  O      . HOH E 3 .  ? -0.846  6.132   8.550   1.00 35.68 ? 51  HOH A O      1 
HETATM 1070 O  O      . HOH E 3 .  ? -1.231  1.152   4.659   1.00 27.72 ? 52  HOH A O      1 
HETATM 1071 O  O      . HOH E 3 .  ? 11.596  -1.255  5.239   1.00 33.01 ? 53  HOH A O      1 
HETATM 1072 O  O      . HOH E 3 .  ? -2.538  11.458  10.429  1.00 38.81 ? 54  HOH A O      1 
HETATM 1073 O  O      . HOH E 3 .  ? 13.788  1.192   -0.128  1.00 36.58 ? 55  HOH A O      1 
HETATM 1074 O  O      . HOH E 3 .  ? -9.823  8.845   -7.879  1.00 29.12 ? 56  HOH A O      1 
HETATM 1075 O  O      . HOH E 3 .  ? -8.982  10.741  -3.111  1.00 38.36 ? 57  HOH A O      1 
HETATM 1076 O  O      . HOH E 3 .  ? -0.732  -17.092 -3.209  1.00 39.70 ? 58  HOH A O      1 
HETATM 1077 O  O      . HOH E 3 .  ? 2.509   -13.211 -3.144  1.00 37.36 ? 59  HOH A O      1 
HETATM 1078 O  O      . HOH E 3 .  ? 7.933   18.151  10.419  1.00 37.55 ? 60  HOH A O      1 
HETATM 1079 O  O      . HOH E 3 .  ? -13.522 8.162   12.970  1.00 38.11 ? 61  HOH A O      1 
HETATM 1080 O  O      . HOH E 3 .  ? -3.710  1.740   2.857   1.00 37.48 ? 62  HOH A O      1 
HETATM 1081 O  O      . HOH E 3 .  ? 5.256   12.074  13.049  1.00 52.61 ? 63  HOH A O      1 
HETATM 1082 O  O      . HOH E 3 .  ? 8.218   -4.444  -1.707  1.00 35.60 ? 64  HOH A O      1 
HETATM 1083 O  O      . HOH E 3 .  ? 1.243   15.651  11.381  1.00 33.09 ? 65  HOH A O      1 
HETATM 1084 O  O      . HOH E 3 .  ? -7.060  -12.788 -7.594  1.00 49.77 ? 66  HOH A O      1 
HETATM 1085 O  O      . HOH E 3 .  ? -14.338 4.887   -3.304  1.00 33.50 ? 67  HOH A O      1 
HETATM 1086 O  O      . HOH E 3 .  ? 2.488   -9.649  -2.759  1.00 37.33 ? 68  HOH A O      1 
HETATM 1087 O  O      . HOH E 3 .  ? 3.372   14.727  8.477   1.00 42.76 ? 69  HOH A O      1 
HETATM 1088 O  O      . HOH E 3 .  ? -3.314  9.654   12.979  1.00 43.22 ? 70  HOH A O      1 
HETATM 1089 O  O      . HOH E 3 .  ? 14.566  -30.576 -7.484  1.00 37.89 ? 71  HOH A O      1 
HETATM 1090 O  O      . HOH E 3 .  ? 3.463   -16.140 -7.068  1.00 41.20 ? 72  HOH A O      1 
HETATM 1091 O  O      . HOH E 3 .  ? -2.917  10.328  5.673   1.00 32.43 ? 73  HOH A O      1 
HETATM 1092 O  O      . HOH E 3 .  ? 10.844  -13.753 -15.406 1.00 36.11 ? 74  HOH A O      1 
HETATM 1093 O  O      . HOH E 3 .  ? 15.881  -23.025 -10.559 1.00 41.20 ? 75  HOH A O      1 
HETATM 1094 O  O      . HOH E 3 .  ? 11.463  3.829   -6.110  1.00 52.71 ? 76  HOH A O      1 
HETATM 1095 O  O      . HOH E 3 .  ? -7.355  14.728  -2.382  1.00 52.01 ? 77  HOH A O      1 
HETATM 1096 O  O      . HOH E 3 .  ? -5.652  -10.858 -0.101  1.00 42.52 ? 78  HOH A O      1 
HETATM 1097 O  O      . HOH E 3 .  ? -2.146  13.491  11.753  1.00 40.69 ? 79  HOH A O      1 
HETATM 1098 O  O      . HOH E 3 .  ? -11.611 13.901  14.987  1.00 43.96 ? 80  HOH A O      1 
HETATM 1099 O  O      . HOH E 3 .  ? -12.100 7.839   -6.331  1.00 29.11 ? 81  HOH A O      1 
HETATM 1100 O  O      . HOH E 3 .  ? -6.423  2.397   7.400   1.00 37.15 ? 82  HOH A O      1 
HETATM 1101 O  O      . HOH E 3 .  ? 3.012   -0.434  -9.769  1.00 38.30 ? 83  HOH A O      1 
HETATM 1102 O  O      . HOH E 3 .  ? -1.783  8.092   -9.443  1.00 41.32 ? 84  HOH A O      1 
HETATM 1103 O  O      . HOH E 3 .  ? -4.916  12.234  -12.091 1.00 43.09 ? 85  HOH A O      1 
HETATM 1104 O  O      . HOH E 3 .  ? -1.344  10.330  -4.973  1.00 39.76 ? 86  HOH A O      1 
HETATM 1105 O  O      . HOH E 3 .  ? 4.115   -12.761 -16.628 1.00 47.95 ? 87  HOH A O      1 
HETATM 1106 O  O      . HOH E 3 .  ? 14.320  -22.980 -8.425  1.00 37.36 ? 88  HOH A O      1 
HETATM 1107 O  O      . HOH E 3 .  ? 1.182   -14.892 -1.388  1.00 44.08 ? 89  HOH A O      1 
HETATM 1108 O  O      . HOH E 3 .  ? 2.436   -19.238 -9.515  1.00 43.89 ? 90  HOH A O      1 
HETATM 1109 O  O      . HOH E 3 .  ? 10.121  5.913   -5.304  1.00 43.27 ? 91  HOH A O      1 
HETATM 1110 O  O      . HOH E 3 .  ? -6.189  3.348   3.279   1.00 36.79 ? 92  HOH A O      1 
HETATM 1111 O  O      . HOH E 3 .  ? 0.744   17.041  19.474  1.00 49.68 ? 93  HOH A O      1 
HETATM 1112 O  O      . HOH E 3 .  ? 5.845   14.007  11.447  1.00 36.84 ? 94  HOH A O      1 
HETATM 1113 O  O      . HOH E 3 .  ? 12.210  -18.527 -14.414 1.00 40.23 ? 95  HOH A O      1 
HETATM 1114 O  O      . HOH E 3 .  ? -13.108 12.210  14.267  0.50 36.40 ? 96  HOH A O      1 
HETATM 1115 O  O      . HOH E 3 .  ? 5.506   -25.931 -11.154 1.00 39.91 ? 97  HOH A O      1 
HETATM 1116 O  O      . HOH E 3 .  ? 6.022   -23.790 -11.951 1.00 51.39 ? 98  HOH A O      1 
HETATM 1117 O  O      . HOH E 3 .  ? 3.680   -25.399 -16.819 1.00 55.30 ? 99  HOH A O      1 
HETATM 1118 O  O      . HOH E 3 .  ? 1.304   -15.257 -4.666  1.00 44.63 ? 100 HOH A O      1 
HETATM 1119 O  O      . HOH E 3 .  ? 0.911   -18.516 -5.094  1.00 58.84 ? 101 HOH A O      1 
HETATM 1120 O  O      . HOH E 3 .  ? -11.468 -2.561  -3.870  1.00 41.87 ? 102 HOH A O      1 
HETATM 1121 O  O      . HOH E 3 .  ? -7.361  3.817   5.551   1.00 43.36 ? 103 HOH A O      1 
HETATM 1122 O  O      . HOH E 3 .  ? 1.750   0.794   -7.925  1.00 37.50 ? 104 HOH A O      1 
HETATM 1123 O  O      . HOH E 3 .  ? 0.076   12.476  13.015  1.00 37.05 ? 105 HOH A O      1 
HETATM 1124 O  O      . HOH E 3 .  ? -1.567  8.055   10.392  1.00 51.45 ? 106 HOH A O      1 
HETATM 1125 O  O      . HOH E 3 .  ? 3.249   -7.603  7.281   1.00 49.54 ? 107 HOH A O      1 
HETATM 1126 O  O      . HOH E 3 .  ? -4.358  7.634   9.246   1.00 39.83 ? 108 HOH A O      1 
HETATM 1127 O  O      . HOH E 3 .  ? 4.424   22.253  14.711  1.00 39.30 ? 109 HOH A O      1 
HETATM 1128 O  O      . HOH E 3 .  ? 2.394   11.835  -3.304  1.00 38.55 ? 110 HOH A O      1 
HETATM 1129 O  O      . HOH F 3 .  ? -0.374  3.516   5.950   1.00 24.87 ? 25  HOH B O      1 
HETATM 1130 O  O      . HOH F 3 .  ? -1.103  0.749   -8.287  1.00 18.69 ? 26  HOH B O      1 
HETATM 1131 O  O      . HOH F 3 .  ? 5.914   -17.130 -6.844  1.00 25.54 ? 27  HOH B O      1 
HETATM 1132 O  O      . HOH F 3 .  ? -0.562  9.453   4.537   1.00 33.62 ? 28  HOH B O      1 
HETATM 1133 O  O      . HOH F 3 .  ? 1.718   0.211   -0.042  1.00 25.13 ? 29  HOH B O      1 
HETATM 1134 O  O      . HOH F 3 .  ? -7.263  -2.677  -11.589 1.00 35.84 ? 30  HOH B O      1 
HETATM 1135 O  O      . HOH F 3 .  ? -4.707  0.491   -2.483  1.00 31.82 ? 31  HOH B O      1 
HETATM 1136 O  O      . HOH F 3 .  ? -2.708  0.480   6.854   1.00 27.49 ? 32  HOH B O      1 
HETATM 1137 O  O      . HOH F 3 .  ? 10.358  -12.192 -5.815  1.00 35.70 ? 33  HOH B O      1 
HETATM 1138 O  O      . HOH F 3 .  ? -9.876  15.149  1.569   1.00 32.17 ? 34  HOH B O      1 
HETATM 1139 O  O      . HOH F 3 .  ? 7.139   1.581   9.272   1.00 30.55 ? 35  HOH B O      1 
HETATM 1140 O  O      . HOH F 3 .  ? -5.252  -4.933  -5.786  1.00 30.22 ? 36  HOH B O      1 
HETATM 1141 O  O      . HOH F 3 .  ? 5.454   -2.984  -4.336  1.00 34.57 ? 37  HOH B O      1 
HETATM 1142 O  O      . HOH F 3 .  ? 5.302   -5.116  -9.506  1.00 39.93 ? 38  HOH B O      1 
HETATM 1143 O  O      . HOH F 3 .  ? -4.580  -2.240  -0.383  1.00 29.81 ? 39  HOH B O      1 
HETATM 1144 O  O      . HOH F 3 .  ? -8.303  1.558   2.163   1.00 38.26 ? 41  HOH B O      1 
HETATM 1145 O  O      . HOH F 3 .  ? 13.091  -24.021 -6.408  1.00 37.29 ? 42  HOH B O      1 
HETATM 1146 O  O      . HOH F 3 .  ? -7.193  21.103  10.246  1.00 48.77 ? 43  HOH B O      1 
HETATM 1147 O  O      . HOH F 3 .  ? 1.313   -9.695  -15.474 1.00 45.28 ? 44  HOH B O      1 
HETATM 1148 O  O      . HOH F 3 .  ? -1.046  2.877   8.680   1.00 31.30 ? 45  HOH B O      1 
HETATM 1149 O  O      . HOH F 3 .  ? -7.088  1.767   -2.709  1.00 29.99 ? 46  HOH B O      1 
HETATM 1150 O  O      . HOH F 3 .  ? -1.120  2.787   12.893  1.00 41.45 ? 47  HOH B O      1 
HETATM 1151 O  O      . HOH F 3 .  ? -8.065  -0.736  -15.708 1.00 37.72 ? 48  HOH B O      1 
HETATM 1152 O  O      . HOH F 3 .  ? -1.480  15.758  4.411   1.00 30.42 ? 49  HOH B O      1 
HETATM 1153 O  O      . HOH F 3 .  ? -8.065  0.340   -0.435  1.00 30.33 ? 50  HOH B O      1 
HETATM 1154 O  O      . HOH F 3 .  ? 5.345   -4.762  -1.024  1.00 39.80 ? 51  HOH B O      1 
HETATM 1155 O  O      . HOH F 3 .  ? -3.562  17.920  5.882   1.00 30.99 ? 52  HOH B O      1 
HETATM 1156 O  O      . HOH F 3 .  ? -10.428 2.965   2.731   1.00 24.58 ? 53  HOH B O      1 
HETATM 1157 O  O      . HOH F 3 .  ? -5.113  1.612   0.135   1.00 28.83 ? 54  HOH B O      1 
HETATM 1158 O  O      . HOH F 3 .  ? 3.504   -1.885  -6.460  1.00 34.49 ? 55  HOH B O      1 
HETATM 1159 O  O      . HOH F 3 .  ? -0.595  0.225   2.323   1.00 30.85 ? 56  HOH B O      1 
HETATM 1160 O  O      . HOH F 3 .  ? -2.466  -0.541  0.059   1.00 28.36 ? 57  HOH B O      1 
HETATM 1161 O  O      . HOH F 3 .  ? 9.405   -15.456 -3.193  1.00 34.75 ? 58  HOH B O      1 
HETATM 1162 O  O      . HOH F 3 .  ? 7.973   -15.603 -5.514  1.00 32.63 ? 59  HOH B O      1 
HETATM 1163 O  O      . HOH F 3 .  ? -0.361  -1.900  -7.144  1.00 27.99 ? 60  HOH B O      1 
HETATM 1164 O  O      . HOH F 3 .  ? 1.091   -0.970  -4.994  1.00 32.69 ? 61  HOH B O      1 
HETATM 1165 O  O      . HOH F 3 .  ? 2.315   -3.230  -10.255 1.00 34.49 ? 62  HOH B O      1 
HETATM 1166 O  O      . HOH F 3 .  ? 3.996   -1.716  -2.186  1.00 35.69 ? 63  HOH B O      1 
HETATM 1167 O  O      . HOH F 3 .  ? 7.142   -18.425 -2.545  1.00 32.24 ? 64  HOH B O      1 
HETATM 1168 O  O      . HOH F 3 .  ? 5.678   -11.018 -5.536  1.00 38.69 ? 65  HOH B O      1 
HETATM 1169 O  O      . HOH F 3 .  ? -2.321  0.331   -14.457 1.00 46.35 ? 66  HOH B O      1 
HETATM 1170 O  O      . HOH F 3 .  ? -13.163 20.301  2.958   1.00 41.33 ? 67  HOH B O      1 
HETATM 1171 O  O      . HOH F 3 .  ? -2.237  13.115  7.580   1.00 39.19 ? 68  HOH B O      1 
HETATM 1172 O  O      . HOH F 3 .  ? -0.515  12.949  5.341   1.00 32.61 ? 69  HOH B O      1 
HETATM 1173 O  O      . HOH F 3 .  ? -2.467  -7.287  8.265   1.00 43.44 ? 70  HOH B O      1 
HETATM 1174 O  O      . HOH F 3 .  ? 7.360   -12.898 -6.005  1.00 38.63 ? 71  HOH B O      1 
HETATM 1175 O  O      . HOH F 3 .  ? 1.787   14.588  4.401   1.00 35.71 ? 72  HOH B O      1 
HETATM 1176 O  O      . HOH F 3 .  ? -3.141  12.273  -3.754  1.00 38.86 ? 73  HOH B O      1 
HETATM 1177 O  O      . HOH F 3 .  ? 3.288   -3.701  9.190   1.00 40.15 ? 74  HOH B O      1 
HETATM 1178 O  O      . HOH F 3 .  ? -3.435  -1.426  3.932   1.00 32.98 ? 75  HOH B O      1 
HETATM 1179 O  O      . HOH F 3 .  ? 13.427  -19.432 -10.641 1.00 37.50 ? 76  HOH B O      1 
HETATM 1180 O  O      . HOH F 3 .  ? -4.901  16.024  -4.273  1.00 48.89 ? 77  HOH B O      1 
HETATM 1181 O  O      . HOH F 3 .  ? 0.345   -0.394  -10.383 1.00 39.16 ? 78  HOH B O      1 
HETATM 1182 O  O      . HOH F 3 .  ? 13.137  -24.113 -1.318  1.00 49.61 ? 79  HOH B O      1 
HETATM 1183 O  O      . HOH F 3 .  ? 8.100   6.132   4.627   1.00 49.32 ? 80  HOH B O      1 
HETATM 1184 O  O      . HOH F 3 .  ? -0.439  -3.048  -16.683 1.00 44.66 ? 81  HOH B O      1 
HETATM 1185 O  O      . HOH F 3 .  ? 7.717   -13.747 -1.852  1.00 50.47 ? 82  HOH B O      1 
HETATM 1186 O  O      . HOH F 3 .  ? -0.190  -3.602  12.821  1.00 41.01 ? 83  HOH B O      1 
HETATM 1187 O  O      . HOH F 3 .  ? -6.913  -4.477  -9.635  1.00 48.63 ? 84  HOH B O      1 
HETATM 1188 O  O      . HOH F 3 .  ? 3.391   -10.058 -5.027  1.00 42.51 ? 85  HOH B O      1 
HETATM 1189 O  O      . HOH F 3 .  ? -5.315  25.325  12.789  1.00 40.85 ? 86  HOH B O      1 
HETATM 1190 O  O      . HOH F 3 .  ? 0.430   8.590   7.085   1.00 42.06 ? 87  HOH B O      1 
HETATM 1191 O  O      . HOH F 3 .  ? -4.464  2.040   10.427  1.00 52.72 ? 88  HOH B O      1 
HETATM 1192 O  O      . HOH F 3 .  ? -11.036 -5.020  1.795   1.00 41.34 ? 89  HOH B O      1 
HETATM 1193 O  O      . HOH F 3 .  ? -1.326  17.005  6.538   1.00 37.43 ? 90  HOH B O      1 
HETATM 1194 O  O      . HOH F 3 .  ? 7.101   9.774   0.330   1.00 46.94 ? 91  HOH B O      1 
HETATM 1195 O  O      . HOH F 3 .  ? -2.909  15.685  7.698   1.00 38.76 ? 92  HOH B O      1 
HETATM 1196 O  O      . HOH F 3 .  ? 8.534   -6.125  -3.961  1.00 42.81 ? 93  HOH B O      1 
HETATM 1197 O  O      . HOH F 3 .  ? -7.733  23.636  13.354  1.00 46.90 ? 94  HOH B O      1 
HETATM 1198 O  O      . HOH F 3 .  ? -6.656  -9.183  -8.587  1.00 46.79 ? 95  HOH B O      1 
HETATM 1199 O  O      . HOH F 3 .  ? -5.888  -9.148  -5.864  1.00 47.87 ? 96  HOH B O      1 
HETATM 1200 O  O      . HOH F 3 .  ? 1.360   8.826   10.854  1.00 46.09 ? 97  HOH B O      1 
HETATM 1201 O  O      . HOH F 3 .  ? -5.311  -9.218  3.873   1.00 43.67 ? 98  HOH B O      1 
HETATM 1202 O  O      . HOH F 3 .  ? -7.091  -8.490  -3.238  1.00 47.25 ? 99  HOH B O      1 
HETATM 1203 O  O      . HOH F 3 .  ? 2.308   -23.360 -8.166  1.00 51.43 ? 100 HOH B O      1 
HETATM 1204 O  O      . HOH F 3 .  ? 0.140   17.312  3.086   1.00 38.21 ? 101 HOH B O      1 
HETATM 1205 O  O      . HOH F 3 .  ? 2.944   21.666  17.882  1.00 49.03 ? 102 HOH B O      1 
HETATM 1206 O  O      . HOH F 3 .  ? 7.365   -11.095 -16.304 1.00 52.32 ? 103 HOH B O      1 
# 
